data_3S4T
#
_entry.id   3S4T
#
_cell.length_a   81.024
_cell.length_b   151.241
_cell.length_c   143.410
_cell.angle_alpha   90.000
_cell.angle_beta   91.960
_cell.angle_gamma   90.000
#
_symmetry.space_group_name_H-M   'P 1 21 1'
#
loop_
_entity.id
_entity.type
_entity.pdbx_description
1 polymer 'Amidohydrolase 2'
2 non-polymer '4-(2-HYDROXYETHYL)-1-PIPERAZINE ETHANESULFONIC ACID'
3 non-polymer 'SULFATE ION'
4 non-polymer 'ACETATE ION'
5 non-polymer 'CHLORIDE ION'
6 non-polymer GLYCEROL
7 water water
#
_entity_poly.entity_id   1
_entity_poly.type   'polypeptide(L)'
_entity_poly.pdbx_seq_one_letter_code
;(MSE)NGKIALEEHFATEETL(MSE)DSAGFVPDKDWPELRSRLLDIQDRRVRL(MSE)DEHGIET(MSE)ILSLNAPAV
QAIADSTRANETARRANDFLAEQVAKQPTRFRGFAALP(MSE)QDPELAARELERCVKELGFVGALVNGFSQDNRSAVPL
YYD(MSE)AQYWPFWETVQALDVPFYLHPRNPLPSDARIYDGHAWLLGPTWAFGQETAVHALRL(MSE)GSGLFDKYPAL
KIILGH(MSE)GEGLPYS(MSE)WRIDHRNAWIKTTPKYPAKRKIVDYFNENFYLTTSGNFRTQTLIDAILEIGADRILF
STDWPFENIDHAADWFENTSISEADRKKIGWGNAQNLFKLNRAENLYFQSHHHHHHWSHPQFEK
;
_entity_poly.pdbx_strand_id   A,B,C,D,E,F,G,H
#
# COMPACT_ATOMS: atom_id res chain seq x y z
N ASN A 2 -8.33 37.71 37.77
CA ASN A 2 -8.00 38.30 39.06
C ASN A 2 -9.16 38.07 40.03
N GLY A 3 -8.88 38.29 41.30
CA GLY A 3 -9.89 38.17 42.28
C GLY A 3 -10.09 36.78 42.85
N LYS A 4 -9.23 35.79 42.56
CA LYS A 4 -9.49 34.43 43.09
C LYS A 4 -9.35 34.33 44.60
N ILE A 5 -10.12 33.42 45.19
CA ILE A 5 -9.96 33.10 46.61
C ILE A 5 -9.37 31.70 46.71
N ALA A 6 -8.32 31.55 47.49
CA ALA A 6 -7.70 30.23 47.69
C ALA A 6 -7.69 29.90 49.19
N LEU A 7 -8.01 28.66 49.54
CA LEU A 7 -8.26 28.33 50.95
C LEU A 7 -7.61 27.04 51.44
N GLU A 8 -6.63 26.54 50.70
CA GLU A 8 -5.77 25.51 51.28
C GLU A 8 -4.33 25.95 51.10
N GLU A 9 -3.93 26.93 51.93
CA GLU A 9 -2.73 27.71 51.75
C GLU A 9 -2.04 27.78 53.12
N HIS A 10 -0.86 27.18 53.19
CA HIS A 10 -0.29 26.82 54.47
C HIS A 10 0.91 27.66 54.88
N PHE A 11 1.14 27.69 56.19
CA PHE A 11 2.33 28.31 56.77
C PHE A 11 2.78 27.43 57.92
N ALA A 12 3.98 27.66 58.44
CA ALA A 12 4.39 27.01 59.67
C ALA A 12 4.88 28.09 60.62
N THR A 13 4.84 27.79 61.90
CA THR A 13 5.60 28.58 62.87
C THR A 13 6.92 27.85 63.07
N GLU A 14 7.89 28.50 63.71
CA GLU A 14 9.14 27.79 64.01
C GLU A 14 8.83 26.52 64.83
N GLU A 15 7.82 26.61 65.69
CA GLU A 15 7.36 25.49 66.49
C GLU A 15 6.93 24.26 65.70
N THR A 16 6.21 24.46 64.59
CA THR A 16 5.67 23.34 63.84
C THR A 16 6.43 23.10 62.53
N LEU A 17 7.42 23.93 62.24
CA LEU A 17 8.13 23.86 60.96
C LEU A 17 8.63 22.46 60.62
N ASP A 19 7.57 19.61 61.17
CA ASP A 19 6.56 18.67 60.69
C ASP A 19 6.56 18.49 59.16
N SER A 20 7.03 19.51 58.45
CA SER A 20 6.99 19.49 57.00
C SER A 20 8.29 18.96 56.40
N ALA A 21 9.30 18.77 57.25
CA ALA A 21 10.61 18.28 56.79
C ALA A 21 10.49 16.83 56.36
N GLY A 22 11.25 16.47 55.33
CA GLY A 22 11.15 15.11 54.79
C GLY A 22 9.92 14.87 53.95
N PHE A 23 9.14 15.91 53.69
CA PHE A 23 8.08 15.86 52.67
C PHE A 23 8.65 16.03 51.26
N VAL A 24 9.80 16.68 51.15
CA VAL A 24 10.45 16.95 49.87
C VAL A 24 11.90 16.51 50.01
N PRO A 25 12.62 16.33 48.89
CA PRO A 25 14.06 16.02 48.95
C PRO A 25 14.83 17.06 49.76
N ASP A 26 15.91 16.65 50.42
CA ASP A 26 16.76 17.58 51.20
C ASP A 26 17.15 18.85 50.45
N LYS A 27 17.49 18.72 49.17
CA LYS A 27 17.94 19.85 48.35
C LYS A 27 16.85 20.93 48.19
N ASP A 28 15.59 20.52 48.38
CA ASP A 28 14.43 21.38 48.21
C ASP A 28 13.91 21.93 49.53
N TRP A 29 14.43 21.43 50.64
CA TRP A 29 14.00 21.91 51.94
C TRP A 29 14.24 23.44 52.14
N PRO A 30 15.42 23.97 51.74
CA PRO A 30 15.55 25.42 51.97
C PRO A 30 14.44 26.23 51.32
N GLU A 31 14.08 25.89 50.08
CA GLU A 31 12.95 26.53 49.42
C GLU A 31 11.63 26.28 50.18
N LEU A 32 11.31 25.03 50.51
CA LEU A 32 10.02 24.78 51.20
C LEU A 32 9.93 25.46 52.54
N ARG A 33 11.01 25.39 53.31
N ARG A 33 11.03 25.43 53.30
CA ARG A 33 11.12 26.07 54.59
CA ARG A 33 11.12 26.09 54.60
C ARG A 33 10.83 27.57 54.42
C ARG A 33 10.91 27.60 54.49
N SER A 34 11.48 28.22 53.46
CA SER A 34 11.30 29.67 53.24
C SER A 34 9.86 30.02 52.86
N ARG A 35 9.21 29.15 52.07
CA ARG A 35 7.83 29.38 51.67
C ARG A 35 6.92 29.27 52.87
N LEU A 36 7.12 28.24 53.68
CA LEU A 36 6.30 28.01 54.87
C LEU A 36 6.36 29.12 55.90
N LEU A 37 7.55 29.72 56.05
CA LEU A 37 7.76 30.76 57.05
C LEU A 37 7.34 32.15 56.54
N ASP A 38 7.20 32.31 55.23
CA ASP A 38 6.87 33.61 54.66
C ASP A 38 5.36 33.77 54.48
N ILE A 39 4.81 34.81 55.10
CA ILE A 39 3.39 35.11 54.92
C ILE A 39 3.19 36.48 54.24
N GLN A 40 4.00 37.46 54.67
CA GLN A 40 3.79 38.88 54.32
C GLN A 40 4.36 39.35 53.00
N ASP A 41 5.40 38.68 52.49
CA ASP A 41 6.21 39.30 51.41
C ASP A 41 6.11 38.62 50.02
N ARG A 42 6.93 37.61 49.78
CA ARG A 42 6.89 36.90 48.48
C ARG A 42 5.54 36.24 48.23
N ARG A 43 4.97 35.65 49.28
CA ARG A 43 3.63 35.05 49.18
C ARG A 43 2.63 36.05 48.55
N VAL A 44 2.59 37.27 49.05
CA VAL A 44 1.67 38.27 48.51
C VAL A 44 2.05 38.67 47.08
N ARG A 45 3.35 38.79 46.78
CA ARG A 45 3.78 39.10 45.43
C ARG A 45 3.32 38.03 44.42
N LEU A 46 3.42 36.77 44.79
CA LEU A 46 2.96 35.68 43.92
C LEU A 46 1.44 35.71 43.79
N ASP A 48 -0.37 38.49 43.87
CA ASP A 48 -0.50 39.59 42.90
C ASP A 48 -0.21 39.14 41.47
N GLU A 49 0.84 38.35 41.29
CA GLU A 49 1.21 37.93 39.94
C GLU A 49 0.32 36.85 39.33
N HIS A 50 -0.47 36.15 40.15
CA HIS A 50 -1.28 35.04 39.62
C HIS A 50 -2.73 35.14 40.01
N GLY A 51 -3.19 36.38 40.22
CA GLY A 51 -4.63 36.66 40.25
C GLY A 51 -5.37 36.10 41.45
N ILE A 52 -4.73 36.09 42.62
CA ILE A 52 -5.39 35.66 43.86
C ILE A 52 -5.55 36.86 44.76
N GLU A 53 -6.79 37.18 45.10
CA GLU A 53 -7.05 38.32 45.96
C GLU A 53 -6.89 37.97 47.44
N THR A 54 -7.33 36.76 47.83
CA THR A 54 -7.40 36.37 49.22
C THR A 54 -6.88 34.96 49.38
N ILE A 56 -7.00 32.13 52.40
CA ILE A 56 -7.42 31.77 53.74
C ILE A 56 -6.33 30.83 54.25
N LEU A 57 -5.59 31.27 55.26
CA LEU A 57 -4.39 30.56 55.73
C LEU A 57 -4.67 29.48 56.77
N SER A 58 -3.85 28.44 56.75
CA SER A 58 -3.89 27.40 57.79
C SER A 58 -2.52 26.84 58.09
N LEU A 59 -2.35 26.41 59.32
CA LEU A 59 -1.11 25.77 59.78
C LEU A 59 -0.79 24.50 58.98
N ASN A 60 0.48 24.07 59.05
CA ASN A 60 0.94 22.89 58.33
C ASN A 60 0.50 21.62 59.05
N ALA A 61 1.14 20.49 58.71
CA ALA A 61 0.61 19.16 59.06
C ALA A 61 1.72 18.19 59.43
N PRO A 62 1.45 17.26 60.37
CA PRO A 62 0.16 17.09 61.05
C PRO A 62 -0.05 18.11 62.18
N ALA A 63 1.03 18.77 62.61
CA ALA A 63 0.94 19.84 63.62
C ALA A 63 0.15 19.44 64.89
N VAL A 64 -0.97 20.11 65.19
CA VAL A 64 -1.69 19.87 66.47
C VAL A 64 -2.19 18.42 66.60
N GLN A 65 -2.50 17.78 65.47
CA GLN A 65 -3.05 16.43 65.45
C GLN A 65 -2.07 15.33 65.92
N ALA A 66 -0.78 15.68 65.96
CA ALA A 66 0.26 14.76 66.38
C ALA A 66 0.76 15.06 67.79
N ILE A 67 0.16 16.03 68.47
CA ILE A 67 0.61 16.37 69.82
C ILE A 67 -0.27 15.59 70.80
N ALA A 68 0.30 14.53 71.38
CA ALA A 68 -0.56 13.50 72.00
C ALA A 68 -0.95 13.89 73.43
N ASP A 69 -0.20 14.79 74.04
CA ASP A 69 -0.61 15.35 75.33
C ASP A 69 -1.57 16.48 75.05
N SER A 70 -2.86 16.28 75.36
CA SER A 70 -3.91 17.24 74.97
C SER A 70 -3.71 18.65 75.54
N THR A 71 -3.09 18.74 76.73
CA THR A 71 -2.79 20.02 77.34
C THR A 71 -1.78 20.78 76.47
N ARG A 72 -0.74 20.06 76.01
CA ARG A 72 0.27 20.65 75.13
C ARG A 72 -0.31 20.99 73.75
N ALA A 73 -1.16 20.12 73.21
CA ALA A 73 -1.86 20.36 71.95
C ALA A 73 -2.66 21.66 72.00
N ASN A 74 -3.41 21.88 73.07
CA ASN A 74 -4.17 23.09 73.24
C ASN A 74 -3.24 24.31 73.30
N GLU A 75 -2.09 24.15 73.95
CA GLU A 75 -1.14 25.25 74.12
C GLU A 75 -0.57 25.66 72.78
N THR A 76 -0.22 24.66 71.95
CA THR A 76 0.31 24.89 70.60
C THR A 76 -0.75 25.50 69.69
N ALA A 77 -1.98 24.99 69.76
CA ALA A 77 -3.06 25.52 68.93
C ALA A 77 -3.28 27.02 69.25
N ARG A 78 -3.37 27.36 70.53
CA ARG A 78 -3.53 28.76 70.94
C ARG A 78 -2.44 29.69 70.40
N ARG A 79 -1.18 29.27 70.52
CA ARG A 79 -0.03 30.05 70.04
C ARG A 79 -0.04 30.20 68.53
N ALA A 80 -0.34 29.10 67.83
CA ALA A 80 -0.42 29.12 66.36
C ALA A 80 -1.55 30.02 65.89
N ASN A 81 -2.69 29.96 66.56
CA ASN A 81 -3.83 30.78 66.19
C ASN A 81 -3.61 32.26 66.49
N ASP A 82 -3.00 32.59 67.63
CA ASP A 82 -2.68 34.00 67.92
C ASP A 82 -1.68 34.57 66.90
N PHE A 83 -0.67 33.77 66.55
CA PHE A 83 0.32 34.16 65.53
C PHE A 83 -0.43 34.43 64.21
N LEU A 84 -1.30 33.50 63.82
CA LEU A 84 -2.01 33.68 62.55
C LEU A 84 -2.85 34.96 62.58
N ALA A 85 -3.57 35.19 63.69
CA ALA A 85 -4.37 36.41 63.82
C ALA A 85 -3.53 37.68 63.67
N GLU A 86 -2.36 37.68 64.31
CA GLU A 86 -1.45 38.82 64.22
C GLU A 86 -1.01 39.00 62.77
N GLN A 87 -0.71 37.89 62.09
CA GLN A 87 -0.26 37.93 60.69
C GLN A 87 -1.33 38.42 59.72
N VAL A 88 -2.56 37.92 59.89
CA VAL A 88 -3.68 38.33 59.08
C VAL A 88 -3.92 39.85 59.21
N ALA A 89 -3.86 40.34 60.46
CA ALA A 89 -4.11 41.76 60.75
C ALA A 89 -3.13 42.71 60.06
N LYS A 90 -1.95 42.21 59.70
CA LYS A 90 -0.98 43.02 58.96
C LYS A 90 -1.46 43.35 57.54
N GLN A 91 -2.19 42.42 56.92
CA GLN A 91 -2.70 42.60 55.56
C GLN A 91 -4.12 42.06 55.48
N PRO A 92 -5.07 42.71 56.19
CA PRO A 92 -6.40 42.10 56.39
C PRO A 92 -7.27 41.99 55.14
N THR A 93 -6.94 42.69 54.06
CA THR A 93 -7.67 42.54 52.80
C THR A 93 -7.21 41.35 51.97
N ARG A 94 -6.04 40.78 52.31
CA ARG A 94 -5.47 39.72 51.49
C ARG A 94 -5.55 38.36 52.17
N PHE A 95 -5.80 38.35 53.49
CA PHE A 95 -5.76 37.10 54.27
C PHE A 95 -6.97 36.93 55.17
N ARG A 96 -7.36 35.67 55.37
CA ARG A 96 -8.24 35.29 56.47
C ARG A 96 -7.60 34.05 57.09
N GLY A 97 -8.06 33.65 58.26
CA GLY A 97 -7.46 32.49 58.95
C GLY A 97 -8.45 31.36 59.18
N PHE A 98 -7.94 30.13 59.10
CA PHE A 98 -8.61 28.94 59.64
C PHE A 98 -7.96 28.58 60.98
N ALA A 99 -8.78 28.14 61.94
CA ALA A 99 -8.28 27.69 63.25
C ALA A 99 -7.54 26.36 63.16
N ALA A 100 -6.42 26.25 63.88
CA ALA A 100 -5.85 24.97 64.28
C ALA A 100 -6.54 24.58 65.59
N LEU A 101 -6.88 23.31 65.76
CA LEU A 101 -7.68 22.91 66.92
C LEU A 101 -7.13 21.68 67.64
N PRO A 102 -7.19 21.69 68.98
CA PRO A 102 -6.76 20.51 69.73
C PRO A 102 -7.85 19.44 69.81
N GLN A 104 -7.78 16.43 70.20
CA GLN A 104 -7.55 15.47 71.28
C GLN A 104 -8.66 15.56 72.34
N ASP A 105 -9.13 16.78 72.57
CA ASP A 105 -10.12 17.04 73.59
C ASP A 105 -11.31 17.78 72.98
N PRO A 106 -12.45 17.08 72.83
CA PRO A 106 -13.64 17.73 72.23
C PRO A 106 -13.98 19.12 72.82
N GLU A 107 -13.96 19.20 74.16
CA GLU A 107 -14.23 20.43 74.90
C GLU A 107 -13.21 21.54 74.58
N LEU A 108 -11.93 21.21 74.66
CA LEU A 108 -10.88 22.19 74.37
C LEU A 108 -10.95 22.70 72.92
N ALA A 109 -11.21 21.76 72.01
CA ALA A 109 -11.36 22.06 70.58
C ALA A 109 -12.53 23.00 70.33
N ALA A 110 -13.68 22.73 70.96
CA ALA A 110 -14.86 23.60 70.85
C ALA A 110 -14.60 25.02 71.40
N ARG A 111 -13.98 25.10 72.58
CA ARG A 111 -13.65 26.41 73.17
C ARG A 111 -12.65 27.21 72.29
N GLU A 112 -11.62 26.53 71.78
CA GLU A 112 -10.66 27.20 70.91
C GLU A 112 -11.31 27.69 69.59
N LEU A 113 -12.19 26.88 69.02
CA LEU A 113 -12.92 27.30 67.80
C LEU A 113 -13.78 28.55 68.09
N GLU A 114 -14.54 28.56 69.19
CA GLU A 114 -15.26 29.75 69.64
C GLU A 114 -14.36 30.97 69.71
N ARG A 115 -13.28 30.87 70.49
CA ARG A 115 -12.30 31.94 70.60
C ARG A 115 -11.85 32.43 69.21
N CYS A 116 -11.44 31.50 68.35
CA CYS A 116 -10.97 31.82 67.00
C CYS A 116 -11.99 32.55 66.15
N VAL A 117 -13.22 32.04 66.12
CA VAL A 117 -14.30 32.69 65.37
C VAL A 117 -14.69 34.03 65.98
N LYS A 118 -14.97 34.05 67.28
CA LYS A 118 -15.55 35.26 67.91
C LYS A 118 -14.55 36.38 68.19
N GLU A 119 -13.35 36.01 68.59
CA GLU A 119 -12.36 37.00 69.02
C GLU A 119 -11.31 37.27 67.95
N LEU A 120 -10.95 36.24 67.19
CA LEU A 120 -9.88 36.38 66.18
C LEU A 120 -10.39 36.60 64.76
N GLY A 121 -11.69 36.37 64.55
CA GLY A 121 -12.33 36.56 63.23
C GLY A 121 -11.98 35.51 62.19
N PHE A 122 -11.60 34.32 62.65
CA PHE A 122 -11.31 33.20 61.73
C PHE A 122 -12.61 32.71 61.12
N VAL A 123 -12.51 32.07 59.95
CA VAL A 123 -13.69 31.81 59.14
C VAL A 123 -13.93 30.29 58.97
N GLY A 124 -13.25 29.52 59.78
CA GLY A 124 -13.44 28.07 59.79
C GLY A 124 -12.29 27.41 60.51
N ALA A 125 -12.20 26.10 60.39
CA ALA A 125 -11.11 25.35 60.98
C ALA A 125 -10.53 24.37 59.97
N LEU A 126 -9.26 24.02 60.17
CA LEU A 126 -8.60 23.05 59.35
C LEU A 126 -7.88 22.09 60.27
N VAL A 127 -8.18 20.82 60.09
CA VAL A 127 -7.63 19.76 60.92
C VAL A 127 -7.06 18.68 60.03
N ASN A 128 -5.89 18.17 60.43
CA ASN A 128 -5.18 17.18 59.65
C ASN A 128 -5.52 15.74 60.01
N GLY A 129 -6.71 15.31 59.62
CA GLY A 129 -7.10 13.92 59.87
C GLY A 129 -7.25 13.61 61.35
N PHE A 130 -7.14 12.32 61.67
CA PHE A 130 -7.26 11.80 63.03
C PHE A 130 -6.27 12.40 64.01
N SER A 131 -6.63 12.35 65.29
CA SER A 131 -5.73 12.84 66.34
C SER A 131 -5.08 11.68 67.10
N GLN A 132 -3.84 11.91 67.54
CA GLN A 132 -3.20 11.03 68.54
C GLN A 132 -3.39 11.69 69.92
N ASP A 133 -3.86 10.93 70.91
CA ASP A 133 -4.02 11.45 72.28
C ASP A 133 -3.51 10.35 73.22
N ASN A 134 -2.71 10.72 74.22
CA ASN A 134 -2.07 9.71 75.09
C ASN A 134 -3.10 8.81 75.80
N ARG A 135 -4.29 9.34 76.06
CA ARG A 135 -5.29 8.63 76.85
C ARG A 135 -5.96 7.52 76.05
N SER A 136 -5.85 7.58 74.73
CA SER A 136 -6.54 6.63 73.86
C SER A 136 -5.56 5.67 73.20
N ALA A 137 -5.86 4.38 73.31
CA ALA A 137 -5.07 3.30 72.68
C ALA A 137 -5.22 3.32 71.14
N VAL A 138 -6.23 4.02 70.66
CA VAL A 138 -6.53 4.10 69.25
C VAL A 138 -6.52 5.54 68.73
N PRO A 139 -6.27 5.71 67.41
CA PRO A 139 -6.37 7.01 66.79
C PRO A 139 -7.80 7.51 66.90
N LEU A 140 -7.95 8.82 67.06
CA LEU A 140 -9.23 9.47 67.31
C LEU A 140 -9.78 10.01 66.00
N TYR A 141 -10.96 9.51 65.60
CA TYR A 141 -11.66 9.92 64.37
C TYR A 141 -12.93 10.66 64.79
N TYR A 142 -13.37 11.61 63.97
CA TYR A 142 -14.35 12.60 64.44
C TYR A 142 -15.83 12.20 64.27
N ASP A 143 -16.06 10.96 63.83
CA ASP A 143 -17.40 10.40 63.85
C ASP A 143 -17.77 9.88 65.23
N ALA A 145 -18.65 9.27 69.15
CA ALA A 145 -19.68 9.97 69.94
C ALA A 145 -19.19 11.18 70.68
N GLN A 146 -18.01 11.10 71.26
N GLN A 146 -17.99 11.10 71.24
CA GLN A 146 -17.49 12.19 72.08
CA GLN A 146 -17.42 12.19 72.05
C GLN A 146 -17.37 13.52 71.29
C GLN A 146 -17.32 13.51 71.29
N TYR A 147 -17.31 13.43 69.95
CA TYR A 147 -17.18 14.65 69.10
C TYR A 147 -18.48 15.34 68.78
N TRP A 148 -19.61 14.70 69.09
CA TRP A 148 -20.90 15.29 68.71
C TRP A 148 -21.14 16.66 69.38
N PRO A 149 -20.78 16.83 70.67
CA PRO A 149 -20.93 18.21 71.17
C PRO A 149 -20.02 19.23 70.48
N PHE A 150 -18.85 18.79 69.99
CA PHE A 150 -17.96 19.69 69.27
C PHE A 150 -18.65 20.11 67.97
N TRP A 151 -19.26 19.15 67.28
CA TRP A 151 -19.93 19.45 66.02
C TRP A 151 -21.14 20.33 66.20
N GLU A 152 -21.79 20.24 67.37
CA GLU A 152 -22.92 21.11 67.67
C GLU A 152 -22.41 22.53 67.64
N THR A 153 -21.21 22.73 68.19
CA THR A 153 -20.58 24.04 68.26
C THR A 153 -20.20 24.53 66.86
N VAL A 154 -19.62 23.66 66.04
CA VAL A 154 -19.33 24.01 64.64
C VAL A 154 -20.58 24.54 63.94
N GLN A 155 -21.67 23.78 64.03
CA GLN A 155 -22.91 24.18 63.39
C GLN A 155 -23.47 25.48 63.98
N ALA A 156 -23.36 25.66 65.30
CA ALA A 156 -23.88 26.87 65.95
C ALA A 156 -23.13 28.09 65.45
N LEU A 157 -21.80 27.97 65.35
CA LEU A 157 -20.93 29.01 64.80
C LEU A 157 -21.12 29.19 63.30
N ASP A 158 -21.61 28.13 62.64
CA ASP A 158 -21.86 28.13 61.20
C ASP A 158 -20.59 28.51 60.43
N VAL A 159 -19.49 27.85 60.76
CA VAL A 159 -18.25 27.92 59.97
C VAL A 159 -17.90 26.53 59.46
N PRO A 160 -17.26 26.44 58.26
CA PRO A 160 -16.82 25.14 57.71
C PRO A 160 -15.61 24.53 58.41
N PHE A 161 -15.48 23.21 58.26
CA PHE A 161 -14.41 22.41 58.86
C PHE A 161 -13.74 21.75 57.68
N TYR A 162 -12.47 22.10 57.46
CA TYR A 162 -11.68 21.57 56.36
C TYR A 162 -10.94 20.34 56.88
N LEU A 163 -11.31 19.17 56.38
CA LEU A 163 -10.65 17.94 56.78
C LEU A 163 -9.49 17.64 55.82
N HIS A 164 -8.27 17.87 56.29
CA HIS A 164 -7.03 17.78 55.50
C HIS A 164 -6.40 16.40 55.76
N PRO A 165 -5.52 15.93 54.86
CA PRO A 165 -4.85 14.64 55.09
C PRO A 165 -3.81 14.57 56.19
N ARG A 166 -3.55 13.35 56.64
CA ARG A 166 -2.27 12.99 57.26
C ARG A 166 -2.09 11.53 56.84
N ASN A 167 -0.90 10.98 57.05
CA ASN A 167 -0.65 9.58 56.74
C ASN A 167 -1.29 8.64 57.77
N PRO A 168 -1.64 7.40 57.37
CA PRO A 168 -2.04 6.48 58.42
C PRO A 168 -0.86 6.22 59.37
N LEU A 169 -1.14 5.82 60.60
CA LEU A 169 -0.08 5.31 61.49
C LEU A 169 0.59 4.10 60.85
N PRO A 170 1.90 3.88 61.12
CA PRO A 170 2.59 2.75 60.49
C PRO A 170 1.90 1.39 60.66
N SER A 171 1.36 1.10 61.85
CA SER A 171 0.66 -0.17 62.07
C SER A 171 -0.62 -0.29 61.25
N ASP A 172 -1.10 0.85 60.73
CA ASP A 172 -2.25 0.85 59.83
C ASP A 172 -1.82 1.04 58.40
N ALA A 173 -0.55 0.76 58.11
CA ALA A 173 0.03 1.16 56.85
C ALA A 173 0.87 0.05 56.24
N ARG A 174 0.61 -1.18 56.66
CA ARG A 174 1.44 -2.31 56.23
C ARG A 174 1.33 -2.57 54.72
N ILE A 175 0.20 -2.18 54.12
CA ILE A 175 0.04 -2.33 52.66
C ILE A 175 1.10 -1.51 51.91
N TYR A 176 1.60 -0.45 52.54
CA TYR A 176 2.61 0.40 51.92
C TYR A 176 4.06 0.08 52.34
N ASP A 177 4.24 -0.90 53.23
CA ASP A 177 5.59 -1.26 53.69
C ASP A 177 6.44 -1.66 52.50
N GLY A 178 7.65 -1.08 52.42
CA GLY A 178 8.54 -1.30 51.26
C GLY A 178 8.11 -0.53 50.00
N HIS A 179 7.10 0.33 50.15
CA HIS A 179 6.49 1.08 49.06
C HIS A 179 6.16 2.48 49.58
N ALA A 180 7.15 3.08 50.26
CA ALA A 180 6.95 4.40 50.87
C ALA A 180 6.55 5.46 49.85
N TRP A 181 6.87 5.23 48.57
CA TRP A 181 6.49 6.19 47.52
C TRP A 181 4.98 6.40 47.42
N LEU A 182 4.21 5.45 47.95
CA LEU A 182 2.72 5.55 47.95
C LEU A 182 2.19 6.38 49.12
N LEU A 183 3.02 6.57 50.14
CA LEU A 183 2.63 7.43 51.26
C LEU A 183 2.51 8.91 50.87
N GLY A 184 1.71 9.68 51.60
CA GLY A 184 1.64 11.09 51.30
C GLY A 184 0.68 11.39 50.17
N PRO A 185 0.90 12.52 49.46
CA PRO A 185 -0.02 12.98 48.43
C PRO A 185 -0.21 12.01 47.28
N THR A 186 0.77 11.14 47.03
CA THR A 186 0.70 10.17 45.92
C THR A 186 -0.59 9.34 46.01
N TRP A 187 -0.91 8.83 47.19
CA TRP A 187 -2.08 7.96 47.36
C TRP A 187 -2.60 7.86 48.80
N ALA A 188 -1.71 7.58 49.75
CA ALA A 188 -2.16 7.28 51.11
C ALA A 188 -2.97 8.41 51.76
N PHE A 189 -2.59 9.66 51.52
CA PHE A 189 -3.35 10.84 52.02
C PHE A 189 -4.81 10.75 51.60
N GLY A 190 -5.00 10.35 50.34
CA GLY A 190 -6.33 10.31 49.75
C GLY A 190 -7.19 9.24 50.37
N GLN A 191 -6.65 8.02 50.47
CA GLN A 191 -7.39 6.92 51.11
C GLN A 191 -7.78 7.31 52.55
N GLU A 192 -6.81 7.83 53.29
CA GLU A 192 -7.01 8.14 54.67
C GLU A 192 -8.14 9.16 54.82
N THR A 193 -8.13 10.18 53.98
CA THR A 193 -9.07 11.28 54.10
C THR A 193 -10.46 10.87 53.58
N ALA A 194 -10.49 10.13 52.48
CA ALA A 194 -11.79 9.67 51.96
C ALA A 194 -12.55 8.84 52.99
N VAL A 195 -11.86 7.90 53.64
CA VAL A 195 -12.47 7.07 54.66
C VAL A 195 -12.88 7.87 55.89
N HIS A 196 -12.07 8.84 56.29
CA HIS A 196 -12.42 9.62 57.46
C HIS A 196 -13.72 10.37 57.13
N ALA A 197 -13.78 10.93 55.93
CA ALA A 197 -14.99 11.65 55.50
C ALA A 197 -16.19 10.69 55.42
N LEU A 198 -15.99 9.50 54.86
CA LEU A 198 -17.06 8.49 54.80
C LEU A 198 -17.54 8.08 56.20
N ARG A 199 -16.62 7.90 57.14
CA ARG A 199 -17.02 7.62 58.52
C ARG A 199 -17.94 8.71 59.08
N LEU A 200 -17.62 9.98 58.83
CA LEU A 200 -18.53 11.05 59.27
C LEU A 200 -19.93 10.87 58.64
N GLY A 202 -21.46 8.14 57.26
CA GLY A 202 -22.13 6.93 57.71
C GLY A 202 -22.59 6.99 59.15
N SER A 203 -21.93 7.83 59.96
CA SER A 203 -22.23 7.85 61.40
C SER A 203 -23.58 8.44 61.76
N GLY A 204 -24.22 9.13 60.81
CA GLY A 204 -25.46 9.86 61.11
C GLY A 204 -25.25 11.27 61.67
N LEU A 205 -24.00 11.71 61.74
CA LEU A 205 -23.67 13.05 62.23
C LEU A 205 -24.47 14.14 61.51
N PHE A 206 -24.62 13.95 60.20
CA PHE A 206 -25.30 14.95 59.38
C PHE A 206 -26.83 14.85 59.49
N ASP A 207 -27.34 13.74 60.03
CA ASP A 207 -28.77 13.66 60.42
C ASP A 207 -29.01 14.58 61.58
N LYS A 208 -28.07 14.59 62.52
CA LYS A 208 -28.20 15.35 63.76
C LYS A 208 -27.86 16.85 63.56
N TYR A 209 -26.83 17.14 62.79
CA TYR A 209 -26.45 18.52 62.48
C TYR A 209 -26.43 18.72 60.95
N PRO A 210 -27.61 18.88 60.34
CA PRO A 210 -27.71 18.93 58.87
C PRO A 210 -27.10 20.17 58.20
N ALA A 211 -26.88 21.25 58.95
CA ALA A 211 -26.24 22.46 58.39
C ALA A 211 -24.68 22.48 58.37
N LEU A 212 -24.05 21.41 58.87
CA LEU A 212 -22.58 21.34 58.87
C LEU A 212 -22.03 21.45 57.43
N LYS A 213 -20.85 22.07 57.31
CA LYS A 213 -20.17 22.16 56.01
C LYS A 213 -18.75 21.67 56.19
N ILE A 214 -18.44 20.59 55.47
CA ILE A 214 -17.12 19.98 55.50
C ILE A 214 -16.43 20.20 54.16
N ILE A 215 -15.16 20.56 54.21
CA ILE A 215 -14.37 20.81 53.02
C ILE A 215 -13.29 19.75 52.84
N LEU A 216 -13.15 19.27 51.61
CA LEU A 216 -12.09 18.33 51.28
C LEU A 216 -11.24 18.91 50.15
N GLY A 217 -9.93 18.74 50.24
CA GLY A 217 -9.06 19.17 49.17
C GLY A 217 -8.94 18.09 48.10
N HIS A 218 -8.08 18.31 47.10
CA HIS A 218 -7.69 17.24 46.16
C HIS A 218 -8.86 16.69 45.37
N GLY A 220 -11.78 16.13 46.42
CA GLY A 220 -12.57 15.18 47.20
C GLY A 220 -11.96 13.79 47.35
N GLU A 221 -10.64 13.69 47.14
CA GLU A 221 -9.88 12.45 47.47
C GLU A 221 -10.42 11.18 46.80
N GLY A 222 -10.78 11.25 45.52
CA GLY A 222 -11.36 10.11 44.84
C GLY A 222 -12.85 9.87 45.03
N LEU A 223 -13.48 10.55 45.99
CA LEU A 223 -14.87 10.22 46.31
C LEU A 223 -15.86 10.31 45.11
N PRO A 224 -15.80 11.39 44.29
CA PRO A 224 -16.82 11.52 43.25
C PRO A 224 -16.87 10.33 42.27
N TYR A 225 -15.71 9.79 41.90
CA TYR A 225 -15.64 8.73 40.89
C TYR A 225 -16.33 7.46 41.36
N SER A 226 -16.27 7.22 42.66
CA SER A 226 -16.72 5.96 43.25
C SER A 226 -17.99 6.12 44.10
N TRP A 228 -21.27 6.73 43.29
CA TRP A 228 -22.38 5.87 42.88
C TRP A 228 -22.24 4.47 43.48
N ARG A 229 -21.05 3.88 43.32
CA ARG A 229 -20.78 2.53 43.81
C ARG A 229 -20.92 2.40 45.33
N ILE A 230 -20.52 3.43 46.08
CA ILE A 230 -20.66 3.41 47.55
C ILE A 230 -22.08 2.99 48.02
N ASP A 231 -23.11 3.64 47.48
CA ASP A 231 -24.51 3.30 47.85
C ASP A 231 -25.10 2.15 47.03
N HIS A 232 -24.73 2.09 45.77
CA HIS A 232 -25.49 1.31 44.78
C HIS A 232 -24.91 -0.05 44.42
N ARG A 233 -23.75 -0.36 44.96
CA ARG A 233 -23.20 -1.70 44.77
C ARG A 233 -24.24 -2.73 45.19
N ASN A 234 -24.30 -3.82 44.43
CA ASN A 234 -25.17 -4.95 44.73
C ASN A 234 -26.63 -4.54 44.87
N ALA A 235 -27.12 -3.73 43.93
CA ALA A 235 -28.43 -3.10 44.05
C ALA A 235 -29.59 -4.06 44.04
N TRP A 236 -29.42 -5.26 43.49
CA TRP A 236 -30.51 -6.22 43.48
C TRP A 236 -30.97 -6.59 44.91
N ILE A 237 -30.06 -6.46 45.87
CA ILE A 237 -30.36 -6.66 47.31
C ILE A 237 -31.17 -5.46 47.81
N LYS A 238 -32.36 -5.73 48.34
CA LYS A 238 -33.23 -4.70 48.90
C LYS A 238 -33.12 -4.78 50.42
N THR A 239 -32.46 -3.79 51.00
CA THR A 239 -32.08 -3.87 52.40
C THR A 239 -31.83 -2.47 52.95
N THR A 240 -31.79 -2.36 54.28
CA THR A 240 -31.38 -1.12 54.93
C THR A 240 -29.86 -1.18 55.11
N PRO A 241 -29.16 -0.11 54.73
CA PRO A 241 -27.71 -0.06 54.94
C PRO A 241 -27.36 -0.20 56.43
N LYS A 242 -26.24 -0.87 56.68
CA LYS A 242 -25.80 -1.23 58.02
C LYS A 242 -25.01 -0.13 58.75
N TYR A 243 -25.22 1.13 58.36
CA TYR A 243 -24.67 2.25 59.11
C TYR A 243 -25.78 2.98 59.86
N PRO A 244 -25.43 3.76 60.91
CA PRO A 244 -26.43 4.44 61.74
C PRO A 244 -27.17 5.56 61.00
N ALA A 245 -26.52 6.17 59.99
CA ALA A 245 -27.18 7.25 59.24
C ALA A 245 -28.48 6.75 58.58
N LYS A 246 -29.47 7.65 58.49
CA LYS A 246 -30.79 7.33 57.95
C LYS A 246 -30.92 7.37 56.43
N ARG A 247 -29.98 7.99 55.73
CA ARG A 247 -30.11 8.24 54.29
C ARG A 247 -28.96 7.64 53.51
N LYS A 248 -28.85 7.94 52.22
CA LYS A 248 -27.75 7.42 51.41
C LYS A 248 -26.53 8.29 51.66
N ILE A 249 -25.36 7.69 51.56
CA ILE A 249 -24.09 8.42 51.73
C ILE A 249 -24.06 9.64 50.80
N VAL A 250 -24.48 9.44 49.54
CA VAL A 250 -24.42 10.51 48.54
C VAL A 250 -25.29 11.71 48.94
N ASP A 251 -26.36 11.46 49.71
CA ASP A 251 -27.20 12.57 50.16
C ASP A 251 -26.35 13.52 51.02
N TYR A 252 -25.55 12.96 51.92
CA TYR A 252 -24.67 13.78 52.77
C TYR A 252 -23.51 14.39 51.97
N PHE A 253 -22.97 13.64 51.02
CA PHE A 253 -21.90 14.18 50.19
C PHE A 253 -22.43 15.42 49.43
N ASN A 254 -23.62 15.29 48.83
CA ASN A 254 -24.19 16.37 48.04
C ASN A 254 -24.58 17.57 48.90
N GLU A 255 -24.97 17.33 50.13
CA GLU A 255 -25.59 18.38 50.94
C GLU A 255 -24.63 19.03 51.94
N ASN A 256 -23.59 18.29 52.33
CA ASN A 256 -22.74 18.74 53.43
C ASN A 256 -21.30 18.95 53.05
N PHE A 257 -20.93 18.62 51.82
CA PHE A 257 -19.49 18.70 51.43
C PHE A 257 -19.20 19.72 50.32
N TYR A 258 -18.01 20.33 50.43
CA TYR A 258 -17.39 21.14 49.38
C TYR A 258 -16.04 20.53 49.06
N LEU A 259 -15.62 20.64 47.81
CA LEU A 259 -14.32 20.11 47.38
C LEU A 259 -13.50 21.27 46.84
N THR A 260 -12.18 21.26 47.07
CA THR A 260 -11.33 22.27 46.46
C THR A 260 -10.43 21.61 45.43
N THR A 261 -9.82 22.43 44.58
CA THR A 261 -9.01 21.93 43.48
C THR A 261 -7.56 21.70 43.92
N SER A 262 -7.28 21.82 45.23
CA SER A 262 -5.89 21.75 45.71
C SER A 262 -5.12 20.51 45.24
N GLY A 263 -3.95 20.72 44.65
CA GLY A 263 -3.06 19.62 44.31
C GLY A 263 -3.68 18.60 43.35
N ASN A 264 -4.71 19.00 42.62
CA ASN A 264 -5.33 18.05 41.69
C ASN A 264 -5.79 18.79 40.44
N PHE A 265 -4.80 19.25 39.69
CA PHE A 265 -5.01 20.21 38.61
C PHE A 265 -5.26 19.44 37.33
N ARG A 266 -6.40 18.77 37.30
CA ARG A 266 -6.69 17.84 36.21
C ARG A 266 -8.10 18.11 35.69
N THR A 267 -8.19 18.49 34.42
CA THR A 267 -9.48 18.86 33.87
C THR A 267 -10.47 17.69 33.86
N GLN A 268 -10.00 16.49 33.50
CA GLN A 268 -10.92 15.35 33.44
C GLN A 268 -11.57 15.14 34.82
N THR A 269 -10.77 15.32 35.86
CA THR A 269 -11.21 15.09 37.26
C THR A 269 -12.19 16.20 37.65
N LEU A 270 -11.87 17.45 37.30
CA LEU A 270 -12.81 18.56 37.54
C LEU A 270 -14.18 18.31 36.88
N ILE A 271 -14.17 17.90 35.60
CA ILE A 271 -15.41 17.64 34.89
C ILE A 271 -16.18 16.55 35.61
N ASP A 272 -15.49 15.48 36.00
CA ASP A 272 -16.16 14.38 36.68
C ASP A 272 -16.81 14.94 37.96
N ALA A 273 -16.05 15.72 38.73
CA ALA A 273 -16.61 16.31 39.96
C ALA A 273 -17.80 17.23 39.67
N ILE A 274 -17.73 18.00 38.58
CA ILE A 274 -18.87 18.87 38.20
C ILE A 274 -20.12 18.04 37.93
N LEU A 275 -19.95 16.92 37.23
CA LEU A 275 -21.12 16.09 36.89
C LEU A 275 -21.62 15.18 38.01
N GLU A 276 -20.91 15.18 39.15
CA GLU A 276 -21.32 14.41 40.32
C GLU A 276 -21.84 15.26 41.47
N ILE A 277 -21.12 16.34 41.77
CA ILE A 277 -21.48 17.22 42.89
C ILE A 277 -21.91 18.64 42.46
N GLY A 278 -21.50 19.05 41.25
CA GLY A 278 -21.88 20.36 40.74
C GLY A 278 -20.85 21.44 41.05
N ALA A 279 -20.69 22.35 40.09
CA ALA A 279 -19.73 23.44 40.21
C ALA A 279 -19.95 24.33 41.42
N ASP A 280 -21.20 24.38 41.93
CA ASP A 280 -21.53 25.22 43.09
C ASP A 280 -20.79 24.79 44.36
N ARG A 281 -20.34 23.53 44.39
CA ARG A 281 -19.65 22.96 45.55
C ARG A 281 -18.19 22.70 45.31
N ILE A 282 -17.63 23.34 44.29
CA ILE A 282 -16.18 23.23 44.00
C ILE A 282 -15.50 24.59 44.16
N LEU A 283 -14.32 24.61 44.81
CA LEU A 283 -13.64 25.84 45.19
C LEU A 283 -12.21 25.76 44.71
N PHE A 284 -11.72 26.85 44.14
CA PHE A 284 -10.31 26.93 43.79
C PHE A 284 -9.49 26.89 45.08
N SER A 285 -8.37 26.17 45.04
CA SER A 285 -7.30 26.26 46.07
C SER A 285 -6.03 25.70 45.47
N THR A 286 -4.88 25.93 46.11
CA THR A 286 -3.62 25.58 45.46
C THR A 286 -2.86 24.49 46.19
N ASP A 287 -2.94 24.50 47.53
CA ASP A 287 -2.00 23.77 48.42
C ASP A 287 -0.57 24.36 48.43
N TRP A 288 -0.45 25.68 48.21
CA TRP A 288 0.82 26.37 48.47
C TRP A 288 1.15 26.16 49.96
N PRO A 289 2.42 25.91 50.30
CA PRO A 289 3.61 25.94 49.43
C PRO A 289 4.03 24.57 48.90
N PHE A 290 3.19 23.56 49.12
CA PHE A 290 3.50 22.20 48.66
C PHE A 290 3.26 22.03 47.17
N GLU A 291 2.32 22.83 46.63
CA GLU A 291 2.13 23.01 45.18
C GLU A 291 2.44 24.48 44.83
N ASN A 292 2.92 24.71 43.61
CA ASN A 292 3.15 26.08 43.15
C ASN A 292 1.85 26.83 42.88
N ILE A 293 1.80 28.08 43.29
CA ILE A 293 0.73 29.00 42.91
C ILE A 293 0.59 29.13 41.40
N ASP A 294 1.71 29.30 40.69
CA ASP A 294 1.62 29.48 39.24
C ASP A 294 1.02 28.28 38.52
N HIS A 295 1.40 27.06 38.91
CA HIS A 295 0.84 25.83 38.31
C HIS A 295 -0.69 25.77 38.51
N ALA A 296 -1.12 25.99 39.75
CA ALA A 296 -2.55 25.97 40.10
C ALA A 296 -3.33 27.02 39.32
N ALA A 297 -2.86 28.27 39.33
CA ALA A 297 -3.57 29.35 38.67
C ALA A 297 -3.62 29.19 37.15
N ASP A 298 -2.50 28.77 36.55
CA ASP A 298 -2.40 28.61 35.10
C ASP A 298 -3.34 27.50 34.61
N TRP A 299 -3.38 26.38 35.36
CA TRP A 299 -4.28 25.27 35.01
C TRP A 299 -5.74 25.76 35.10
N PHE A 300 -6.08 26.42 36.22
CA PHE A 300 -7.47 26.82 36.45
C PHE A 300 -7.96 27.87 35.46
N GLU A 301 -7.06 28.76 35.03
CA GLU A 301 -7.37 29.83 34.09
C GLU A 301 -7.96 29.32 32.77
N ASN A 302 -7.43 28.19 32.31
CA ASN A 302 -7.70 27.63 30.98
C ASN A 302 -8.50 26.31 31.02
N THR A 303 -8.88 25.81 32.20
CA THR A 303 -9.61 24.52 32.27
C THR A 303 -10.98 24.61 31.57
N SER A 304 -11.47 23.46 31.08
CA SER A 304 -12.56 23.42 30.10
C SER A 304 -13.96 23.49 30.70
N ILE A 305 -14.33 24.66 31.24
CA ILE A 305 -15.61 24.84 31.93
C ILE A 305 -16.18 26.19 31.51
N SER A 306 -17.42 26.46 31.90
CA SER A 306 -18.06 27.71 31.46
C SER A 306 -17.40 28.86 32.19
N GLU A 307 -17.48 30.05 31.61
CA GLU A 307 -16.94 31.22 32.28
C GLU A 307 -17.73 31.48 33.56
N ALA A 308 -19.03 31.17 33.52
CA ALA A 308 -19.86 31.34 34.72
C ALA A 308 -19.34 30.45 35.85
N ASP A 309 -19.01 29.19 35.54
CA ASP A 309 -18.47 28.31 36.56
C ASP A 309 -17.04 28.64 36.97
N ARG A 310 -16.26 29.20 36.05
CA ARG A 310 -14.90 29.64 36.39
C ARG A 310 -14.93 30.77 37.43
N LYS A 311 -15.90 31.68 37.33
CA LYS A 311 -16.05 32.73 38.36
C LYS A 311 -16.52 32.15 39.70
N LYS A 312 -17.48 31.21 39.66
CA LYS A 312 -17.99 30.55 40.88
C LYS A 312 -16.88 29.77 41.60
N ILE A 313 -16.21 28.90 40.85
CA ILE A 313 -15.12 28.11 41.45
C ILE A 313 -13.93 29.00 41.88
N GLY A 314 -13.61 30.00 41.05
CA GLY A 314 -12.47 30.90 41.33
C GLY A 314 -12.62 31.76 42.59
N TRP A 315 -13.83 32.26 42.84
CA TRP A 315 -14.08 33.13 44.00
C TRP A 315 -15.53 33.17 44.47
N GLY A 316 -16.49 33.02 43.56
CA GLY A 316 -17.90 33.23 43.94
C GLY A 316 -18.39 32.33 45.07
N ASN A 317 -18.10 31.03 44.95
CA ASN A 317 -18.56 30.05 45.93
C ASN A 317 -17.96 30.33 47.30
N ALA A 318 -16.66 30.59 47.31
CA ALA A 318 -15.94 30.90 48.56
C ALA A 318 -16.39 32.21 49.18
N GLN A 319 -16.62 33.21 48.33
CA GLN A 319 -17.04 34.52 48.83
C GLN A 319 -18.35 34.34 49.61
N ASN A 320 -19.25 33.54 49.06
N ASN A 320 -19.27 33.57 49.03
CA ASN A 320 -20.54 33.26 49.70
CA ASN A 320 -20.54 33.22 49.67
C ASN A 320 -20.41 32.33 50.90
C ASN A 320 -20.29 32.41 50.93
N LEU A 321 -19.61 31.28 50.75
CA LEU A 321 -19.44 30.30 51.83
C LEU A 321 -18.88 30.93 53.11
N PHE A 322 -17.84 31.75 52.95
CA PHE A 322 -17.18 32.42 54.07
C PHE A 322 -17.67 33.81 54.36
N LYS A 323 -18.79 34.19 53.73
CA LYS A 323 -19.44 35.46 53.99
C LYS A 323 -18.48 36.66 53.86
N LEU A 324 -17.62 36.64 52.84
CA LEU A 324 -16.55 37.64 52.74
C LEU A 324 -17.00 38.98 52.19
N ASN A 325 -18.14 38.99 51.51
CA ASN A 325 -18.75 40.22 51.00
C ASN A 325 -19.77 40.76 52.00
N ARG A 326 -19.69 40.30 53.25
CA ARG A 326 -20.65 40.72 54.27
C ARG A 326 -20.03 41.63 55.33
N ALA A 327 -20.90 42.35 56.04
CA ALA A 327 -20.52 43.44 56.92
C ALA A 327 -19.48 43.07 57.96
N GLU A 328 -19.66 41.94 58.63
N GLU A 328 -19.72 41.94 58.64
CA GLU A 328 -18.74 41.48 59.69
CA GLU A 328 -18.79 41.35 59.62
C GLU A 328 -17.30 41.24 59.22
C GLU A 328 -17.37 41.48 59.11
N ASN A 329 -17.16 40.89 57.94
CA ASN A 329 -15.86 40.77 57.32
C ASN A 329 -15.34 42.04 56.63
N LEU A 330 -16.23 42.88 56.10
CA LEU A 330 -15.76 44.06 55.38
C LEU A 330 -15.43 45.21 56.36
N TYR A 331 -16.27 45.41 57.36
CA TYR A 331 -16.20 46.65 58.15
C TYR A 331 -15.80 46.48 59.61
N PHE A 332 -15.85 45.24 60.12
CA PHE A 332 -15.55 45.01 61.52
C PHE A 332 -14.30 44.15 61.70
N ASN B 2 -26.93 -7.19 21.05
CA ASN B 2 -26.51 -8.58 20.99
C ASN B 2 -24.98 -8.75 20.81
N GLY B 3 -24.49 -9.90 21.22
CA GLY B 3 -23.09 -10.25 21.03
C GLY B 3 -22.15 -9.69 22.09
N LYS B 4 -22.64 -9.26 23.26
CA LYS B 4 -21.72 -8.76 24.29
C LYS B 4 -20.84 -9.88 24.84
N ILE B 5 -19.62 -9.53 25.22
CA ILE B 5 -18.74 -10.44 25.92
C ILE B 5 -18.61 -9.86 27.32
N ALA B 6 -18.81 -10.70 28.34
CA ALA B 6 -18.73 -10.25 29.73
C ALA B 6 -17.69 -11.08 30.45
N LEU B 7 -16.81 -10.46 31.24
CA LEU B 7 -15.64 -11.22 31.75
C LEU B 7 -15.34 -11.11 33.25
N GLU B 8 -16.30 -10.64 34.03
CA GLU B 8 -16.21 -10.80 35.48
C GLU B 8 -17.50 -11.44 35.98
N GLU B 9 -17.61 -12.73 35.71
CA GLU B 9 -18.87 -13.43 35.80
C GLU B 9 -18.55 -14.67 36.62
N HIS B 10 -19.16 -14.80 37.79
CA HIS B 10 -18.67 -15.72 38.81
C HIS B 10 -19.54 -16.96 39.01
N PHE B 11 -18.89 -18.03 39.45
CA PHE B 11 -19.56 -19.25 39.92
C PHE B 11 -18.83 -19.72 41.17
N ALA B 12 -19.43 -20.64 41.90
CA ALA B 12 -18.75 -21.30 43.00
C ALA B 12 -18.88 -22.79 42.79
N THR B 13 -17.95 -23.54 43.38
CA THR B 13 -18.14 -24.98 43.57
C THR B 13 -18.64 -25.16 45.00
N GLU B 14 -19.10 -26.37 45.33
CA GLU B 14 -19.57 -26.62 46.70
C GLU B 14 -18.42 -26.34 47.68
N GLU B 15 -17.21 -26.72 47.30
CA GLU B 15 -16.00 -26.48 48.06
C GLU B 15 -15.75 -25.01 48.47
N THR B 16 -16.06 -24.08 47.57
CA THR B 16 -15.77 -22.67 47.79
C THR B 16 -17.02 -21.86 48.06
N LEU B 17 -18.19 -22.51 48.01
CA LEU B 17 -19.48 -21.79 48.11
C LEU B 17 -19.57 -20.84 49.30
N ASP B 19 -17.47 -19.27 51.03
CA ASP B 19 -16.66 -18.02 50.96
C ASP B 19 -17.51 -16.79 50.63
N SER B 20 -18.61 -17.01 49.93
CA SER B 20 -19.48 -15.91 49.52
C SER B 20 -20.57 -15.57 50.52
N ALA B 21 -20.77 -16.44 51.50
CA ALA B 21 -21.85 -16.27 52.50
C ALA B 21 -21.49 -15.10 53.38
N GLY B 22 -22.45 -14.26 53.68
CA GLY B 22 -22.15 -13.07 54.48
C GLY B 22 -21.66 -11.88 53.67
N PHE B 23 -21.63 -11.98 52.34
CA PHE B 23 -21.51 -10.77 51.51
C PHE B 23 -22.88 -10.12 51.30
N VAL B 24 -23.94 -10.90 51.45
CA VAL B 24 -25.31 -10.36 51.36
C VAL B 24 -26.05 -10.76 52.63
N PRO B 25 -27.19 -10.09 52.91
CA PRO B 25 -28.00 -10.42 54.07
C PRO B 25 -28.50 -11.87 54.05
N ASP B 26 -28.79 -12.42 55.24
CA ASP B 26 -29.26 -13.79 55.37
C ASP B 26 -30.46 -14.13 54.48
N LYS B 27 -31.42 -13.22 54.37
CA LYS B 27 -32.63 -13.47 53.57
C LYS B 27 -32.31 -13.60 52.07
N ASP B 28 -31.15 -13.05 51.67
CA ASP B 28 -30.75 -13.05 50.26
C ASP B 28 -29.77 -14.16 49.90
N TRP B 29 -29.26 -14.84 50.92
CA TRP B 29 -28.29 -15.92 50.69
C TRP B 29 -28.85 -17.07 49.81
N PRO B 30 -30.10 -17.54 50.04
CA PRO B 30 -30.57 -18.64 49.18
C PRO B 30 -30.56 -18.29 47.68
N GLU B 31 -30.95 -17.06 47.34
CA GLU B 31 -30.91 -16.59 45.95
C GLU B 31 -29.49 -16.57 45.41
N LEU B 32 -28.57 -15.97 46.17
CA LEU B 32 -27.19 -15.80 45.71
C LEU B 32 -26.49 -17.12 45.50
N ARG B 33 -26.71 -18.02 46.44
CA ARG B 33 -26.16 -19.36 46.42
C ARG B 33 -26.63 -20.12 45.18
N SER B 34 -27.92 -20.03 44.88
CA SER B 34 -28.43 -20.70 43.69
C SER B 34 -27.82 -20.11 42.40
N ARG B 35 -27.62 -18.79 42.36
CA ARG B 35 -26.97 -18.14 41.23
C ARG B 35 -25.51 -18.61 41.08
N LEU B 36 -24.78 -18.65 42.20
CA LEU B 36 -23.36 -19.07 42.19
C LEU B 36 -23.15 -20.47 41.66
N LEU B 37 -24.08 -21.36 41.98
CA LEU B 37 -23.96 -22.75 41.60
C LEU B 37 -24.43 -23.02 40.19
N ASP B 38 -25.42 -22.26 39.74
CA ASP B 38 -25.93 -22.46 38.38
C ASP B 38 -25.02 -21.87 37.33
N ILE B 39 -24.58 -22.72 36.41
CA ILE B 39 -23.81 -22.27 35.24
C ILE B 39 -24.59 -22.50 33.93
N GLN B 40 -25.29 -23.63 33.82
CA GLN B 40 -25.83 -24.09 32.53
C GLN B 40 -27.23 -23.58 32.19
N ASP B 41 -28.02 -23.23 33.20
CA ASP B 41 -29.45 -23.08 33.00
C ASP B 41 -29.91 -21.61 33.01
N ARG B 42 -30.31 -21.12 34.17
CA ARG B 42 -30.82 -19.74 34.32
C ARG B 42 -29.84 -18.69 33.79
N ARG B 43 -28.57 -18.86 34.15
CA ARG B 43 -27.47 -18.02 33.67
C ARG B 43 -27.48 -17.82 32.15
N VAL B 44 -27.62 -18.90 31.38
CA VAL B 44 -27.64 -18.79 29.93
C VAL B 44 -28.94 -18.14 29.43
N ARG B 45 -30.07 -18.48 30.06
CA ARG B 45 -31.32 -17.83 29.72
C ARG B 45 -31.17 -16.31 29.89
N LEU B 46 -30.57 -15.87 31.02
CA LEU B 46 -30.35 -14.43 31.27
C LEU B 46 -29.40 -13.80 30.24
N ASP B 48 -29.11 -14.81 27.14
CA ASP B 48 -30.00 -14.68 25.98
C ASP B 48 -30.89 -13.44 26.05
N GLU B 49 -31.49 -13.20 27.21
CA GLU B 49 -32.45 -12.10 27.35
C GLU B 49 -31.80 -10.72 27.39
N HIS B 50 -30.49 -10.68 27.67
CA HIS B 50 -29.83 -9.40 27.90
C HIS B 50 -28.64 -9.20 26.97
N GLY B 51 -28.66 -9.94 25.85
CA GLY B 51 -27.71 -9.74 24.77
C GLY B 51 -26.25 -10.07 25.07
N ILE B 52 -26.00 -11.07 25.92
CA ILE B 52 -24.64 -11.50 26.17
C ILE B 52 -24.37 -12.80 25.40
N GLU B 53 -23.39 -12.75 24.50
CA GLU B 53 -23.05 -13.93 23.70
C GLU B 53 -22.12 -14.86 24.47
N THR B 54 -21.16 -14.29 25.19
CA THR B 54 -20.14 -15.08 25.87
C THR B 54 -19.82 -14.56 27.29
N ILE B 56 -16.96 -15.09 30.16
CA ILE B 56 -15.73 -15.65 30.60
C ILE B 56 -15.87 -15.84 32.11
N LEU B 57 -15.95 -17.11 32.53
CA LEU B 57 -16.28 -17.46 33.93
C LEU B 57 -15.07 -17.50 34.84
N SER B 58 -15.27 -17.10 36.09
CA SER B 58 -14.23 -17.24 37.10
C SER B 58 -14.83 -17.63 38.46
N LEU B 59 -14.02 -18.35 39.24
CA LEU B 59 -14.36 -18.78 40.58
C LEU B 59 -14.63 -17.56 41.47
N ASN B 60 -15.38 -17.79 42.55
CA ASN B 60 -15.70 -16.76 43.55
C ASN B 60 -14.49 -16.37 44.42
N ALA B 61 -14.76 -15.60 45.48
CA ALA B 61 -13.70 -14.96 46.29
C ALA B 61 -13.90 -15.11 47.80
N PRO B 62 -12.80 -15.14 48.59
CA PRO B 62 -11.39 -15.12 48.16
C PRO B 62 -10.91 -16.47 47.62
N ALA B 63 -11.66 -17.53 47.89
CA ALA B 63 -11.35 -18.88 47.36
C ALA B 63 -9.87 -19.29 47.54
N VAL B 64 -9.16 -19.58 46.44
CA VAL B 64 -7.76 -20.10 46.56
C VAL B 64 -6.82 -19.17 47.36
N GLN B 65 -7.05 -17.87 47.28
CA GLN B 65 -6.20 -16.90 47.97
C GLN B 65 -6.32 -16.92 49.49
N ALA B 66 -7.41 -17.50 50.01
CA ALA B 66 -7.58 -17.66 51.47
C ALA B 66 -7.24 -19.07 51.95
N ILE B 67 -6.71 -19.92 51.06
CA ILE B 67 -6.30 -21.25 51.51
C ILE B 67 -4.81 -21.23 51.85
N ALA B 68 -4.50 -21.24 53.15
CA ALA B 68 -3.14 -20.91 53.60
C ALA B 68 -2.11 -22.04 53.41
N ASP B 69 -2.57 -23.27 53.34
CA ASP B 69 -1.69 -24.39 53.06
C ASP B 69 -1.47 -24.45 51.54
N SER B 70 -0.25 -24.21 51.09
CA SER B 70 -0.01 -24.07 49.65
C SER B 70 -0.35 -25.34 48.88
N THR B 71 -0.12 -26.51 49.48
CA THR B 71 -0.47 -27.79 48.85
C THR B 71 -1.99 -27.91 48.67
N ARG B 72 -2.74 -27.59 49.73
N ARG B 72 -2.74 -27.56 49.72
CA ARG B 72 -4.21 -27.57 49.70
CA ARG B 72 -4.21 -27.57 49.71
C ARG B 72 -4.73 -26.55 48.66
C ARG B 72 -4.74 -26.54 48.72
N ALA B 73 -4.07 -25.39 48.60
CA ALA B 73 -4.47 -24.33 47.67
C ALA B 73 -4.34 -24.82 46.23
N ASN B 74 -3.24 -25.52 45.95
CA ASN B 74 -3.00 -26.08 44.61
C ASN B 74 -3.98 -27.22 44.26
N GLU B 75 -4.32 -28.04 45.26
CA GLU B 75 -5.34 -29.09 45.07
C GLU B 75 -6.72 -28.50 44.75
N THR B 76 -7.08 -27.43 45.46
CA THR B 76 -8.37 -26.77 45.27
C THR B 76 -8.44 -26.10 43.91
N ALA B 77 -7.35 -25.44 43.53
CA ALA B 77 -7.27 -24.79 42.24
C ALA B 77 -7.48 -25.78 41.11
N ARG B 78 -6.76 -26.90 41.14
CA ARG B 78 -6.86 -27.94 40.10
C ARG B 78 -8.30 -28.46 39.95
N ARG B 79 -8.96 -28.75 41.07
CA ARG B 79 -10.34 -29.21 41.07
C ARG B 79 -11.30 -28.18 40.46
N ALA B 80 -11.19 -26.94 40.93
CA ALA B 80 -12.00 -25.84 40.43
C ALA B 80 -11.77 -25.63 38.94
N ASN B 81 -10.51 -25.68 38.52
CA ASN B 81 -10.19 -25.49 37.11
C ASN B 81 -10.69 -26.63 36.23
N ASP B 82 -10.54 -27.86 36.72
CA ASP B 82 -11.04 -29.02 35.96
C ASP B 82 -12.56 -28.99 35.84
N PHE B 83 -13.23 -28.65 36.95
CA PHE B 83 -14.68 -28.49 36.95
C PHE B 83 -15.10 -27.41 35.93
N LEU B 84 -14.40 -26.28 35.96
CA LEU B 84 -14.74 -25.16 35.07
C LEU B 84 -14.61 -25.59 33.59
N ALA B 85 -13.54 -26.32 33.26
CA ALA B 85 -13.32 -26.81 31.90
C ALA B 85 -14.45 -27.73 31.43
N GLU B 86 -14.89 -28.62 32.32
CA GLU B 86 -16.04 -29.52 32.06
C GLU B 86 -17.32 -28.71 31.84
N GLN B 87 -17.50 -27.66 32.62
CA GLN B 87 -18.67 -26.78 32.48
C GLN B 87 -18.66 -25.98 31.18
N VAL B 88 -17.50 -25.41 30.84
CA VAL B 88 -17.34 -24.67 29.59
C VAL B 88 -17.58 -25.58 28.40
N ALA B 89 -17.10 -26.83 28.48
CA ALA B 89 -17.24 -27.79 27.37
C ALA B 89 -18.69 -28.18 27.00
N LYS B 90 -19.62 -28.02 27.94
CA LYS B 90 -21.04 -28.29 27.68
C LYS B 90 -21.69 -27.23 26.77
N GLN B 91 -21.26 -25.98 26.90
CA GLN B 91 -21.75 -24.90 26.04
C GLN B 91 -20.59 -24.04 25.56
N PRO B 92 -19.77 -24.59 24.62
CA PRO B 92 -18.44 -24.03 24.31
C PRO B 92 -18.50 -22.70 23.56
N THR B 93 -19.65 -22.38 22.97
CA THR B 93 -19.79 -21.13 22.22
C THR B 93 -20.25 -20.00 23.17
N ARG B 94 -20.68 -20.38 24.38
CA ARG B 94 -21.22 -19.39 25.31
C ARG B 94 -20.31 -19.06 26.47
N PHE B 95 -19.28 -19.88 26.69
CA PHE B 95 -18.40 -19.70 27.82
C PHE B 95 -16.92 -19.82 27.44
N ARG B 96 -16.09 -19.14 28.23
CA ARG B 96 -14.65 -19.42 28.31
C ARG B 96 -14.31 -19.40 29.80
N GLY B 97 -13.09 -19.79 30.15
CA GLY B 97 -12.73 -19.83 31.56
C GLY B 97 -11.50 -19.02 31.88
N PHE B 98 -11.51 -18.39 33.06
CA PHE B 98 -10.30 -17.87 33.69
C PHE B 98 -9.79 -18.89 34.72
N ALA B 99 -8.48 -19.05 34.81
CA ALA B 99 -7.91 -19.95 35.81
C ALA B 99 -7.92 -19.37 37.23
N ALA B 100 -8.19 -20.25 38.19
CA ALA B 100 -7.86 -20.00 39.59
C ALA B 100 -6.44 -20.50 39.85
N LEU B 101 -5.66 -19.73 40.59
CA LEU B 101 -4.25 -20.09 40.72
C LEU B 101 -3.80 -20.12 42.15
N PRO B 102 -2.97 -21.12 42.51
CA PRO B 102 -2.38 -21.16 43.84
C PRO B 102 -1.20 -20.19 43.97
N GLN B 104 -0.01 -18.72 46.33
CA GLN B 104 0.87 -19.03 47.48
C GLN B 104 2.24 -19.52 47.05
N ASP B 105 2.27 -20.37 46.01
CA ASP B 105 3.53 -20.91 45.50
C ASP B 105 3.70 -20.52 44.02
N PRO B 106 4.62 -19.58 43.73
CA PRO B 106 4.81 -19.06 42.37
C PRO B 106 5.10 -20.12 41.30
N GLU B 107 5.83 -21.18 41.64
CA GLU B 107 6.06 -22.24 40.66
C GLU B 107 4.80 -23.06 40.39
N LEU B 108 4.06 -23.42 41.45
CA LEU B 108 2.81 -24.15 41.28
C LEU B 108 1.77 -23.32 40.48
N ALA B 109 1.73 -22.02 40.73
CA ALA B 109 0.79 -21.14 40.02
C ALA B 109 1.17 -21.03 38.53
N ALA B 110 2.47 -20.91 38.23
CA ALA B 110 2.93 -20.86 36.84
C ALA B 110 2.54 -22.17 36.11
N ARG B 111 2.86 -23.30 36.72
N ARG B 111 2.88 -23.31 36.72
CA ARG B 111 2.52 -24.59 36.14
CA ARG B 111 2.52 -24.63 36.20
C ARG B 111 1.00 -24.78 35.94
C ARG B 111 1.02 -24.76 35.94
N GLU B 112 0.20 -24.33 36.90
CA GLU B 112 -1.26 -24.45 36.77
C GLU B 112 -1.84 -23.51 35.70
N LEU B 113 -1.34 -22.28 35.63
CA LEU B 113 -1.69 -21.40 34.52
C LEU B 113 -1.36 -22.04 33.18
N GLU B 114 -0.17 -22.62 33.05
CA GLU B 114 0.23 -23.33 31.85
C GLU B 114 -0.69 -24.47 31.47
N ARG B 115 -1.06 -25.28 32.45
CA ARG B 115 -1.96 -26.40 32.22
C ARG B 115 -3.36 -25.89 31.80
N CYS B 116 -3.83 -24.85 32.46
CA CYS B 116 -5.14 -24.27 32.17
C CYS B 116 -5.21 -23.70 30.76
N VAL B 117 -4.17 -22.98 30.37
CA VAL B 117 -4.13 -22.37 29.06
C VAL B 117 -3.91 -23.45 28.00
N LYS B 118 -2.88 -24.27 28.20
CA LYS B 118 -2.45 -25.21 27.16
C LYS B 118 -3.38 -26.38 27.00
N GLU B 119 -3.85 -26.92 28.12
CA GLU B 119 -4.64 -28.14 28.08
C GLU B 119 -6.12 -27.91 28.24
N LEU B 120 -6.52 -26.91 29.02
CA LEU B 120 -7.94 -26.63 29.24
C LEU B 120 -8.54 -25.52 28.36
N GLY B 121 -7.70 -24.79 27.64
CA GLY B 121 -8.15 -23.69 26.76
C GLY B 121 -8.66 -22.44 27.46
N PHE B 122 -8.26 -22.24 28.71
CA PHE B 122 -8.59 -21.02 29.44
C PHE B 122 -7.87 -19.81 28.84
N VAL B 123 -8.45 -18.62 29.00
CA VAL B 123 -7.99 -17.44 28.25
C VAL B 123 -7.36 -16.36 29.15
N GLY B 124 -7.05 -16.74 30.39
CA GLY B 124 -6.50 -15.83 31.38
C GLY B 124 -6.63 -16.40 32.78
N ALA B 125 -6.32 -15.58 33.76
CA ALA B 125 -6.39 -15.98 35.15
C ALA B 125 -7.12 -14.89 35.90
N LEU B 126 -7.77 -15.27 37.00
CA LEU B 126 -8.40 -14.31 37.89
C LEU B 126 -7.98 -14.65 39.30
N VAL B 127 -7.46 -13.65 40.02
CA VAL B 127 -6.93 -13.87 41.36
C VAL B 127 -7.50 -12.78 42.30
N ASN B 128 -7.98 -13.20 43.46
CA ASN B 128 -8.59 -12.30 44.45
C ASN B 128 -7.59 -11.59 45.38
N GLY B 129 -6.83 -10.66 44.78
CA GLY B 129 -5.83 -9.90 45.55
C GLY B 129 -4.78 -10.78 46.21
N PHE B 130 -4.26 -10.32 47.36
CA PHE B 130 -3.15 -10.99 48.06
C PHE B 130 -3.47 -12.42 48.49
N SER B 131 -2.42 -13.19 48.76
CA SER B 131 -2.57 -14.58 49.18
C SER B 131 -2.15 -14.72 50.61
N GLN B 132 -2.84 -15.61 51.34
CA GLN B 132 -2.36 -16.02 52.67
C GLN B 132 -1.60 -17.32 52.52
N ASP B 133 -0.46 -17.41 53.22
CA ASP B 133 0.35 -18.62 53.27
C ASP B 133 0.92 -18.79 54.66
N ASN B 134 0.83 -20.01 55.18
CA ASN B 134 1.33 -20.37 56.51
C ASN B 134 2.82 -20.14 56.70
N ARG B 135 3.58 -20.25 55.63
CA ARG B 135 5.04 -20.10 55.66
C ARG B 135 5.48 -18.63 55.71
N SER B 136 4.55 -17.72 55.40
CA SER B 136 4.84 -16.29 55.33
C SER B 136 4.13 -15.52 56.44
N ALA B 137 4.88 -14.70 57.17
CA ALA B 137 4.29 -13.88 58.25
C ALA B 137 3.45 -12.74 57.69
N VAL B 138 3.72 -12.33 56.46
CA VAL B 138 3.03 -11.20 55.83
C VAL B 138 2.14 -11.72 54.69
N PRO B 139 1.09 -10.96 54.30
CA PRO B 139 0.31 -11.36 53.11
C PRO B 139 1.19 -11.26 51.86
N LEU B 140 0.90 -12.07 50.86
CA LEU B 140 1.73 -12.09 49.63
C LEU B 140 1.13 -11.22 48.52
N TYR B 141 1.87 -10.19 48.12
CA TYR B 141 1.46 -9.30 47.04
C TYR B 141 2.35 -9.63 45.86
N TYR B 142 1.83 -9.43 44.65
CA TYR B 142 2.50 -10.03 43.48
C TYR B 142 3.54 -9.16 42.81
N ASP B 143 3.94 -8.09 43.50
CA ASP B 143 5.04 -7.30 42.99
C ASP B 143 6.35 -7.78 43.59
N ALA B 145 9.60 -9.96 44.58
CA ALA B 145 10.56 -10.59 43.66
C ALA B 145 10.28 -12.05 43.27
N GLN B 146 9.80 -12.85 44.22
CA GLN B 146 9.51 -14.27 43.97
C GLN B 146 8.45 -14.48 42.87
N TYR B 147 7.65 -13.45 42.57
CA TYR B 147 6.61 -13.54 41.54
C TYR B 147 7.10 -13.32 40.10
N TRP B 148 8.30 -12.79 39.97
CA TRP B 148 8.82 -12.44 38.65
C TRP B 148 8.90 -13.60 37.64
N PRO B 149 9.39 -14.79 38.04
CA PRO B 149 9.32 -15.93 37.10
C PRO B 149 7.88 -16.28 36.70
N PHE B 150 6.91 -16.07 37.62
CA PHE B 150 5.50 -16.31 37.30
C PHE B 150 5.03 -15.36 36.22
N TRP B 151 5.36 -14.08 36.39
CA TRP B 151 4.96 -13.05 35.44
C TRP B 151 5.64 -13.30 34.08
N GLU B 152 6.86 -13.82 34.08
CA GLU B 152 7.54 -14.19 32.83
C GLU B 152 6.68 -15.20 32.06
N THR B 153 6.13 -16.15 32.82
CA THR B 153 5.24 -17.20 32.30
C THR B 153 3.91 -16.63 31.77
N VAL B 154 3.29 -15.70 32.51
CA VAL B 154 2.08 -15.02 32.04
C VAL B 154 2.39 -14.35 30.69
N GLN B 155 3.50 -13.63 30.62
CA GLN B 155 3.84 -12.89 29.40
C GLN B 155 4.09 -13.84 28.23
N ALA B 156 4.79 -14.94 28.48
CA ALA B 156 5.09 -15.92 27.44
C ALA B 156 3.80 -16.58 26.93
N LEU B 157 2.86 -16.87 27.82
CA LEU B 157 1.55 -17.39 27.41
C LEU B 157 0.71 -16.33 26.71
N ASP B 158 0.98 -15.06 27.00
CA ASP B 158 0.27 -13.92 26.43
C ASP B 158 -1.24 -14.00 26.69
N VAL B 159 -1.58 -14.19 27.97
CA VAL B 159 -2.97 -14.11 28.45
C VAL B 159 -3.05 -13.12 29.60
N PRO B 160 -4.18 -12.37 29.71
CA PRO B 160 -4.33 -11.37 30.79
C PRO B 160 -4.50 -11.97 32.20
N PHE B 161 -4.26 -11.13 33.20
CA PHE B 161 -4.39 -11.47 34.61
C PHE B 161 -5.38 -10.48 35.19
N TYR B 162 -6.46 -11.01 35.75
CA TYR B 162 -7.53 -10.16 36.29
C TYR B 162 -7.29 -10.12 37.79
N LEU B 163 -6.94 -8.92 38.26
CA LEU B 163 -6.70 -8.70 39.67
C LEU B 163 -8.02 -8.25 40.30
N HIS B 164 -8.69 -9.20 40.95
CA HIS B 164 -9.99 -9.04 41.62
C HIS B 164 -9.76 -8.60 43.10
N PRO B 165 -10.77 -7.97 43.73
CA PRO B 165 -10.60 -7.62 45.13
C PRO B 165 -10.64 -8.76 46.13
N ARG B 166 -10.12 -8.49 47.31
CA ARG B 166 -10.59 -9.14 48.54
C ARG B 166 -10.47 -8.05 49.59
N ASN B 167 -11.00 -8.30 50.78
CA ASN B 167 -10.83 -7.37 51.88
C ASN B 167 -9.42 -7.41 52.47
N PRO B 168 -8.95 -6.30 53.05
CA PRO B 168 -7.72 -6.37 53.82
C PRO B 168 -7.89 -7.30 55.02
N LEU B 169 -6.78 -7.82 55.53
CA LEU B 169 -6.81 -8.58 56.79
C LEU B 169 -7.17 -7.64 57.96
N PRO B 170 -7.86 -8.16 59.00
CA PRO B 170 -8.29 -7.34 60.14
C PRO B 170 -7.21 -6.43 60.73
N SER B 171 -5.98 -6.92 60.85
CA SER B 171 -4.91 -6.08 61.41
C SER B 171 -4.51 -4.93 60.45
N ASP B 172 -4.87 -5.07 59.17
CA ASP B 172 -4.65 -4.01 58.17
C ASP B 172 -5.92 -3.22 57.86
N ALA B 173 -6.94 -3.35 58.73
CA ALA B 173 -8.24 -2.76 58.47
C ALA B 173 -8.80 -1.96 59.66
N ARG B 174 -7.94 -1.53 60.58
N ARG B 174 -7.94 -1.54 60.59
CA ARG B 174 -8.40 -0.87 61.80
CA ARG B 174 -8.40 -0.88 61.81
C ARG B 174 -9.20 0.39 61.48
C ARG B 174 -9.06 0.49 61.56
N ILE B 175 -8.86 1.04 60.37
CA ILE B 175 -9.58 2.26 59.95
C ILE B 175 -11.08 1.97 59.77
N TYR B 176 -11.41 0.71 59.46
CA TYR B 176 -12.80 0.30 59.32
C TYR B 176 -13.42 -0.29 60.61
N ASP B 177 -12.65 -0.40 61.70
CA ASP B 177 -13.19 -0.94 62.96
C ASP B 177 -14.40 -0.14 63.44
N GLY B 178 -15.51 -0.84 63.69
CA GLY B 178 -16.78 -0.19 64.08
C GLY B 178 -17.54 0.38 62.88
N HIS B 179 -17.02 0.13 61.68
CA HIS B 179 -17.55 0.64 60.41
C HIS B 179 -17.48 -0.42 59.31
N ALA B 180 -17.96 -1.61 59.66
CA ALA B 180 -17.91 -2.77 58.76
C ALA B 180 -18.67 -2.53 57.45
N TRP B 181 -19.56 -1.53 57.44
CA TRP B 181 -20.30 -1.18 56.23
C TRP B 181 -19.40 -0.72 55.09
N LEU B 182 -18.18 -0.27 55.44
CA LEU B 182 -17.19 0.21 54.46
C LEU B 182 -16.34 -0.92 53.85
N LEU B 183 -16.34 -2.08 54.51
CA LEU B 183 -15.66 -3.28 53.95
C LEU B 183 -16.39 -3.78 52.71
N GLY B 184 -15.67 -4.55 51.90
CA GLY B 184 -16.26 -5.11 50.68
C GLY B 184 -16.44 -4.09 49.55
N PRO B 185 -17.46 -4.31 48.71
CA PRO B 185 -17.59 -3.50 47.49
C PRO B 185 -17.87 -2.01 47.76
N THR B 186 -18.38 -1.69 48.95
CA THR B 186 -18.69 -0.30 49.29
C THR B 186 -17.45 0.58 49.08
N TRP B 187 -16.30 0.15 49.60
CA TRP B 187 -15.06 0.93 49.54
C TRP B 187 -13.77 0.12 49.74
N ALA B 188 -13.73 -0.78 50.71
CA ALA B 188 -12.44 -1.40 51.06
C ALA B 188 -11.87 -2.26 49.94
N PHE B 189 -12.73 -2.97 49.22
CA PHE B 189 -12.29 -3.73 48.04
C PHE B 189 -11.53 -2.83 47.09
N GLY B 190 -12.04 -1.62 46.88
CA GLY B 190 -11.45 -0.70 45.90
C GLY B 190 -10.07 -0.19 46.32
N GLN B 191 -9.93 0.19 47.58
CA GLN B 191 -8.65 0.65 48.09
C GLN B 191 -7.61 -0.47 48.02
N GLU B 192 -8.02 -1.66 48.46
CA GLU B 192 -7.10 -2.81 48.51
C GLU B 192 -6.57 -3.10 47.12
N THR B 193 -7.48 -3.08 46.15
CA THR B 193 -7.15 -3.47 44.76
C THR B 193 -6.37 -2.40 44.01
N ALA B 194 -6.74 -1.13 44.21
CA ALA B 194 -6.00 -0.01 43.59
C ALA B 194 -4.54 -0.03 44.06
N VAL B 195 -4.34 -0.27 45.35
CA VAL B 195 -2.95 -0.26 45.90
C VAL B 195 -2.18 -1.48 45.41
N HIS B 196 -2.81 -2.65 45.38
CA HIS B 196 -2.12 -3.83 44.85
C HIS B 196 -1.63 -3.55 43.43
N ALA B 197 -2.53 -3.00 42.61
CA ALA B 197 -2.20 -2.65 41.23
C ALA B 197 -1.06 -1.63 41.13
N LEU B 198 -1.12 -0.60 41.98
CA LEU B 198 -0.11 0.44 41.99
C LEU B 198 1.26 -0.12 42.42
N ARG B 199 1.25 -1.06 43.37
CA ARG B 199 2.48 -1.78 43.76
C ARG B 199 3.10 -2.52 42.57
N LEU B 200 2.26 -3.19 41.79
CA LEU B 200 2.75 -3.81 40.55
C LEU B 200 3.40 -2.76 39.65
N GLY B 202 4.62 0.43 40.26
CA GLY B 202 5.86 1.03 40.79
C GLY B 202 7.06 0.10 40.92
N SER B 203 6.83 -1.22 40.92
CA SER B 203 7.91 -2.21 41.19
C SER B 203 8.87 -2.36 40.04
N GLY B 204 8.46 -1.88 38.87
CA GLY B 204 9.24 -2.07 37.66
C GLY B 204 8.92 -3.35 36.94
N LEU B 205 7.88 -4.06 37.37
CA LEU B 205 7.48 -5.32 36.73
C LEU B 205 7.24 -5.12 35.23
N PHE B 206 6.62 -3.99 34.86
CA PHE B 206 6.29 -3.76 33.46
C PHE B 206 7.44 -3.19 32.63
N ASP B 207 8.54 -2.81 33.28
CA ASP B 207 9.78 -2.57 32.56
C ASP B 207 10.33 -3.90 32.12
N LYS B 208 10.31 -4.88 33.03
CA LYS B 208 10.90 -6.17 32.74
C LYS B 208 10.02 -6.99 31.78
N TYR B 209 8.70 -6.92 31.96
CA TYR B 209 7.75 -7.65 31.11
C TYR B 209 6.71 -6.71 30.51
N PRO B 210 7.11 -5.91 29.49
CA PRO B 210 6.24 -4.82 29.00
C PRO B 210 4.97 -5.30 28.28
N ALA B 211 4.91 -6.56 27.88
CA ALA B 211 3.71 -7.04 27.17
C ALA B 211 2.59 -7.56 28.09
N LEU B 212 2.83 -7.59 29.41
CA LEU B 212 1.77 -8.02 30.37
C LEU B 212 0.46 -7.23 30.23
N LYS B 213 -0.65 -7.93 30.40
CA LYS B 213 -1.96 -7.28 30.44
C LYS B 213 -2.66 -7.58 31.77
N ILE B 214 -2.92 -6.52 32.53
CA ILE B 214 -3.63 -6.66 33.78
C ILE B 214 -5.04 -6.07 33.63
N ILE B 215 -6.03 -6.75 34.20
CA ILE B 215 -7.40 -6.28 34.14
C ILE B 215 -7.92 -5.96 35.53
N LEU B 216 -8.56 -4.80 35.67
CA LEU B 216 -9.20 -4.40 36.94
C LEU B 216 -10.67 -4.24 36.69
N GLY B 217 -11.49 -4.70 37.64
CA GLY B 217 -12.92 -4.44 37.60
C GLY B 217 -13.30 -3.08 38.14
N HIS B 218 -14.61 -2.84 38.27
CA HIS B 218 -15.13 -1.64 38.96
C HIS B 218 -14.56 -0.34 38.40
N GLY B 220 -11.64 0.37 37.34
CA GLY B 220 -10.28 0.69 37.79
C GLY B 220 -10.12 1.13 39.23
N GLU B 221 -11.13 0.86 40.07
CA GLU B 221 -11.01 0.99 41.53
C GLU B 221 -10.61 2.40 41.95
N GLY B 222 -11.16 3.40 41.28
CA GLY B 222 -10.83 4.80 41.58
C GLY B 222 -9.59 5.31 40.86
N LEU B 223 -8.82 4.43 40.23
CA LEU B 223 -7.53 4.90 39.70
C LEU B 223 -7.59 6.09 38.70
N PRO B 224 -8.50 6.06 37.70
CA PRO B 224 -8.41 7.13 36.71
C PRO B 224 -8.59 8.53 37.26
N TYR B 225 -9.40 8.66 38.31
CA TYR B 225 -9.75 9.95 38.88
C TYR B 225 -8.52 10.60 39.47
N SER B 226 -7.69 9.79 40.14
CA SER B 226 -6.53 10.33 40.87
C SER B 226 -5.19 10.06 40.16
N TRP B 228 -3.62 11.43 37.45
CA TRP B 228 -2.77 12.63 37.27
C TRP B 228 -2.02 12.92 38.57
N ARG B 229 -2.76 12.92 39.69
CA ARG B 229 -2.17 13.29 40.98
C ARG B 229 -1.07 12.32 41.46
N ILE B 230 -1.23 11.03 41.14
CA ILE B 230 -0.24 10.00 41.49
C ILE B 230 1.18 10.37 41.05
N ASP B 231 1.33 10.80 39.79
CA ASP B 231 2.63 11.21 39.26
C ASP B 231 2.97 12.68 39.48
N HIS B 232 1.97 13.55 39.35
CA HIS B 232 2.23 14.98 39.20
C HIS B 232 2.06 15.82 40.50
N ARG B 233 1.66 15.21 41.61
CA ARG B 233 1.62 15.95 42.89
C ARG B 233 2.98 16.60 43.16
N ASN B 234 2.93 17.81 43.72
CA ASN B 234 4.16 18.53 44.11
C ASN B 234 5.13 18.66 42.94
N ALA B 235 4.61 19.03 41.78
CA ALA B 235 5.39 19.05 40.53
C ALA B 235 6.56 20.01 40.53
N TRP B 236 6.51 21.08 41.34
CA TRP B 236 7.62 22.03 41.39
C TRP B 236 8.93 21.37 41.82
N ILE B 237 8.85 20.25 42.51
CA ILE B 237 10.01 19.47 42.92
C ILE B 237 10.51 18.69 41.70
N LYS B 238 11.76 18.89 41.34
CA LYS B 238 12.35 18.17 40.21
C LYS B 238 13.19 17.04 40.80
N THR B 239 12.70 15.81 40.69
CA THR B 239 13.34 14.67 41.34
C THR B 239 13.02 13.37 40.62
N THR B 240 13.75 12.30 40.92
CA THR B 240 13.41 10.97 40.40
C THR B 240 12.45 10.28 41.39
N PRO B 241 11.31 9.76 40.90
CA PRO B 241 10.40 9.06 41.81
C PRO B 241 11.11 7.93 42.57
N LYS B 242 10.71 7.69 43.80
CA LYS B 242 11.45 6.79 44.67
C LYS B 242 11.04 5.32 44.51
N TYR B 243 10.40 4.99 43.41
CA TYR B 243 10.09 3.60 43.19
C TYR B 243 11.04 3.00 42.17
N PRO B 244 11.15 1.66 42.12
CA PRO B 244 12.16 1.11 41.22
C PRO B 244 11.82 1.19 39.74
N ALA B 245 10.53 1.33 39.38
CA ALA B 245 10.16 1.45 37.96
C ALA B 245 10.81 2.68 37.30
N LYS B 246 11.08 2.58 36.00
CA LYS B 246 11.85 3.63 35.29
C LYS B 246 11.02 4.82 34.77
N ARG B 247 9.72 4.62 34.62
CA ARG B 247 8.85 5.63 33.98
C ARG B 247 7.76 6.11 34.94
N LYS B 248 6.83 6.92 34.45
CA LYS B 248 5.71 7.36 35.29
C LYS B 248 4.71 6.23 35.51
N ILE B 249 4.02 6.28 36.64
CA ILE B 249 2.99 5.28 36.94
C ILE B 249 1.94 5.26 35.82
N VAL B 250 1.53 6.45 35.37
CA VAL B 250 0.52 6.55 34.30
C VAL B 250 0.94 5.83 33.00
N ASP B 251 2.24 5.78 32.69
CA ASP B 251 2.69 5.05 31.48
C ASP B 251 2.34 3.58 31.55
N TYR B 252 2.52 2.98 32.71
CA TYR B 252 2.17 1.58 32.88
C TYR B 252 0.66 1.42 32.93
N PHE B 253 -0.02 2.39 33.53
CA PHE B 253 -1.49 2.32 33.55
C PHE B 253 -1.99 2.31 32.10
N ASN B 254 -1.47 3.22 31.28
CA ASN B 254 -1.96 3.37 29.89
C ASN B 254 -1.63 2.17 29.01
N GLU B 255 -0.47 1.53 29.27
CA GLU B 255 0.07 0.51 28.37
C GLU B 255 -0.26 -0.90 28.81
N ASN B 256 -0.42 -1.13 30.13
CA ASN B 256 -0.53 -2.51 30.64
C ASN B 256 -1.89 -2.85 31.26
N PHE B 257 -2.76 -1.85 31.41
CA PHE B 257 -4.04 -2.12 32.07
C PHE B 257 -5.28 -2.02 31.18
N TYR B 258 -6.28 -2.83 31.53
CA TYR B 258 -7.64 -2.74 31.04
C TYR B 258 -8.58 -2.59 32.22
N LEU B 259 -9.68 -1.88 32.01
CA LEU B 259 -10.68 -1.74 33.09
C LEU B 259 -12.00 -2.36 32.63
N THR B 260 -12.75 -2.98 33.55
CA THR B 260 -14.06 -3.43 33.19
C THR B 260 -15.14 -2.64 33.91
N THR B 261 -16.37 -2.74 33.43
CA THR B 261 -17.46 -1.95 33.98
C THR B 261 -18.11 -2.61 35.15
N SER B 262 -17.57 -3.72 35.63
CA SER B 262 -18.26 -4.51 36.65
C SER B 262 -18.60 -3.69 37.89
N GLY B 263 -19.85 -3.79 38.34
CA GLY B 263 -20.27 -3.18 39.60
C GLY B 263 -20.09 -1.67 39.70
N ASN B 264 -19.94 -0.98 38.56
CA ASN B 264 -19.77 0.47 38.56
C ASN B 264 -20.54 1.11 37.37
N PHE B 265 -21.87 0.97 37.45
CA PHE B 265 -22.76 1.30 36.34
C PHE B 265 -23.10 2.79 36.42
N ARG B 266 -22.09 3.61 36.16
CA ARG B 266 -22.21 5.05 36.36
C ARG B 266 -21.62 5.75 35.16
N THR B 267 -22.46 6.48 34.45
CA THR B 267 -22.05 7.15 33.20
C THR B 267 -20.97 8.19 33.40
N GLN B 268 -21.06 8.97 34.47
CA GLN B 268 -20.01 9.99 34.74
C GLN B 268 -18.64 9.30 34.90
N THR B 269 -18.63 8.18 35.61
CA THR B 269 -17.42 7.42 35.88
C THR B 269 -16.81 6.88 34.58
N LEU B 270 -17.67 6.29 33.74
CA LEU B 270 -17.26 5.81 32.42
C LEU B 270 -16.71 6.95 31.54
N ILE B 271 -17.36 8.12 31.54
CA ILE B 271 -16.82 9.24 30.73
C ILE B 271 -15.41 9.64 31.24
N ASP B 272 -15.25 9.77 32.55
CA ASP B 272 -13.92 10.06 33.11
C ASP B 272 -12.90 8.97 32.73
N ALA B 273 -13.27 7.70 32.83
CA ALA B 273 -12.33 6.64 32.37
C ALA B 273 -11.96 6.78 30.87
N ILE B 274 -12.97 7.04 30.03
CA ILE B 274 -12.75 7.27 28.60
C ILE B 274 -11.76 8.41 28.35
N LEU B 275 -11.92 9.51 29.07
CA LEU B 275 -11.05 10.66 28.91
C LEU B 275 -9.64 10.52 29.52
N GLU B 276 -9.42 9.42 30.25
CA GLU B 276 -8.14 9.16 30.94
C GLU B 276 -7.37 7.98 30.38
N ILE B 277 -8.07 6.89 30.07
CA ILE B 277 -7.42 5.68 29.55
C ILE B 277 -7.91 5.35 28.13
N GLY B 278 -9.06 5.88 27.74
CA GLY B 278 -9.56 5.66 26.35
C GLY B 278 -10.49 4.45 26.25
N ALA B 279 -11.49 4.52 25.36
CA ALA B 279 -12.49 3.44 25.25
C ALA B 279 -11.90 2.11 24.75
N ASP B 280 -10.73 2.15 24.12
CA ASP B 280 -10.09 0.90 23.64
C ASP B 280 -9.68 0.02 24.81
N ARG B 281 -9.57 0.60 26.00
CA ARG B 281 -9.08 -0.13 27.15
C ARG B 281 -10.17 -0.38 28.19
N ILE B 282 -11.42 -0.24 27.79
CA ILE B 282 -12.55 -0.46 28.70
C ILE B 282 -13.41 -1.60 28.19
N LEU B 283 -13.82 -2.47 29.11
CA LEU B 283 -14.51 -3.70 28.73
C LEU B 283 -15.78 -3.87 29.52
N PHE B 284 -16.84 -4.27 28.83
CA PHE B 284 -18.09 -4.64 29.51
C PHE B 284 -17.93 -5.84 30.47
N SER B 285 -18.49 -5.73 31.68
CA SER B 285 -18.61 -6.87 32.58
C SER B 285 -19.71 -6.56 33.56
N THR B 286 -20.23 -7.59 34.24
CA THR B 286 -21.39 -7.39 35.12
C THR B 286 -21.10 -7.56 36.63
N ASP B 287 -20.24 -8.51 36.96
CA ASP B 287 -20.10 -9.03 38.32
C ASP B 287 -21.28 -9.90 38.79
N TRP B 288 -21.99 -10.50 37.82
CA TRP B 288 -22.91 -11.58 38.14
C TRP B 288 -22.14 -12.67 38.93
N PRO B 289 -22.76 -13.21 39.99
CA PRO B 289 -24.15 -13.01 40.43
C PRO B 289 -24.30 -12.00 41.55
N PHE B 290 -23.22 -11.28 41.85
CA PHE B 290 -23.24 -10.27 42.90
C PHE B 290 -23.97 -9.02 42.47
N GLU B 291 -24.02 -8.79 41.14
CA GLU B 291 -24.82 -7.73 40.55
C GLU B 291 -25.69 -8.39 39.52
N ASN B 292 -26.86 -7.80 39.26
CA ASN B 292 -27.77 -8.35 38.28
C ASN B 292 -27.28 -8.13 36.86
N ILE B 293 -27.46 -9.13 36.01
CA ILE B 293 -27.23 -8.98 34.58
C ILE B 293 -28.15 -7.92 33.98
N ASP B 294 -29.42 -7.88 34.38
CA ASP B 294 -30.30 -6.92 33.75
C ASP B 294 -29.91 -5.47 34.03
N HIS B 295 -29.46 -5.18 35.25
CA HIS B 295 -29.06 -3.82 35.62
C HIS B 295 -27.83 -3.43 34.79
N ALA B 296 -26.87 -4.35 34.73
CA ALA B 296 -25.61 -4.07 34.03
C ALA B 296 -25.86 -3.78 32.55
N ALA B 297 -26.61 -4.66 31.90
CA ALA B 297 -26.87 -4.55 30.47
C ALA B 297 -27.73 -3.35 30.12
N ASP B 298 -28.75 -3.09 30.96
CA ASP B 298 -29.64 -1.95 30.70
C ASP B 298 -28.87 -0.64 30.84
N TRP B 299 -28.03 -0.51 31.87
CA TRP B 299 -27.23 0.71 32.01
C TRP B 299 -26.32 0.86 30.75
N PHE B 300 -25.65 -0.21 30.40
CA PHE B 300 -24.63 -0.11 29.35
C PHE B 300 -25.22 0.14 27.95
N GLU B 301 -26.41 -0.44 27.71
CA GLU B 301 -27.16 -0.22 26.50
C GLU B 301 -27.41 1.28 26.21
N ASN B 302 -27.67 2.04 27.27
CA ASN B 302 -28.08 3.44 27.15
C ASN B 302 -27.05 4.49 27.57
N THR B 303 -25.87 4.04 28.01
CA THR B 303 -24.89 5.01 28.53
C THR B 303 -24.44 5.99 27.42
N SER B 304 -23.99 7.18 27.84
CA SER B 304 -23.81 8.32 26.93
C SER B 304 -22.45 8.36 26.20
N ILE B 305 -22.25 7.40 25.29
CA ILE B 305 -21.00 7.24 24.50
C ILE B 305 -21.38 7.00 23.04
N SER B 306 -20.38 6.99 22.15
CA SER B 306 -20.63 6.78 20.73
C SER B 306 -21.01 5.33 20.52
N GLU B 307 -21.78 5.10 19.47
CA GLU B 307 -22.11 3.73 19.09
C GLU B 307 -20.86 2.92 18.71
N ALA B 308 -19.86 3.57 18.13
CA ALA B 308 -18.55 2.94 17.86
C ALA B 308 -17.93 2.38 19.14
N ASP B 309 -17.92 3.19 20.19
CA ASP B 309 -17.33 2.79 21.45
C ASP B 309 -18.21 1.82 22.22
N ARG B 310 -19.54 1.92 22.06
CA ARG B 310 -20.43 0.93 22.64
C ARG B 310 -20.11 -0.45 22.10
N LYS B 311 -19.88 -0.55 20.79
CA LYS B 311 -19.45 -1.83 20.18
C LYS B 311 -18.09 -2.32 20.68
N LYS B 312 -17.11 -1.41 20.75
CA LYS B 312 -15.78 -1.76 21.26
C LYS B 312 -15.84 -2.24 22.71
N ILE B 313 -16.46 -1.45 23.60
CA ILE B 313 -16.56 -1.84 25.02
C ILE B 313 -17.45 -3.10 25.22
N GLY B 314 -18.57 -3.14 24.47
CA GLY B 314 -19.48 -4.29 24.47
C GLY B 314 -18.87 -5.64 24.10
N TRP B 315 -18.03 -5.67 23.06
CA TRP B 315 -17.51 -6.94 22.54
C TRP B 315 -16.19 -6.82 21.76
N GLY B 316 -16.03 -5.74 20.99
CA GLY B 316 -14.88 -5.62 20.09
C GLY B 316 -13.54 -5.67 20.81
N ASN B 317 -13.43 -4.95 21.93
CA ASN B 317 -12.19 -4.92 22.71
C ASN B 317 -11.81 -6.30 23.28
N ALA B 318 -12.79 -7.00 23.87
CA ALA B 318 -12.60 -8.35 24.40
C ALA B 318 -12.23 -9.39 23.34
N GLN B 319 -12.91 -9.34 22.20
CA GLN B 319 -12.59 -10.18 21.05
C GLN B 319 -11.12 -10.09 20.66
N ASN B 320 -10.61 -8.87 20.55
CA ASN B 320 -9.21 -8.63 20.23
C ASN B 320 -8.31 -9.14 21.33
N LEU B 321 -8.64 -8.78 22.57
CA LEU B 321 -7.81 -9.11 23.71
C LEU B 321 -7.64 -10.61 23.88
N PHE B 322 -8.75 -11.35 23.74
CA PHE B 322 -8.77 -12.76 24.05
C PHE B 322 -8.66 -13.64 22.80
N LYS B 323 -8.45 -12.99 21.67
CA LYS B 323 -8.25 -13.66 20.37
C LYS B 323 -9.41 -14.63 20.06
N LEU B 324 -10.65 -14.15 20.21
CA LEU B 324 -11.84 -14.94 19.89
C LEU B 324 -12.32 -14.67 18.46
N ASN C 2 -40.45 15.63 41.40
CA ASN C 2 -41.60 16.52 41.30
C ASN C 2 -41.22 18.00 41.47
N GLY C 3 -42.17 18.88 41.18
CA GLY C 3 -41.91 20.28 41.27
C GLY C 3 -41.23 20.89 40.06
N LYS C 4 -41.08 20.17 38.93
CA LYS C 4 -40.44 20.77 37.74
C LYS C 4 -41.23 21.97 37.18
N ILE C 5 -40.52 22.92 36.59
CA ILE C 5 -41.14 24.01 35.83
C ILE C 5 -40.78 23.79 34.37
N ALA C 6 -41.78 23.87 33.50
CA ALA C 6 -41.52 23.66 32.08
C ALA C 6 -42.02 24.89 31.32
N LEU C 7 -41.26 25.40 30.35
CA LEU C 7 -41.62 26.69 29.76
C LEU C 7 -41.60 26.80 28.23
N GLU C 8 -41.60 25.65 27.56
CA GLU C 8 -41.89 25.67 26.12
C GLU C 8 -43.01 24.67 25.88
N GLU C 9 -44.22 25.09 26.27
CA GLU C 9 -45.36 24.21 26.41
C GLU C 9 -46.51 24.92 25.72
N HIS C 10 -47.00 24.33 24.63
CA HIS C 10 -47.79 25.07 23.67
C HIS C 10 -49.25 24.66 23.69
N PHE C 11 -50.09 25.59 23.27
CA PHE C 11 -51.51 25.35 23.04
C PHE C 11 -51.88 26.09 21.76
N ALA C 12 -53.04 25.78 21.17
CA ALA C 12 -53.60 26.60 20.10
C ALA C 12 -54.99 27.10 20.46
N THR C 13 -55.41 28.19 19.84
CA THR C 13 -56.83 28.55 19.85
C THR C 13 -57.44 27.97 18.57
N GLU C 14 -58.78 27.91 18.47
CA GLU C 14 -59.38 27.46 17.21
C GLU C 14 -58.84 28.33 16.05
N GLU C 15 -58.66 29.62 16.31
CA GLU C 15 -58.09 30.58 15.35
C GLU C 15 -56.67 30.26 14.83
N THR C 16 -55.77 29.79 15.70
CA THR C 16 -54.40 29.51 15.26
C THR C 16 -54.14 28.02 14.99
N LEU C 17 -55.12 27.17 15.27
CA LEU C 17 -54.93 25.72 15.22
C LEU C 17 -54.27 25.23 13.91
N ASP C 19 -52.32 26.37 11.85
CA ASP C 19 -50.87 26.58 11.75
C ASP C 19 -50.01 25.35 12.08
N SER C 20 -50.54 24.46 12.90
CA SER C 20 -49.80 23.29 13.34
C SER C 20 -50.07 22.08 12.45
N ALA C 21 -51.09 22.19 11.60
CA ALA C 21 -51.48 21.11 10.70
C ALA C 21 -50.33 20.86 9.74
N GLY C 22 -50.03 19.59 9.50
CA GLY C 22 -48.98 19.26 8.56
C GLY C 22 -47.61 19.45 9.14
N PHE C 23 -47.52 19.64 10.46
CA PHE C 23 -46.25 19.38 11.14
C PHE C 23 -46.09 17.90 11.46
N VAL C 24 -47.19 17.17 11.43
CA VAL C 24 -47.19 15.72 11.68
C VAL C 24 -47.92 15.06 10.54
N PRO C 25 -47.76 13.73 10.37
CA PRO C 25 -48.54 12.99 9.36
C PRO C 25 -50.04 13.12 9.61
N ASP C 26 -50.84 13.03 8.56
CA ASP C 26 -52.28 13.09 8.68
C ASP C 26 -52.83 12.17 9.77
N LYS C 27 -52.28 10.97 9.90
CA LYS C 27 -52.88 9.97 10.80
C LYS C 27 -52.76 10.44 12.27
N ASP C 28 -51.81 11.34 12.52
CA ASP C 28 -51.48 11.79 13.85
C ASP C 28 -52.08 13.15 14.17
N TRP C 29 -52.72 13.77 13.18
CA TRP C 29 -53.28 15.10 13.40
C TRP C 29 -54.40 15.10 14.48
N PRO C 30 -55.31 14.10 14.47
CA PRO C 30 -56.32 14.09 15.55
C PRO C 30 -55.69 14.14 16.94
N GLU C 31 -54.62 13.36 17.19
CA GLU C 31 -53.93 13.42 18.46
C GLU C 31 -53.29 14.79 18.71
N LEU C 32 -52.53 15.32 17.73
CA LEU C 32 -51.89 16.63 17.95
C LEU C 32 -52.90 17.75 18.19
N ARG C 33 -53.95 17.74 17.39
N ARG C 33 -53.97 17.74 17.39
CA ARG C 33 -55.05 18.68 17.49
CA ARG C 33 -55.05 18.70 17.53
C ARG C 33 -55.66 18.67 18.91
C ARG C 33 -55.63 18.67 18.94
N SER C 34 -55.98 17.48 19.41
CA SER C 34 -56.57 17.34 20.75
C SER C 34 -55.63 17.82 21.85
N ARG C 35 -54.34 17.51 21.72
CA ARG C 35 -53.33 18.03 22.67
C ARG C 35 -53.25 19.56 22.64
N LEU C 36 -53.20 20.14 21.44
CA LEU C 36 -53.06 21.61 21.31
C LEU C 36 -54.25 22.36 21.93
N LEU C 37 -55.43 21.78 21.78
CA LEU C 37 -56.65 22.41 22.27
C LEU C 37 -56.91 22.16 23.76
N ASP C 38 -56.33 21.10 24.32
CA ASP C 38 -56.54 20.78 25.73
C ASP C 38 -55.51 21.46 26.64
N ILE C 39 -56.00 22.31 27.56
CA ILE C 39 -55.18 22.96 28.57
C ILE C 39 -55.51 22.40 29.97
N GLN C 40 -56.81 22.28 30.27
CA GLN C 40 -57.28 22.03 31.64
C GLN C 40 -57.27 20.57 32.10
N ASP C 41 -57.32 19.64 31.17
CA ASP C 41 -57.73 18.29 31.55
C ASP C 41 -56.63 17.27 31.49
N ARG C 42 -56.47 16.59 30.35
CA ARG C 42 -55.38 15.63 30.22
C ARG C 42 -53.97 16.25 30.41
N ARG C 43 -53.77 17.48 29.94
CA ARG C 43 -52.47 18.13 30.09
C ARG C 43 -52.02 18.13 31.58
N VAL C 44 -52.94 18.52 32.46
CA VAL C 44 -52.63 18.56 33.90
C VAL C 44 -52.43 17.17 34.54
N ARG C 45 -53.19 16.18 34.10
N ARG C 45 -53.20 16.19 34.06
CA ARG C 45 -52.97 14.81 34.56
CA ARG C 45 -53.03 14.79 34.42
C ARG C 45 -51.56 14.32 34.16
C ARG C 45 -51.59 14.34 34.15
N LEU C 46 -51.12 14.62 32.92
CA LEU C 46 -49.75 14.27 32.49
C LEU C 46 -48.69 15.01 33.31
N ASP C 48 -49.09 15.95 36.41
CA ASP C 48 -49.13 15.23 37.69
C ASP C 48 -48.41 13.90 37.62
N GLU C 49 -48.52 13.21 36.50
CA GLU C 49 -47.89 11.89 36.38
C GLU C 49 -46.38 11.99 36.11
N HIS C 50 -45.90 13.15 35.68
CA HIS C 50 -44.50 13.28 35.28
C HIS C 50 -43.77 14.40 36.01
N GLY C 51 -44.28 14.71 37.20
CA GLY C 51 -43.61 15.60 38.15
C GLY C 51 -43.37 17.01 37.61
N ILE C 52 -44.34 17.55 36.89
CA ILE C 52 -44.27 18.96 36.47
C ILE C 52 -45.28 19.74 37.30
N GLU C 53 -44.80 20.71 38.07
CA GLU C 53 -45.68 21.54 38.89
C GLU C 53 -46.28 22.71 38.09
N THR C 54 -45.47 23.31 37.25
CA THR C 54 -45.90 24.51 36.52
C THR C 54 -45.51 24.45 35.06
N ILE C 56 -45.34 26.99 31.96
CA ILE C 56 -45.50 28.35 31.42
C ILE C 56 -45.96 28.18 29.97
N LEU C 57 -47.21 28.58 29.70
CA LEU C 57 -47.84 28.33 28.40
C LEU C 57 -47.58 29.38 27.30
N SER C 58 -47.54 28.91 26.05
CA SER C 58 -47.40 29.82 24.93
C SER C 58 -48.13 29.30 23.73
N LEU C 59 -48.61 30.24 22.93
CA LEU C 59 -49.31 29.97 21.69
C LEU C 59 -48.43 29.17 20.69
N ASN C 60 -49.09 28.50 19.74
CA ASN C 60 -48.36 27.69 18.75
C ASN C 60 -47.74 28.60 17.66
N ALA C 61 -47.38 28.02 16.52
CA ALA C 61 -46.41 28.65 15.61
C ALA C 61 -46.75 28.42 14.15
N PRO C 62 -46.46 29.39 13.27
CA PRO C 62 -45.86 30.72 13.57
C PRO C 62 -46.90 31.69 14.15
N ALA C 63 -48.17 31.32 14.05
CA ALA C 63 -49.26 32.11 14.62
C ALA C 63 -49.13 33.61 14.27
N VAL C 64 -48.95 34.49 15.25
CA VAL C 64 -48.97 35.95 15.02
C VAL C 64 -47.87 36.42 14.07
N GLN C 65 -46.73 35.74 14.09
CA GLN C 65 -45.62 36.08 13.20
C GLN C 65 -45.90 35.93 11.69
N ALA C 66 -46.95 35.17 11.35
CA ALA C 66 -47.39 35.03 9.97
C ALA C 66 -48.64 35.85 9.61
N ILE C 67 -49.13 36.70 10.50
CA ILE C 67 -50.27 37.54 10.16
C ILE C 67 -49.74 38.86 9.60
N ALA C 68 -49.84 39.04 8.29
CA ALA C 68 -49.03 40.05 7.63
C ALA C 68 -49.65 41.44 7.69
N ASP C 69 -50.94 41.50 8.01
CA ASP C 69 -51.60 42.77 8.32
C ASP C 69 -51.44 43.07 9.82
N SER C 70 -50.63 44.08 10.13
CA SER C 70 -50.24 44.35 11.52
C SER C 70 -51.44 44.65 12.41
N THR C 71 -52.47 45.27 11.82
CA THR C 71 -53.69 45.54 12.57
C THR C 71 -54.32 44.22 13.01
N ARG C 72 -54.38 43.24 12.10
CA ARG C 72 -54.99 41.92 12.37
C ARG C 72 -54.08 41.09 13.28
N ALA C 73 -52.77 41.23 13.12
CA ALA C 73 -51.82 40.56 13.99
C ALA C 73 -52.04 40.99 15.44
N ASN C 74 -52.20 42.29 15.67
CA ASN C 74 -52.49 42.81 16.99
C ASN C 74 -53.82 42.28 17.55
N GLU C 75 -54.86 42.24 16.70
CA GLU C 75 -56.18 41.75 17.13
C GLU C 75 -56.08 40.28 17.54
N THR C 76 -55.37 39.47 16.75
CA THR C 76 -55.17 38.07 17.07
C THR C 76 -54.35 37.90 18.35
N ALA C 77 -53.28 38.68 18.50
CA ALA C 77 -52.43 38.56 19.69
C ALA C 77 -53.29 38.82 20.94
N ARG C 78 -54.10 39.88 20.88
CA ARG C 78 -54.96 40.30 21.99
C ARG C 78 -56.00 39.25 22.38
N ARG C 79 -56.64 38.66 21.38
CA ARG C 79 -57.59 37.57 21.64
C ARG C 79 -56.90 36.35 22.25
N ALA C 80 -55.74 35.98 21.73
CA ALA C 80 -55.00 34.82 22.23
C ALA C 80 -54.46 35.04 23.63
N ASN C 81 -53.99 36.25 23.91
CA ASN C 81 -53.55 36.58 25.26
C ASN C 81 -54.70 36.58 26.28
N ASP C 82 -55.84 37.16 25.92
CA ASP C 82 -57.01 37.18 26.81
C ASP C 82 -57.50 35.74 27.10
N PHE C 83 -57.55 34.91 26.06
CA PHE C 83 -57.88 33.50 26.23
C PHE C 83 -56.90 32.82 27.18
N LEU C 84 -55.60 33.02 26.92
CA LEU C 84 -54.58 32.39 27.76
C LEU C 84 -54.74 32.78 29.23
N ALA C 85 -54.94 34.09 29.47
CA ALA C 85 -55.10 34.60 30.83
C ALA C 85 -56.32 33.96 31.50
N GLU C 86 -57.41 33.79 30.75
CA GLU C 86 -58.60 33.09 31.25
C GLU C 86 -58.30 31.65 31.64
N GLN C 87 -57.50 30.97 30.83
CA GLN C 87 -57.17 29.56 31.07
C GLN C 87 -56.22 29.44 32.24
N VAL C 88 -55.24 30.33 32.31
CA VAL C 88 -54.36 30.37 33.46
C VAL C 88 -55.18 30.53 34.75
N ALA C 89 -56.16 31.42 34.74
CA ALA C 89 -56.96 31.74 35.95
C ALA C 89 -57.75 30.55 36.51
N LYS C 90 -58.03 29.56 35.68
CA LYS C 90 -58.75 28.38 36.14
C LYS C 90 -57.91 27.45 37.03
N GLN C 91 -56.60 27.42 36.81
CA GLN C 91 -55.68 26.63 37.62
C GLN C 91 -54.41 27.42 37.86
N PRO C 92 -54.52 28.49 38.68
CA PRO C 92 -53.40 29.44 38.77
C PRO C 92 -52.10 28.90 39.40
N THR C 93 -52.17 27.81 40.16
CA THR C 93 -50.96 27.22 40.76
C THR C 93 -50.17 26.38 39.77
N ARG C 94 -50.81 26.01 38.66
CA ARG C 94 -50.20 25.07 37.72
C ARG C 94 -49.73 25.72 36.41
N PHE C 95 -50.12 26.97 36.17
CA PHE C 95 -49.84 27.63 34.88
C PHE C 95 -49.37 29.07 35.05
N ARG C 96 -48.54 29.54 34.12
CA ARG C 96 -48.30 30.96 33.86
C ARG C 96 -48.38 31.13 32.34
N GLY C 97 -48.45 32.38 31.88
CA GLY C 97 -48.46 32.65 30.45
C GLY C 97 -47.26 33.45 29.93
N PHE C 98 -46.86 33.14 28.69
CA PHE C 98 -46.03 34.02 27.88
C PHE C 98 -46.95 34.78 26.88
N ALA C 99 -46.63 36.05 26.63
CA ALA C 99 -47.37 36.86 25.68
C ALA C 99 -47.09 36.44 24.24
N ALA C 100 -48.14 36.38 23.43
CA ALA C 100 -48.02 36.44 21.97
C ALA C 100 -48.00 37.92 21.57
N LEU C 101 -47.15 38.28 20.63
CA LEU C 101 -46.92 39.70 20.35
C LEU C 101 -46.95 40.02 18.85
N PRO C 102 -47.60 41.15 18.48
CA PRO C 102 -47.61 41.60 17.09
C PRO C 102 -46.30 42.34 16.73
N GLN C 104 -44.81 42.74 14.12
CA GLN C 104 -44.89 43.50 12.88
C GLN C 104 -44.71 44.99 13.16
N ASP C 105 -45.25 45.44 14.29
CA ASP C 105 -45.29 46.84 14.64
C ASP C 105 -44.68 47.00 16.05
N PRO C 106 -43.48 47.62 16.14
CA PRO C 106 -42.81 47.69 17.44
C PRO C 106 -43.62 48.37 18.56
N GLU C 107 -44.35 49.44 18.24
CA GLU C 107 -45.14 50.12 19.24
C GLU C 107 -46.31 49.26 19.73
N LEU C 108 -47.01 48.61 18.79
CA LEU C 108 -48.11 47.70 19.16
C LEU C 108 -47.61 46.54 20.05
N ALA C 109 -46.42 46.05 19.74
CA ALA C 109 -45.85 44.89 20.45
C ALA C 109 -45.47 45.29 21.88
N ALA C 110 -44.88 46.47 22.02
CA ALA C 110 -44.47 46.98 23.30
C ALA C 110 -45.72 47.23 24.16
N ARG C 111 -46.72 47.88 23.58
CA ARG C 111 -47.98 48.11 24.29
C ARG C 111 -48.63 46.79 24.75
N GLU C 112 -48.67 45.79 23.87
CA GLU C 112 -49.28 44.52 24.20
C GLU C 112 -48.49 43.75 25.27
N LEU C 113 -47.16 43.79 25.19
CA LEU C 113 -46.32 43.20 26.24
C LEU C 113 -46.59 43.86 27.60
N GLU C 114 -46.68 45.19 27.64
CA GLU C 114 -47.03 45.90 28.85
C GLU C 114 -48.38 45.44 29.42
N ARG C 115 -49.40 45.35 28.57
CA ARG C 115 -50.72 44.94 29.02
C ARG C 115 -50.68 43.51 29.60
N CYS C 116 -50.02 42.62 28.89
CA CYS C 116 -49.84 41.22 29.32
C CYS C 116 -49.09 41.12 30.66
N VAL C 117 -48.02 41.90 30.83
CA VAL C 117 -47.28 41.81 32.08
C VAL C 117 -48.07 42.45 33.23
N LYS C 118 -48.47 43.71 33.06
CA LYS C 118 -49.10 44.50 34.12
C LYS C 118 -50.57 44.14 34.40
N GLU C 119 -51.36 43.85 33.37
CA GLU C 119 -52.79 43.56 33.56
C GLU C 119 -53.07 42.07 33.63
N LEU C 120 -52.33 41.26 32.87
CA LEU C 120 -52.61 39.82 32.79
C LEU C 120 -51.72 38.93 33.65
N GLY C 121 -50.63 39.48 34.20
CA GLY C 121 -49.72 38.70 35.06
C GLY C 121 -48.83 37.75 34.27
N PHE C 122 -48.60 38.04 32.99
CA PHE C 122 -47.71 37.19 32.17
C PHE C 122 -46.25 37.43 32.53
N VAL C 123 -45.41 36.44 32.28
CA VAL C 123 -44.08 36.44 32.87
C VAL C 123 -42.96 36.53 31.81
N GLY C 124 -43.33 36.85 30.58
CA GLY C 124 -42.37 36.95 29.48
C GLY C 124 -43.13 36.92 28.17
N ALA C 125 -42.42 36.80 27.06
CA ALA C 125 -43.07 36.75 25.75
C ALA C 125 -42.45 35.59 24.98
N LEU C 126 -43.22 35.02 24.06
CA LEU C 126 -42.66 34.02 23.16
C LEU C 126 -43.03 34.40 21.73
N VAL C 127 -42.01 34.45 20.87
CA VAL C 127 -42.17 34.88 19.48
C VAL C 127 -41.51 33.88 18.55
N ASN C 128 -42.22 33.52 17.47
CA ASN C 128 -41.75 32.51 16.53
C ASN C 128 -40.91 33.10 15.39
N GLY C 129 -39.71 33.54 15.73
CA GLY C 129 -38.76 34.06 14.77
C GLY C 129 -39.24 35.34 14.10
N PHE C 130 -38.75 35.53 12.87
CA PHE C 130 -39.01 36.75 12.09
C PHE C 130 -40.49 36.94 11.83
N SER C 131 -40.86 38.19 11.52
CA SER C 131 -42.27 38.50 11.23
C SER C 131 -42.48 38.78 9.75
N GLN C 132 -43.67 38.44 9.26
CA GLN C 132 -44.12 38.94 7.97
C GLN C 132 -45.03 40.15 8.19
N ASP C 133 -44.82 41.18 7.38
CA ASP C 133 -45.61 42.41 7.46
C ASP C 133 -45.75 42.91 6.03
N ASN C 134 -47.00 43.12 5.60
CA ASN C 134 -47.29 43.51 4.21
C ASN C 134 -46.53 44.75 3.75
N ARG C 135 -46.23 45.61 4.72
CA ARG C 135 -45.58 46.90 4.48
C ARG C 135 -44.10 46.73 4.14
N SER C 136 -43.52 45.59 4.52
CA SER C 136 -42.10 45.32 4.33
C SER C 136 -41.87 44.29 3.24
N ALA C 137 -41.06 44.67 2.24
CA ALA C 137 -40.59 43.76 1.19
C ALA C 137 -39.80 42.60 1.75
N VAL C 138 -39.22 42.78 2.93
CA VAL C 138 -38.34 41.79 3.53
C VAL C 138 -38.87 41.32 4.89
N PRO C 139 -38.50 40.08 5.31
CA PRO C 139 -38.88 39.61 6.64
C PRO C 139 -38.25 40.49 7.69
N LEU C 140 -38.94 40.65 8.82
CA LEU C 140 -38.49 41.51 9.88
C LEU C 140 -37.79 40.72 10.98
N TYR C 141 -36.56 41.10 11.25
CA TYR C 141 -35.72 40.49 12.29
C TYR C 141 -35.51 41.50 13.40
N TYR C 142 -35.38 41.04 14.63
CA TYR C 142 -35.52 41.95 15.78
C TYR C 142 -34.23 42.66 16.19
N ASP C 143 -33.16 42.47 15.43
CA ASP C 143 -31.96 43.28 15.57
C ASP C 143 -32.10 44.64 14.87
N ALA C 145 -33.10 48.38 13.79
CA ALA C 145 -33.20 49.58 14.67
C ALA C 145 -34.62 49.89 15.15
N GLN C 146 -35.63 49.63 14.33
N GLN C 146 -35.62 49.61 14.33
CA GLN C 146 -36.99 49.95 14.74
CA GLN C 146 -37.01 49.88 14.68
C GLN C 146 -37.39 49.18 16.00
C GLN C 146 -37.43 49.13 15.95
N TYR C 147 -36.71 48.06 16.29
CA TYR C 147 -37.03 47.26 17.48
C TYR C 147 -36.39 47.76 18.79
N TRP C 148 -35.40 48.64 18.69
CA TRP C 148 -34.70 49.10 19.89
C TRP C 148 -35.65 49.69 20.95
N PRO C 149 -36.63 50.54 20.55
CA PRO C 149 -37.58 51.00 21.58
C PRO C 149 -38.45 49.90 22.18
N PHE C 150 -38.72 48.84 21.42
CA PHE C 150 -39.42 47.66 21.98
C PHE C 150 -38.55 46.93 23.02
N TRP C 151 -37.26 46.74 22.70
CA TRP C 151 -36.34 46.08 23.63
C TRP C 151 -36.16 46.93 24.89
N GLU C 152 -36.17 48.25 24.73
CA GLU C 152 -36.19 49.13 25.90
C GLU C 152 -37.35 48.80 26.84
N THR C 153 -38.51 48.44 26.29
CA THR C 153 -39.69 48.12 27.12
C THR C 153 -39.53 46.73 27.75
N VAL C 154 -39.01 45.78 26.99
CA VAL C 154 -38.72 44.46 27.55
C VAL C 154 -37.83 44.61 28.81
N GLN C 155 -36.75 45.39 28.68
CA GLN C 155 -35.78 45.55 29.78
C GLN C 155 -36.45 46.27 30.96
N ALA C 156 -37.24 47.31 30.66
CA ALA C 156 -37.96 48.07 31.68
C ALA C 156 -38.91 47.16 32.45
N LEU C 157 -39.63 46.29 31.74
CA LEU C 157 -40.53 45.32 32.39
C LEU C 157 -39.76 44.21 33.10
N ASP C 158 -38.56 43.92 32.62
CA ASP C 158 -37.70 42.91 33.24
C ASP C 158 -38.33 41.50 33.18
N VAL C 159 -38.77 41.14 31.97
CA VAL C 159 -39.29 39.79 31.70
C VAL C 159 -38.51 39.25 30.51
N PRO C 160 -38.29 37.91 30.46
CA PRO C 160 -37.54 37.30 29.35
C PRO C 160 -38.32 37.24 28.04
N PHE C 161 -37.57 37.14 26.94
CA PHE C 161 -38.15 37.00 25.59
C PHE C 161 -37.66 35.67 25.03
N TYR C 162 -38.60 34.75 24.75
CA TYR C 162 -38.27 33.43 24.25
C TYR C 162 -38.28 33.47 22.71
N LEU C 163 -37.13 33.26 22.09
CA LEU C 163 -37.05 33.28 20.64
C LEU C 163 -37.20 31.87 20.12
N HIS C 164 -38.41 31.60 19.62
CA HIS C 164 -38.80 30.26 19.20
C HIS C 164 -38.62 30.20 17.67
N PRO C 165 -38.49 28.99 17.10
CA PRO C 165 -38.30 28.89 15.64
C PRO C 165 -39.51 29.13 14.77
N ARG C 166 -39.24 29.42 13.50
CA ARG C 166 -40.14 29.15 12.38
C ARG C 166 -39.21 28.76 11.24
N ASN C 167 -39.78 28.19 10.20
CA ASN C 167 -39.02 27.92 8.98
C ASN C 167 -38.60 29.17 8.20
N PRO C 168 -37.46 29.09 7.50
CA PRO C 168 -37.16 30.15 6.54
C PRO C 168 -38.28 30.27 5.50
N LEU C 169 -38.47 31.46 4.95
CA LEU C 169 -39.36 31.64 3.79
C LEU C 169 -38.84 30.80 2.62
N PRO C 170 -39.76 30.27 1.78
CA PRO C 170 -39.31 29.46 0.65
C PRO C 170 -38.16 30.06 -0.17
N SER C 171 -38.17 31.36 -0.42
CA SER C 171 -37.09 31.96 -1.24
C SER C 171 -35.75 32.00 -0.52
N ASP C 172 -35.77 31.85 0.80
CA ASP C 172 -34.54 31.76 1.59
C ASP C 172 -34.27 30.32 2.00
N ALA C 173 -34.85 29.37 1.26
CA ALA C 173 -34.80 27.95 1.64
C ALA C 173 -34.44 27.05 0.47
N ARG C 174 -33.84 27.61 -0.59
CA ARG C 174 -33.51 26.82 -1.76
C ARG C 174 -32.57 25.64 -1.45
N ILE C 175 -31.74 25.76 -0.41
CA ILE C 175 -30.81 24.68 -0.04
C ILE C 175 -31.59 23.41 0.38
N TYR C 176 -32.84 23.59 0.80
CA TYR C 176 -33.68 22.50 1.22
C TYR C 176 -34.64 22.01 0.12
N ASP C 177 -34.58 22.63 -1.07
CA ASP C 177 -35.43 22.23 -2.19
C ASP C 177 -35.17 20.79 -2.57
N GLY C 178 -36.23 20.01 -2.65
CA GLY C 178 -36.08 18.57 -2.90
C GLY C 178 -35.74 17.75 -1.66
N HIS C 179 -35.64 18.44 -0.51
CA HIS C 179 -35.18 17.88 0.75
C HIS C 179 -36.01 18.44 1.88
N ALA C 180 -37.33 18.42 1.70
CA ALA C 180 -38.25 18.99 2.69
C ALA C 180 -38.10 18.32 4.06
N TRP C 181 -37.52 17.12 4.07
CA TRP C 181 -37.31 16.39 5.34
C TRP C 181 -36.43 17.20 6.30
N LEU C 182 -35.64 18.13 5.75
CA LEU C 182 -34.70 18.96 6.54
C LEU C 182 -35.35 20.21 7.14
N LEU C 183 -36.54 20.56 6.64
CA LEU C 183 -37.27 21.67 7.23
C LEU C 183 -37.83 21.29 8.60
N GLY C 184 -38.18 22.30 9.39
CA GLY C 184 -38.81 22.06 10.68
C GLY C 184 -37.77 21.66 11.71
N PRO C 185 -38.20 20.90 12.73
CA PRO C 185 -37.30 20.55 13.85
C PRO C 185 -36.06 19.76 13.44
N THR C 186 -36.11 18.97 12.35
CA THR C 186 -34.91 18.24 11.91
C THR C 186 -33.65 19.09 11.85
N TRP C 187 -33.76 20.29 11.30
CA TRP C 187 -32.56 21.14 11.06
C TRP C 187 -32.86 22.60 10.80
N ALA C 188 -33.77 22.88 9.86
CA ALA C 188 -34.00 24.26 9.43
C ALA C 188 -34.42 25.21 10.55
N PHE C 189 -35.24 24.72 11.49
CA PHE C 189 -35.64 25.53 12.66
C PHE C 189 -34.40 26.02 13.41
N GLY C 190 -33.43 25.11 13.56
CA GLY C 190 -32.22 25.37 14.37
C GLY C 190 -31.38 26.45 13.73
N GLN C 191 -31.15 26.31 12.43
CA GLN C 191 -30.33 27.28 11.68
C GLN C 191 -30.95 28.67 11.70
N GLU C 192 -32.26 28.71 11.43
CA GLU C 192 -32.97 29.98 11.35
C GLU C 192 -32.89 30.68 12.71
N THR C 193 -33.09 29.91 13.78
CA THR C 193 -33.13 30.49 15.12
C THR C 193 -31.73 30.87 15.65
N ALA C 194 -30.74 30.00 15.44
CA ALA C 194 -29.35 30.33 15.82
C ALA C 194 -28.93 31.63 15.15
N VAL C 195 -29.25 31.79 13.86
CA VAL C 195 -28.80 32.99 13.17
C VAL C 195 -29.55 34.24 13.64
N HIS C 196 -30.85 34.11 13.91
CA HIS C 196 -31.62 35.26 14.39
C HIS C 196 -31.00 35.68 15.73
N ALA C 197 -30.69 34.71 16.60
CA ALA C 197 -30.10 35.02 17.90
C ALA C 197 -28.72 35.69 17.77
N LEU C 198 -27.92 35.23 16.81
CA LEU C 198 -26.60 35.82 16.56
C LEU C 198 -26.71 37.23 16.02
N ARG C 199 -27.71 37.46 15.16
CA ARG C 199 -27.98 38.81 14.68
C ARG C 199 -28.27 39.74 15.84
N LEU C 200 -29.08 39.33 16.81
CA LEU C 200 -29.27 40.19 18.01
C LEU C 200 -27.93 40.48 18.71
N GLY C 202 -24.68 40.33 17.62
CA GLY C 202 -23.77 41.20 16.85
C GLY C 202 -24.23 42.63 16.64
N SER C 203 -25.53 42.89 16.81
CA SER C 203 -26.09 44.21 16.54
C SER C 203 -25.72 45.26 17.59
N GLY C 204 -25.28 44.82 18.77
CA GLY C 204 -25.00 45.78 19.84
C GLY C 204 -26.19 46.02 20.75
N LEU C 205 -27.28 45.29 20.52
CA LEU C 205 -28.50 45.43 21.35
C LEU C 205 -28.21 45.27 22.85
N PHE C 206 -27.33 44.34 23.17
CA PHE C 206 -27.01 44.00 24.57
C PHE C 206 -25.98 44.92 25.21
N ASP C 207 -25.32 45.73 24.39
CA ASP C 207 -24.53 46.86 24.89
C ASP C 207 -25.50 47.94 25.34
N LYS C 208 -26.50 48.20 24.52
CA LYS C 208 -27.47 49.24 24.84
C LYS C 208 -28.42 48.84 25.98
N TYR C 209 -28.88 47.58 25.98
CA TYR C 209 -29.77 47.04 27.01
C TYR C 209 -29.17 45.79 27.65
N PRO C 210 -28.18 45.97 28.54
CA PRO C 210 -27.44 44.81 29.06
C PRO C 210 -28.21 43.85 29.97
N ALA C 211 -29.35 44.26 30.50
CA ALA C 211 -30.11 43.42 31.42
C ALA C 211 -31.13 42.50 30.71
N LEU C 212 -31.22 42.58 29.38
CA LEU C 212 -32.14 41.70 28.63
C LEU C 212 -31.85 40.20 28.84
N LYS C 213 -32.92 39.41 28.85
CA LYS C 213 -32.80 37.96 28.95
C LYS C 213 -33.53 37.32 27.79
N ILE C 214 -32.76 36.58 26.99
CA ILE C 214 -33.32 35.90 25.81
C ILE C 214 -33.25 34.41 26.08
N ILE C 215 -34.32 33.70 25.77
CA ILE C 215 -34.36 32.25 25.96
C ILE C 215 -34.42 31.53 24.58
N LEU C 216 -33.66 30.45 24.46
CA LEU C 216 -33.67 29.64 23.25
C LEU C 216 -34.03 28.24 23.69
N GLY C 217 -34.87 27.57 22.91
CA GLY C 217 -35.11 26.15 23.16
C GLY C 217 -34.08 25.25 22.49
N HIS C 218 -34.30 23.93 22.53
CA HIS C 218 -33.48 22.97 21.76
C HIS C 218 -32.00 23.02 22.09
N GLY C 220 -30.19 25.58 22.74
CA GLY C 220 -29.49 26.67 22.04
C GLY C 220 -29.25 26.46 20.54
N GLU C 221 -30.01 25.58 19.90
CA GLU C 221 -29.98 25.46 18.44
C GLU C 221 -28.56 25.31 17.87
N GLY C 222 -27.74 24.46 18.48
CA GLY C 222 -26.39 24.25 18.01
C GLY C 222 -25.32 25.23 18.49
N LEU C 223 -25.75 26.32 19.11
CA LEU C 223 -24.82 27.41 19.38
C LEU C 223 -23.63 27.04 20.30
N PRO C 224 -23.87 26.33 21.42
CA PRO C 224 -22.72 26.03 22.33
C PRO C 224 -21.55 25.31 21.65
N TYR C 225 -21.83 24.37 20.74
CA TYR C 225 -20.81 23.52 20.11
C TYR C 225 -19.87 24.36 19.24
N SER C 226 -20.39 25.42 18.64
CA SER C 226 -19.65 26.21 17.66
C SER C 226 -19.34 27.61 18.18
N TRP C 228 -17.12 28.79 20.47
CA TRP C 228 -15.69 29.14 20.40
C TRP C 228 -15.30 29.59 19.01
N ARG C 229 -15.73 28.84 17.99
CA ARG C 229 -15.35 29.14 16.60
C ARG C 229 -15.93 30.48 16.14
N ILE C 230 -17.14 30.80 16.57
CA ILE C 230 -17.77 32.09 16.19
C ILE C 230 -16.87 33.30 16.40
N ASP C 231 -16.27 33.40 17.58
CA ASP C 231 -15.35 34.51 17.88
C ASP C 231 -13.90 34.22 17.49
N HIS C 232 -13.47 32.97 17.58
CA HIS C 232 -12.02 32.69 17.64
C HIS C 232 -11.42 32.15 16.34
N ARG C 233 -12.27 31.97 15.33
CA ARG C 233 -11.79 31.52 14.01
C ARG C 233 -10.71 32.46 13.54
N ASN C 234 -9.69 31.94 12.85
CA ASN C 234 -8.59 32.76 12.33
C ASN C 234 -8.02 33.71 13.37
N ALA C 235 -7.75 33.17 14.57
CA ALA C 235 -7.22 33.95 15.72
C ALA C 235 -5.89 34.67 15.47
N TRP C 236 -5.12 34.21 14.47
CA TRP C 236 -3.85 34.90 14.22
C TRP C 236 -4.06 36.35 13.78
N ILE C 237 -5.22 36.62 13.17
CA ILE C 237 -5.63 37.97 12.75
C ILE C 237 -6.00 38.81 13.97
N LYS C 238 -5.27 39.89 14.18
CA LYS C 238 -5.62 40.84 15.23
C LYS C 238 -6.40 41.97 14.57
N THR C 239 -7.71 41.99 14.83
CA THR C 239 -8.61 42.94 14.21
C THR C 239 -9.81 43.18 15.13
N THR C 240 -10.53 44.28 14.88
CA THR C 240 -11.80 44.53 15.53
C THR C 240 -12.90 43.83 14.69
N PRO C 241 -13.73 43.01 15.36
CA PRO C 241 -14.80 42.29 14.64
C PRO C 241 -15.72 43.28 13.90
N LYS C 242 -16.21 42.91 12.71
CA LYS C 242 -16.93 43.84 11.81
C LYS C 242 -18.44 43.91 12.08
N TYR C 243 -18.82 43.79 13.34
CA TYR C 243 -20.20 43.98 13.73
C TYR C 243 -20.25 45.19 14.65
N PRO C 244 -21.44 45.78 14.87
CA PRO C 244 -21.48 46.98 15.70
C PRO C 244 -21.30 46.71 17.20
N ALA C 245 -21.60 45.49 17.67
CA ALA C 245 -21.46 45.24 19.10
C ALA C 245 -20.01 45.46 19.53
N LYS C 246 -19.82 45.82 20.79
CA LYS C 246 -18.48 46.20 21.28
C LYS C 246 -17.67 45.04 21.82
N ARG C 247 -18.32 43.92 22.14
CA ARG C 247 -17.56 42.83 22.79
C ARG C 247 -17.61 41.57 21.93
N LYS C 248 -17.13 40.45 22.46
N LYS C 248 -17.10 40.45 22.42
CA LYS C 248 -17.21 39.16 21.77
CA LYS C 248 -17.18 39.19 21.69
C LYS C 248 -18.64 38.65 21.82
C LYS C 248 -18.57 38.60 21.82
N ILE C 249 -19.03 37.89 20.79
CA ILE C 249 -20.35 37.28 20.77
C ILE C 249 -20.60 36.41 21.99
N VAL C 250 -19.58 35.64 22.39
CA VAL C 250 -19.74 34.74 23.55
C VAL C 250 -20.02 35.51 24.86
N ASP C 251 -19.58 36.77 24.95
CA ASP C 251 -19.88 37.61 26.13
C ASP C 251 -21.40 37.81 26.27
N TYR C 252 -22.09 38.08 25.17
CA TYR C 252 -23.55 38.26 25.21
C TYR C 252 -24.28 36.91 25.34
N PHE C 253 -23.71 35.86 24.79
CA PHE C 253 -24.33 34.53 24.94
C PHE C 253 -24.31 34.16 26.43
N ASN C 254 -23.15 34.33 27.06
CA ASN C 254 -22.97 34.04 28.48
C ASN C 254 -23.81 34.90 29.41
N GLU C 255 -24.01 36.16 29.06
CA GLU C 255 -24.60 37.16 29.97
C GLU C 255 -26.09 37.39 29.74
N ASN C 256 -26.55 37.12 28.52
CA ASN C 256 -27.91 37.49 28.14
C ASN C 256 -28.81 36.33 27.72
N PHE C 257 -28.25 35.12 27.63
CA PHE C 257 -29.04 34.00 27.10
C PHE C 257 -29.28 32.88 28.13
N TYR C 258 -30.43 32.20 27.99
CA TYR C 258 -30.76 30.94 28.68
C TYR C 258 -31.14 29.91 27.63
N LEU C 259 -30.88 28.64 27.93
CA LEU C 259 -31.27 27.58 27.00
C LEU C 259 -32.22 26.64 27.71
N THR C 260 -33.19 26.08 26.97
CA THR C 260 -34.07 25.07 27.56
C THR C 260 -33.79 23.73 26.88
N THR C 261 -34.21 22.65 27.54
CA THR C 261 -33.94 21.30 27.05
C THR C 261 -34.99 20.85 26.04
N SER C 262 -35.87 21.76 25.59
CA SER C 262 -37.01 21.39 24.75
C SER C 262 -36.58 20.67 23.50
N GLY C 263 -37.22 19.54 23.21
CA GLY C 263 -36.93 18.76 22.03
C GLY C 263 -35.49 18.36 21.77
N ASN C 264 -34.67 18.31 22.83
CA ASN C 264 -33.27 17.92 22.61
C ASN C 264 -32.76 17.08 23.78
N PHE C 265 -33.33 15.89 23.88
CA PHE C 265 -33.18 15.08 25.10
C PHE C 265 -31.94 14.20 24.95
N ARG C 266 -30.78 14.86 24.98
CA ARG C 266 -29.52 14.17 24.68
C ARG C 266 -28.48 14.55 25.72
N THR C 267 -28.04 13.56 26.46
CA THR C 267 -27.13 13.84 27.59
C THR C 267 -25.80 14.43 27.14
N GLN C 268 -25.24 13.92 26.03
CA GLN C 268 -23.98 14.49 25.50
C GLN C 268 -24.15 15.98 25.20
N THR C 269 -25.29 16.32 24.60
CA THR C 269 -25.59 17.72 24.25
C THR C 269 -25.73 18.60 25.49
N LEU C 270 -26.43 18.08 26.49
CA LEU C 270 -26.54 18.76 27.79
C LEU C 270 -25.16 19.00 28.47
N ILE C 271 -24.32 17.98 28.48
CA ILE C 271 -22.99 18.09 29.10
C ILE C 271 -22.19 19.21 28.40
N ASP C 272 -22.25 19.22 27.07
CA ASP C 272 -21.51 20.22 26.29
C ASP C 272 -22.03 21.62 26.66
N ALA C 273 -23.34 21.76 26.77
CA ALA C 273 -23.97 23.05 27.15
C ALA C 273 -23.54 23.46 28.56
N ILE C 274 -23.51 22.50 29.49
CA ILE C 274 -23.07 22.77 30.88
C ILE C 274 -21.62 23.26 30.88
N LEU C 275 -20.78 22.61 30.08
CA LEU C 275 -19.37 22.99 29.99
C LEU C 275 -19.08 24.29 29.19
N GLU C 276 -20.10 24.81 28.53
CA GLU C 276 -19.97 26.06 27.76
C GLU C 276 -20.71 27.26 28.37
N ILE C 277 -21.95 27.06 28.81
CA ILE C 277 -22.72 28.17 29.36
C ILE C 277 -22.99 27.99 30.86
N GLY C 278 -22.87 26.74 31.36
CA GLY C 278 -23.07 26.48 32.80
C GLY C 278 -24.51 26.09 33.09
N ALA C 279 -24.69 25.22 34.08
CA ALA C 279 -26.01 24.70 34.46
C ALA C 279 -26.96 25.79 34.96
N ASP C 280 -26.41 26.88 35.49
CA ASP C 280 -27.26 27.99 35.95
C ASP C 280 -28.10 28.64 34.83
N ARG C 281 -27.71 28.44 33.57
CA ARG C 281 -28.46 29.04 32.45
C ARG C 281 -29.18 28.03 31.58
N ILE C 282 -29.38 26.84 32.11
CA ILE C 282 -30.14 25.78 31.41
C ILE C 282 -31.42 25.47 32.17
N LEU C 283 -32.52 25.35 31.42
CA LEU C 283 -33.86 25.21 31.99
C LEU C 283 -34.56 24.00 31.38
N PHE C 284 -35.18 23.17 32.22
CA PHE C 284 -36.05 22.12 31.73
C PHE C 284 -37.20 22.72 30.93
N SER C 285 -37.51 22.07 29.80
CA SER C 285 -38.75 22.30 29.07
C SER C 285 -38.99 21.11 28.18
N THR C 286 -40.20 20.99 27.62
CA THR C 286 -40.52 19.76 26.91
C THR C 286 -40.81 19.94 25.44
N ASP C 287 -41.47 21.05 25.11
CA ASP C 287 -42.07 21.28 23.76
C ASP C 287 -43.33 20.43 23.50
N TRP C 288 -44.03 20.08 24.58
CA TRP C 288 -45.39 19.56 24.49
C TRP C 288 -46.18 20.61 23.73
N PRO C 289 -47.06 20.20 22.78
CA PRO C 289 -47.44 18.82 22.50
C PRO C 289 -46.70 18.18 21.32
N PHE C 290 -45.68 18.87 20.83
CA PHE C 290 -44.91 18.35 19.71
C PHE C 290 -43.91 17.29 20.15
N GLU C 291 -43.50 17.35 21.40
CA GLU C 291 -42.78 16.26 22.08
C GLU C 291 -43.61 15.76 23.25
N ASN C 292 -43.50 14.47 23.56
CA ASN C 292 -44.13 13.87 24.74
C ASN C 292 -43.55 14.37 26.05
N ILE C 293 -44.45 14.66 26.99
CA ILE C 293 -44.07 14.95 28.37
C ILE C 293 -43.31 13.77 29.02
N ASP C 294 -43.80 12.52 28.84
CA ASP C 294 -43.12 11.37 29.44
C ASP C 294 -41.67 11.20 28.93
N HIS C 295 -41.45 11.40 27.63
CA HIS C 295 -40.09 11.30 27.06
C HIS C 295 -39.15 12.34 27.68
N ALA C 296 -39.57 13.60 27.65
CA ALA C 296 -38.79 14.70 28.21
C ALA C 296 -38.50 14.49 29.71
N ALA C 297 -39.54 14.19 30.50
CA ALA C 297 -39.34 14.00 31.94
C ALA C 297 -38.47 12.79 32.28
N ASP C 298 -38.67 11.68 31.56
CA ASP C 298 -37.92 10.44 31.86
C ASP C 298 -36.45 10.59 31.53
N TRP C 299 -36.17 11.25 30.40
CA TRP C 299 -34.78 11.54 30.02
C TRP C 299 -34.12 12.43 31.10
N PHE C 300 -34.83 13.47 31.49
CA PHE C 300 -34.23 14.47 32.41
C PHE C 300 -34.04 13.88 33.82
N GLU C 301 -34.96 13.01 34.21
CA GLU C 301 -34.90 12.36 35.51
C GLU C 301 -33.56 11.63 35.73
N ASN C 302 -33.03 11.07 34.65
CA ASN C 302 -31.89 10.14 34.69
C ASN C 302 -30.62 10.66 34.01
N THR C 303 -30.62 11.89 33.49
CA THR C 303 -29.47 12.39 32.73
C THR C 303 -28.26 12.57 33.69
N SER C 304 -27.05 12.46 33.15
CA SER C 304 -25.83 12.30 33.93
C SER C 304 -25.21 13.62 34.43
N ILE C 305 -25.88 14.24 35.39
CA ILE C 305 -25.52 15.52 35.96
C ILE C 305 -25.68 15.39 37.46
N SER C 306 -25.17 16.39 38.19
CA SER C 306 -25.23 16.31 39.64
C SER C 306 -26.67 16.52 40.06
N GLU C 307 -27.02 16.07 41.26
CA GLU C 307 -28.39 16.31 41.75
C GLU C 307 -28.65 17.81 41.99
N ALA C 308 -27.61 18.53 42.39
CA ALA C 308 -27.73 19.98 42.59
C ALA C 308 -28.16 20.64 41.26
N ASP C 309 -27.50 20.26 40.16
CA ASP C 309 -27.81 20.80 38.87
C ASP C 309 -29.15 20.26 38.34
N ARG C 310 -29.49 19.03 38.71
CA ARG C 310 -30.81 18.52 38.34
C ARG C 310 -31.93 19.38 38.96
N LYS C 311 -31.75 19.82 40.20
CA LYS C 311 -32.73 20.70 40.82
C LYS C 311 -32.76 22.09 40.20
N LYS C 312 -31.59 22.64 39.91
CA LYS C 312 -31.52 23.94 39.26
C LYS C 312 -32.17 23.89 37.89
N ILE C 313 -31.75 22.95 37.06
CA ILE C 313 -32.33 22.90 35.70
C ILE C 313 -33.83 22.54 35.76
N GLY C 314 -34.20 21.67 36.69
CA GLY C 314 -35.59 21.21 36.82
C GLY C 314 -36.54 22.33 37.26
N TRP C 315 -36.11 23.17 38.20
CA TRP C 315 -36.99 24.21 38.72
C TRP C 315 -36.32 25.44 39.32
N GLY C 316 -35.14 25.26 39.90
CA GLY C 316 -34.47 26.38 40.64
C GLY C 316 -34.21 27.58 39.75
N ASN C 317 -33.67 27.32 38.54
CA ASN C 317 -33.29 28.40 37.63
C ASN C 317 -34.52 29.18 37.19
N ALA C 318 -35.57 28.45 36.80
CA ALA C 318 -36.81 29.07 36.37
C ALA C 318 -37.49 29.84 37.50
N GLN C 319 -37.40 29.33 38.71
CA GLN C 319 -37.99 30.01 39.86
C GLN C 319 -37.40 31.40 40.06
N ASN C 320 -36.09 31.48 39.92
CA ASN C 320 -35.36 32.75 40.06
C ASN C 320 -35.62 33.65 38.89
N LEU C 321 -35.50 33.09 37.68
CA LEU C 321 -35.71 33.84 36.45
C LEU C 321 -37.09 34.47 36.40
N PHE C 322 -38.13 33.70 36.75
CA PHE C 322 -39.52 34.20 36.63
C PHE C 322 -40.14 34.74 37.93
N LYS C 323 -39.36 34.77 39.01
CA LYS C 323 -39.85 35.28 40.30
C LYS C 323 -41.10 34.56 40.82
N LEU C 324 -41.12 33.24 40.68
CA LEU C 324 -42.32 32.47 41.06
C LEU C 324 -42.38 32.17 42.57
N ASN C 325 -41.22 31.90 43.18
CA ASN C 325 -41.10 31.93 44.66
C ASN C 325 -41.39 33.33 45.25
N ARG C 326 -41.25 34.38 44.42
CA ARG C 326 -41.60 35.76 44.77
C ARG C 326 -43.07 36.14 44.50
N ASN D 2 5.38 14.60 18.29
CA ASN D 2 5.87 14.45 16.93
C ASN D 2 5.10 13.35 16.18
N GLY D 3 5.24 13.34 14.86
CA GLY D 3 4.60 12.36 14.02
C GLY D 3 3.17 12.70 13.59
N LYS D 4 2.64 13.88 13.89
CA LYS D 4 1.23 14.16 13.52
C LYS D 4 1.03 14.20 12.01
N ILE D 5 -0.16 13.77 11.59
CA ILE D 5 -0.60 13.93 10.23
C ILE D 5 -1.71 14.96 10.21
N ALA D 6 -1.60 15.95 9.32
CA ALA D 6 -2.57 17.05 9.26
C ALA D 6 -3.17 17.02 7.86
N LEU D 7 -4.47 17.22 7.74
CA LEU D 7 -5.06 16.99 6.40
C LEU D 7 -6.06 18.03 5.90
N GLU D 8 -6.07 19.21 6.50
CA GLU D 8 -6.78 20.34 5.87
C GLU D 8 -5.79 21.47 5.79
N GLU D 9 -4.87 21.36 4.85
CA GLU D 9 -3.68 22.20 4.86
C GLU D 9 -3.59 22.72 3.44
N HIS D 10 -3.75 24.04 3.29
CA HIS D 10 -4.05 24.63 1.98
C HIS D 10 -2.90 25.38 1.35
N PHE D 11 -2.93 25.43 0.02
CA PHE D 11 -2.06 26.27 -0.78
C PHE D 11 -2.91 26.89 -1.91
N ALA D 12 -2.32 27.86 -2.60
CA ALA D 12 -2.94 28.40 -3.80
C ALA D 12 -1.94 28.37 -4.93
N THR D 13 -2.43 28.41 -6.17
CA THR D 13 -1.57 28.73 -7.31
C THR D 13 -1.87 30.19 -7.62
N GLU D 14 -1.05 30.81 -8.47
CA GLU D 14 -1.31 32.17 -8.92
C GLU D 14 -2.71 32.28 -9.53
N GLU D 15 -3.09 31.22 -10.25
CA GLU D 15 -4.38 31.13 -10.91
C GLU D 15 -5.58 31.22 -9.94
N THR D 16 -5.43 30.68 -8.72
CA THR D 16 -6.53 30.64 -7.78
C THR D 16 -6.32 31.57 -6.57
N LEU D 17 -5.15 32.16 -6.47
CA LEU D 17 -4.77 32.95 -5.29
C LEU D 17 -5.83 33.93 -4.80
N ASP D 19 -8.93 34.13 -4.98
CA ASP D 19 -10.12 33.59 -4.32
C ASP D 19 -10.09 33.75 -2.81
N SER D 20 -8.90 33.78 -2.22
CA SER D 20 -8.73 33.86 -0.75
C SER D 20 -8.67 35.30 -0.21
N ALA D 21 -8.59 36.28 -1.11
CA ALA D 21 -8.45 37.70 -0.75
C ALA D 21 -9.60 38.24 0.12
N GLY D 22 -10.83 37.85 -0.18
CA GLY D 22 -11.96 38.35 0.62
C GLY D 22 -11.97 38.00 2.11
N PHE D 23 -11.22 36.98 2.51
N PHE D 23 -11.22 36.95 2.46
CA PHE D 23 -11.41 36.35 3.83
CA PHE D 23 -11.23 36.28 3.75
C PHE D 23 -10.61 36.86 5.03
C PHE D 23 -10.84 37.19 4.92
N VAL D 24 -9.65 37.77 4.82
CA VAL D 24 -9.00 38.48 5.95
C VAL D 24 -8.92 39.98 5.63
N PRO D 25 -8.69 40.83 6.66
CA PRO D 25 -8.55 42.27 6.43
C PRO D 25 -7.41 42.61 5.49
N ASP D 26 -7.50 43.75 4.80
CA ASP D 26 -6.47 44.14 3.82
C ASP D 26 -5.04 44.15 4.37
N LYS D 27 -4.87 44.60 5.62
CA LYS D 27 -3.53 44.68 6.22
C LYS D 27 -2.88 43.30 6.39
N ASP D 28 -3.70 42.25 6.52
CA ASP D 28 -3.22 40.87 6.73
C ASP D 28 -3.11 40.04 5.46
N TRP D 29 -3.48 40.63 4.33
CA TRP D 29 -3.47 39.89 3.07
C TRP D 29 -2.06 39.51 2.62
N PRO D 30 -1.08 40.43 2.70
CA PRO D 30 0.26 40.00 2.24
C PRO D 30 0.79 38.79 3.02
N GLU D 31 0.49 38.73 4.32
CA GLU D 31 0.88 37.59 5.13
C GLU D 31 0.18 36.33 4.64
N LEU D 32 -1.15 36.37 4.53
CA LEU D 32 -1.91 35.19 4.11
C LEU D 32 -1.51 34.69 2.72
N ARG D 33 -1.41 35.64 1.78
CA ARG D 33 -0.96 35.38 0.41
C ARG D 33 0.40 34.66 0.35
N SER D 34 1.35 35.16 1.12
CA SER D 34 2.69 34.54 1.14
C SER D 34 2.64 33.12 1.70
N ARG D 35 1.80 32.89 2.72
CA ARG D 35 1.62 31.56 3.31
C ARG D 35 0.99 30.59 2.29
N LEU D 36 -0.02 31.06 1.58
CA LEU D 36 -0.71 30.23 0.57
C LEU D 36 0.21 29.76 -0.52
N LEU D 37 1.14 30.60 -0.95
CA LEU D 37 2.01 30.25 -2.07
C LEU D 37 3.21 29.43 -1.61
N ASP D 38 3.57 29.54 -0.33
CA ASP D 38 4.70 28.79 0.18
C ASP D 38 4.33 27.34 0.48
N ILE D 39 5.05 26.40 -0.13
CA ILE D 39 4.85 24.98 0.21
C ILE D 39 6.12 24.36 0.80
N GLN D 40 7.27 24.67 0.19
CA GLN D 40 8.53 23.98 0.47
C GLN D 40 9.37 24.48 1.67
N ASP D 41 9.18 25.73 2.11
CA ASP D 41 10.19 26.37 2.97
C ASP D 41 9.63 26.63 4.37
N ARG D 42 8.99 27.79 4.58
CA ARG D 42 8.46 28.10 5.89
C ARG D 42 7.44 27.08 6.38
N ARG D 43 6.66 26.55 5.46
CA ARG D 43 5.60 25.56 5.84
C ARG D 43 6.23 24.34 6.53
N VAL D 44 7.33 23.87 5.97
CA VAL D 44 8.00 22.68 6.47
C VAL D 44 8.78 23.01 7.75
N ARG D 45 9.36 24.20 7.84
CA ARG D 45 9.97 24.61 9.10
C ARG D 45 8.92 24.57 10.25
N LEU D 46 7.75 25.14 10.00
CA LEU D 46 6.66 25.14 10.99
C LEU D 46 6.21 23.72 11.30
N ASP D 48 8.15 21.08 11.21
CA ASP D 48 9.27 20.63 12.08
C ASP D 48 9.12 21.18 13.50
N GLU D 49 8.79 22.46 13.61
CA GLU D 49 8.69 23.11 14.92
C GLU D 49 7.49 22.66 15.78
N HIS D 50 6.47 22.07 15.14
CA HIS D 50 5.21 21.78 15.82
C HIS D 50 4.74 20.32 15.72
N GLY D 51 5.71 19.45 15.42
CA GLY D 51 5.50 18.00 15.44
C GLY D 51 4.56 17.46 14.38
N ILE D 52 4.63 17.99 13.16
CA ILE D 52 3.82 17.46 12.06
C ILE D 52 4.75 16.80 11.07
N GLU D 53 4.53 15.49 10.86
CA GLU D 53 5.39 14.71 9.99
C GLU D 53 4.91 14.87 8.56
N THR D 54 3.59 14.91 8.38
CA THR D 54 3.02 14.92 7.05
C THR D 54 1.81 15.85 6.96
N ILE D 56 -1.27 16.60 4.33
CA ILE D 56 -1.98 16.26 3.12
C ILE D 56 -2.51 17.60 2.59
N LEU D 57 -1.93 18.03 1.48
CA LEU D 57 -2.19 19.35 0.90
C LEU D 57 -3.44 19.41 -0.01
N SER D 58 -4.15 20.54 0.03
CA SER D 58 -5.24 20.76 -0.92
C SER D 58 -5.29 22.22 -1.35
N LEU D 59 -5.88 22.44 -2.52
CA LEU D 59 -6.06 23.77 -3.06
C LEU D 59 -6.99 24.60 -2.19
N ASN D 60 -6.91 25.92 -2.35
CA ASN D 60 -7.75 26.86 -1.64
C ASN D 60 -9.20 26.88 -2.17
N ALA D 61 -9.97 27.88 -1.75
CA ALA D 61 -11.45 27.89 -1.90
C ALA D 61 -12.00 29.25 -2.37
N PRO D 62 -13.08 29.24 -3.19
CA PRO D 62 -13.81 28.07 -3.73
C PRO D 62 -13.08 27.40 -4.89
N ALA D 63 -12.11 28.10 -5.46
CA ALA D 63 -11.29 27.59 -6.56
C ALA D 63 -12.13 26.94 -7.69
N VAL D 64 -11.92 25.64 -7.96
CA VAL D 64 -12.59 25.01 -9.12
C VAL D 64 -14.13 25.06 -9.04
N GLN D 65 -14.69 25.06 -7.83
CA GLN D 65 -16.15 25.06 -7.62
C GLN D 65 -16.83 26.37 -8.08
N ALA D 66 -16.01 27.42 -8.27
CA ALA D 66 -16.46 28.75 -8.70
C ALA D 66 -16.22 29.01 -10.19
N ILE D 67 -15.54 28.08 -10.86
CA ILE D 67 -15.27 28.23 -12.29
C ILE D 67 -16.46 27.64 -13.05
N ALA D 68 -17.34 28.53 -13.52
CA ALA D 68 -18.65 28.12 -14.02
C ALA D 68 -18.61 27.47 -15.43
N ASP D 69 -17.57 27.73 -16.21
CA ASP D 69 -17.40 26.99 -17.47
C ASP D 69 -16.74 25.64 -17.16
N SER D 70 -17.45 24.54 -17.42
CA SER D 70 -16.92 23.22 -17.08
C SER D 70 -15.64 22.86 -17.83
N THR D 71 -15.50 23.30 -19.09
CA THR D 71 -14.22 23.09 -19.78
C THR D 71 -13.06 23.77 -19.04
N ARG D 72 -13.26 25.03 -18.62
CA ARG D 72 -12.23 25.83 -17.91
C ARG D 72 -11.94 25.24 -16.53
N ALA D 73 -12.99 24.72 -15.89
CA ALA D 73 -12.90 24.10 -14.57
C ALA D 73 -12.00 22.87 -14.61
N ASN D 74 -12.24 22.02 -15.60
CA ASN D 74 -11.38 20.86 -15.83
C ASN D 74 -9.92 21.25 -16.08
N GLU D 75 -9.70 22.23 -16.95
CA GLU D 75 -8.35 22.69 -17.28
C GLU D 75 -7.61 23.22 -16.04
N THR D 76 -8.31 24.00 -15.23
CA THR D 76 -7.72 24.54 -14.00
C THR D 76 -7.42 23.42 -13.02
N ALA D 77 -8.36 22.49 -12.85
CA ALA D 77 -8.15 21.40 -11.91
C ALA D 77 -6.90 20.60 -12.31
N ARG D 78 -6.79 20.25 -13.59
CA ARG D 78 -5.67 19.49 -14.10
C ARG D 78 -4.35 20.24 -13.87
N ARG D 79 -4.32 21.54 -14.11
CA ARG D 79 -3.11 22.34 -13.84
C ARG D 79 -2.77 22.36 -12.36
N ALA D 80 -3.77 22.61 -11.51
CA ALA D 80 -3.53 22.63 -10.06
C ALA D 80 -2.99 21.28 -9.52
N ASN D 81 -3.53 20.17 -10.03
CA ASN D 81 -3.11 18.85 -9.63
C ASN D 81 -1.72 18.45 -10.10
N ASP D 82 -1.39 18.72 -11.36
CA ASP D 82 -0.02 18.51 -11.82
C ASP D 82 1.00 19.28 -10.96
N PHE D 83 0.71 20.57 -10.69
CA PHE D 83 1.53 21.40 -9.82
C PHE D 83 1.67 20.77 -8.46
N LEU D 84 0.55 20.38 -7.86
CA LEU D 84 0.58 19.73 -6.55
C LEU D 84 1.43 18.44 -6.56
N ALA D 85 1.24 17.57 -7.55
CA ALA D 85 2.10 16.40 -7.68
C ALA D 85 3.59 16.75 -7.74
N GLU D 86 3.96 17.79 -8.50
CA GLU D 86 5.37 18.21 -8.59
C GLU D 86 5.86 18.74 -7.24
N GLN D 87 5.01 19.50 -6.55
CA GLN D 87 5.35 19.98 -5.20
C GLN D 87 5.54 18.84 -4.18
N VAL D 88 4.60 17.89 -4.18
CA VAL D 88 4.71 16.72 -3.31
C VAL D 88 6.01 15.95 -3.55
N ALA D 89 6.36 15.72 -4.83
CA ALA D 89 7.55 14.97 -5.20
C ALA D 89 8.87 15.58 -4.66
N LYS D 90 8.89 16.88 -4.41
CA LYS D 90 10.09 17.53 -3.88
C LYS D 90 10.45 17.08 -2.46
N GLN D 91 9.41 16.85 -1.64
CA GLN D 91 9.58 16.36 -0.26
C GLN D 91 8.56 15.25 -0.01
N PRO D 92 8.79 14.07 -0.62
CA PRO D 92 7.69 13.11 -0.67
C PRO D 92 7.36 12.46 0.69
N THR D 93 8.23 12.58 1.67
CA THR D 93 7.97 11.99 2.98
C THR D 93 7.18 12.97 3.87
N ARG D 94 7.11 14.23 3.48
CA ARG D 94 6.43 15.24 4.29
C ARG D 94 5.04 15.62 3.77
N PHE D 95 4.74 15.25 2.52
CA PHE D 95 3.49 15.69 1.87
C PHE D 95 2.79 14.53 1.17
N ARG D 96 1.47 14.66 1.08
CA ARG D 96 0.60 13.94 0.16
C ARG D 96 -0.35 14.95 -0.49
N GLY D 97 -1.06 14.58 -1.54
CA GLY D 97 -2.04 15.50 -2.12
C GLY D 97 -3.48 14.99 -2.09
N PHE D 98 -4.42 15.92 -1.92
CA PHE D 98 -5.84 15.69 -2.27
C PHE D 98 -6.08 16.31 -3.64
N ALA D 99 -6.92 15.67 -4.44
CA ALA D 99 -7.29 16.20 -5.76
C ALA D 99 -8.26 17.37 -5.72
N ALA D 100 -8.01 18.37 -6.57
CA ALA D 100 -9.04 19.32 -6.98
C ALA D 100 -9.85 18.69 -8.12
N LEU D 101 -11.17 18.77 -8.04
CA LEU D 101 -12.01 18.09 -9.06
C LEU D 101 -12.98 19.04 -9.76
N PRO D 102 -13.19 18.86 -11.08
CA PRO D 102 -14.20 19.65 -11.80
C PRO D 102 -15.61 19.04 -11.63
N GLN D 104 -18.36 20.16 -11.80
CA GLN D 104 -19.32 20.67 -12.78
C GLN D 104 -19.79 19.60 -13.76
N ASP D 105 -18.90 18.64 -14.00
CA ASP D 105 -19.22 17.56 -14.92
C ASP D 105 -18.78 16.26 -14.22
N PRO D 106 -19.75 15.45 -13.76
CA PRO D 106 -19.46 14.23 -12.99
C PRO D 106 -18.45 13.31 -13.66
N GLU D 107 -18.58 13.16 -14.97
CA GLU D 107 -17.69 12.34 -15.76
C GLU D 107 -16.23 12.89 -15.75
N LEU D 108 -16.07 14.18 -16.03
CA LEU D 108 -14.74 14.77 -15.99
C LEU D 108 -14.14 14.65 -14.58
N ALA D 109 -14.98 14.77 -13.56
CA ALA D 109 -14.50 14.71 -12.17
C ALA D 109 -13.99 13.31 -11.85
N ALA D 110 -14.74 12.29 -12.28
CA ALA D 110 -14.39 10.89 -12.08
C ALA D 110 -13.05 10.56 -12.76
N ARG D 111 -12.92 10.95 -14.02
N ARG D 111 -12.93 10.96 -14.02
CA ARG D 111 -11.69 10.75 -14.77
CA ARG D 111 -11.70 10.79 -14.79
C ARG D 111 -10.48 11.44 -14.11
C ARG D 111 -10.50 11.44 -14.13
N GLU D 112 -10.67 12.68 -13.65
CA GLU D 112 -9.58 13.40 -12.99
C GLU D 112 -9.21 12.77 -11.65
N LEU D 113 -10.21 12.34 -10.89
CA LEU D 113 -9.92 11.58 -9.66
C LEU D 113 -9.13 10.29 -9.94
N GLU D 114 -9.50 9.53 -10.99
CA GLU D 114 -8.71 8.34 -11.37
C GLU D 114 -7.26 8.68 -11.71
N ARG D 115 -7.07 9.65 -12.61
CA ARG D 115 -5.74 10.15 -12.92
C ARG D 115 -4.97 10.55 -11.65
N CYS D 116 -5.61 11.35 -10.80
CA CYS D 116 -4.93 11.83 -9.60
C CYS D 116 -4.49 10.68 -8.70
N VAL D 117 -5.36 9.72 -8.44
CA VAL D 117 -5.06 8.61 -7.55
C VAL D 117 -4.00 7.68 -8.18
N LYS D 118 -4.24 7.24 -9.41
CA LYS D 118 -3.48 6.16 -10.02
C LYS D 118 -2.21 6.65 -10.71
N GLU D 119 -2.21 7.90 -11.18
CA GLU D 119 -1.06 8.49 -11.88
C GLU D 119 -0.24 9.33 -10.93
N LEU D 120 -0.91 10.17 -10.13
CA LEU D 120 -0.22 11.16 -9.28
C LEU D 120 -0.04 10.72 -7.82
N GLY D 121 -0.64 9.57 -7.47
CA GLY D 121 -0.51 9.03 -6.12
C GLY D 121 -1.23 9.84 -5.03
N PHE D 122 -2.26 10.59 -5.41
CA PHE D 122 -3.06 11.40 -4.45
C PHE D 122 -3.91 10.46 -3.60
N VAL D 123 -4.36 10.92 -2.44
CA VAL D 123 -4.92 10.01 -1.42
C VAL D 123 -6.40 10.32 -1.11
N GLY D 124 -7.01 11.15 -1.95
CA GLY D 124 -8.41 11.51 -1.79
C GLY D 124 -8.69 12.75 -2.58
N ALA D 125 -9.86 13.33 -2.36
CA ALA D 125 -10.25 14.56 -3.04
C ALA D 125 -10.68 15.57 -2.00
N LEU D 126 -10.55 16.85 -2.33
CA LEU D 126 -11.12 17.93 -1.52
C LEU D 126 -11.87 18.88 -2.44
N VAL D 127 -13.11 19.17 -2.06
CA VAL D 127 -14.07 19.89 -2.89
C VAL D 127 -14.80 20.91 -1.99
N ASN D 128 -14.80 22.18 -2.40
CA ASN D 128 -15.40 23.28 -1.63
C ASN D 128 -16.90 23.45 -1.88
N GLY D 129 -17.67 22.47 -1.40
CA GLY D 129 -19.13 22.61 -1.40
C GLY D 129 -19.72 22.54 -2.80
N PHE D 130 -20.90 23.12 -2.99
CA PHE D 130 -21.61 23.08 -4.28
C PHE D 130 -20.77 23.70 -5.43
N SER D 131 -21.08 23.28 -6.67
CA SER D 131 -20.43 23.84 -7.86
C SER D 131 -21.36 24.78 -8.61
N GLN D 132 -20.76 25.80 -9.20
CA GLN D 132 -21.41 26.69 -10.15
C GLN D 132 -21.08 26.21 -11.55
N ASP D 133 -22.11 26.13 -12.39
CA ASP D 133 -21.99 25.67 -13.78
C ASP D 133 -22.95 26.48 -14.67
N ASN D 134 -22.42 27.04 -15.76
CA ASN D 134 -23.22 27.83 -16.70
C ASN D 134 -24.41 27.09 -17.29
N ARG D 135 -24.34 25.76 -17.38
CA ARG D 135 -25.46 24.97 -17.93
C ARG D 135 -26.60 24.76 -16.91
N SER D 136 -26.34 25.07 -15.65
CA SER D 136 -27.34 24.85 -14.61
C SER D 136 -27.84 26.16 -14.02
N ALA D 137 -29.16 26.30 -13.96
CA ALA D 137 -29.78 27.46 -13.33
C ALA D 137 -29.65 27.42 -11.80
N VAL D 138 -29.37 26.24 -11.26
CA VAL D 138 -29.18 26.05 -9.79
C VAL D 138 -27.74 25.61 -9.42
N PRO D 139 -27.31 25.91 -8.18
CA PRO D 139 -26.04 25.35 -7.69
C PRO D 139 -26.09 23.84 -7.66
N LEU D 140 -24.94 23.20 -7.89
CA LEU D 140 -24.89 21.75 -7.98
C LEU D 140 -24.42 21.12 -6.69
N TYR D 141 -25.29 20.32 -6.09
CA TYR D 141 -25.01 19.62 -4.83
C TYR D 141 -24.82 18.14 -5.15
N TYR D 142 -24.04 17.42 -4.34
CA TYR D 142 -23.55 16.10 -4.80
C TYR D 142 -24.42 14.90 -4.43
N ASP D 143 -25.59 15.18 -3.86
CA ASP D 143 -26.60 14.17 -3.65
C ASP D 143 -27.45 13.91 -4.90
N ALA D 145 -28.78 12.88 -8.56
CA ALA D 145 -28.61 11.63 -9.31
C ALA D 145 -27.41 11.57 -10.28
N GLN D 146 -27.15 12.66 -11.00
CA GLN D 146 -26.04 12.72 -11.96
C GLN D 146 -24.68 12.36 -11.34
N TYR D 147 -24.54 12.55 -10.02
CA TYR D 147 -23.28 12.29 -9.30
C TYR D 147 -23.10 10.84 -8.85
N TRP D 148 -24.15 10.03 -8.95
CA TRP D 148 -24.06 8.64 -8.51
C TRP D 148 -22.93 7.83 -9.21
N PRO D 149 -22.77 7.97 -10.55
CA PRO D 149 -21.62 7.30 -11.19
C PRO D 149 -20.25 7.81 -10.70
N PHE D 150 -20.18 9.10 -10.35
CA PHE D 150 -18.96 9.65 -9.74
C PHE D 150 -18.69 9.00 -8.38
N TRP D 151 -19.72 8.91 -7.54
CA TRP D 151 -19.54 8.30 -6.23
C TRP D 151 -19.17 6.82 -6.37
N GLU D 152 -19.73 6.15 -7.39
CA GLU D 152 -19.36 4.76 -7.64
C GLU D 152 -17.85 4.69 -7.87
N THR D 153 -17.33 5.70 -8.58
CA THR D 153 -15.89 5.79 -8.89
C THR D 153 -15.10 6.01 -7.61
N VAL D 154 -15.52 6.99 -6.79
CA VAL D 154 -14.89 7.22 -5.49
C VAL D 154 -14.80 5.93 -4.68
N GLN D 155 -15.90 5.19 -4.61
CA GLN D 155 -15.95 3.98 -3.79
C GLN D 155 -15.03 2.90 -4.38
N ALA D 156 -14.99 2.79 -5.71
CA ALA D 156 -14.10 1.84 -6.38
C ALA D 156 -12.61 2.13 -6.09
N LEU D 157 -12.24 3.41 -6.10
CA LEU D 157 -10.89 3.85 -5.77
C LEU D 157 -10.58 3.75 -4.28
N ASP D 158 -11.62 3.71 -3.46
CA ASP D 158 -11.50 3.58 -2.01
C ASP D 158 -10.60 4.68 -1.42
N VAL D 159 -10.88 5.92 -1.80
CA VAL D 159 -10.21 7.10 -1.21
C VAL D 159 -11.29 8.05 -0.69
N PRO D 160 -11.00 8.78 0.40
CA PRO D 160 -12.01 9.66 1.03
C PRO D 160 -12.29 10.95 0.25
N PHE D 161 -13.46 11.52 0.47
CA PHE D 161 -13.85 12.80 -0.16
C PHE D 161 -14.04 13.80 0.99
N TYR D 162 -13.23 14.85 0.99
CA TYR D 162 -13.26 15.88 2.03
C TYR D 162 -14.20 16.98 1.55
N LEU D 163 -15.33 17.16 2.26
CA LEU D 163 -16.30 18.16 1.89
C LEU D 163 -16.03 19.48 2.63
N HIS D 164 -15.42 20.44 1.93
CA HIS D 164 -14.97 21.71 2.50
C HIS D 164 -16.05 22.78 2.30
N PRO D 165 -16.06 23.82 3.15
CA PRO D 165 -17.07 24.87 2.96
C PRO D 165 -16.87 25.77 1.73
N ARG D 166 -17.98 26.37 1.32
CA ARG D 166 -17.95 27.65 0.66
C ARG D 166 -19.16 28.43 1.21
N ASN D 167 -19.22 29.72 0.92
CA ASN D 167 -20.38 30.52 1.31
C ASN D 167 -21.58 30.19 0.43
N PRO D 168 -22.80 30.32 0.97
CA PRO D 168 -24.00 30.32 0.13
C PRO D 168 -23.92 31.42 -0.92
N LEU D 169 -24.59 31.22 -2.06
CA LEU D 169 -24.76 32.26 -3.07
C LEU D 169 -25.60 33.39 -2.48
N PRO D 170 -25.40 34.67 -2.93
CA PRO D 170 -26.14 35.80 -2.35
C PRO D 170 -27.65 35.60 -2.22
N SER D 171 -28.30 35.08 -3.27
CA SER D 171 -29.73 34.85 -3.23
C SER D 171 -30.12 33.75 -2.23
N ASP D 172 -29.14 32.95 -1.79
CA ASP D 172 -29.38 31.94 -0.78
C ASP D 172 -28.85 32.38 0.59
N ALA D 173 -28.57 33.68 0.72
CA ALA D 173 -27.92 34.19 1.92
C ALA D 173 -28.60 35.45 2.46
N ARG D 174 -29.85 35.70 2.10
CA ARG D 174 -30.52 36.93 2.53
C ARG D 174 -30.58 37.09 4.07
N ILE D 175 -30.63 35.99 4.79
CA ILE D 175 -30.62 36.02 6.26
C ILE D 175 -29.36 36.72 6.77
N TYR D 176 -28.29 36.72 5.96
CA TYR D 176 -27.05 37.38 6.35
C TYR D 176 -26.88 38.80 5.79
N ASP D 177 -27.89 39.31 5.07
CA ASP D 177 -27.82 40.64 4.48
C ASP D 177 -27.71 41.65 5.60
N GLY D 178 -26.73 42.56 5.47
CA GLY D 178 -26.51 43.59 6.49
C GLY D 178 -25.74 43.01 7.65
N HIS D 179 -25.40 41.72 7.56
CA HIS D 179 -24.65 41.00 8.61
C HIS D 179 -23.55 40.14 8.04
N ALA D 180 -22.74 40.72 7.17
CA ALA D 180 -21.63 40.02 6.50
C ALA D 180 -20.64 39.35 7.46
N TRP D 181 -20.62 39.78 8.72
CA TRP D 181 -19.73 39.20 9.70
C TRP D 181 -20.02 37.72 9.98
N LEU D 182 -21.26 37.30 9.69
CA LEU D 182 -21.71 35.90 9.83
C LEU D 182 -21.30 35.00 8.67
N LEU D 183 -20.96 35.60 7.53
CA LEU D 183 -20.44 34.85 6.40
C LEU D 183 -19.07 34.26 6.72
N GLY D 184 -18.74 33.19 6.00
CA GLY D 184 -17.45 32.57 6.15
C GLY D 184 -17.35 31.69 7.39
N PRO D 185 -16.13 31.53 7.91
CA PRO D 185 -15.88 30.61 9.05
C PRO D 185 -16.68 30.92 10.32
N THR D 186 -17.09 32.18 10.51
CA THR D 186 -17.86 32.54 11.71
C THR D 186 -19.11 31.64 11.88
N TRP D 187 -19.83 31.41 10.79
CA TRP D 187 -21.07 30.69 10.89
C TRP D 187 -21.56 30.11 9.56
N ALA D 188 -21.60 30.96 8.54
CA ALA D 188 -22.25 30.56 7.28
C ALA D 188 -21.61 29.34 6.63
N PHE D 189 -20.29 29.21 6.71
CA PHE D 189 -19.60 28.03 6.18
C PHE D 189 -20.13 26.76 6.82
N GLY D 190 -20.34 26.80 8.14
CA GLY D 190 -20.76 25.63 8.91
C GLY D 190 -22.15 25.17 8.48
N GLN D 191 -23.08 26.13 8.35
CA GLN D 191 -24.44 25.81 7.95
C GLN D 191 -24.47 25.24 6.53
N GLU D 192 -23.71 25.85 5.64
CA GLU D 192 -23.70 25.42 4.23
C GLU D 192 -23.19 23.98 4.13
N THR D 193 -22.10 23.68 4.84
CA THR D 193 -21.46 22.37 4.76
C THR D 193 -22.23 21.26 5.48
N ALA D 194 -22.77 21.58 6.66
CA ALA D 194 -23.60 20.62 7.41
C ALA D 194 -24.81 20.18 6.59
N VAL D 195 -25.49 21.13 5.95
CA VAL D 195 -26.66 20.79 5.14
C VAL D 195 -26.26 20.01 3.88
N HIS D 196 -25.16 20.39 3.25
CA HIS D 196 -24.71 19.62 2.08
C HIS D 196 -24.45 18.15 2.52
N ALA D 197 -23.79 17.99 3.66
CA ALA D 197 -23.49 16.66 4.23
C ALA D 197 -24.77 15.90 4.57
N LEU D 198 -25.75 16.59 5.16
CA LEU D 198 -27.03 15.95 5.45
C LEU D 198 -27.76 15.51 4.18
N ARG D 199 -27.65 16.32 3.13
CA ARG D 199 -28.31 16.01 1.86
C ARG D 199 -27.74 14.71 1.30
N LEU D 200 -26.42 14.54 1.39
CA LEU D 200 -25.79 13.27 0.97
C LEU D 200 -26.39 12.12 1.77
N GLY D 202 -29.27 11.82 3.62
CA GLY D 202 -30.71 11.59 3.32
C GLY D 202 -31.00 11.02 1.94
N SER D 203 -30.08 11.24 0.99
CA SER D 203 -30.33 10.85 -0.39
C SER D 203 -30.31 9.33 -0.58
N GLY D 204 -29.74 8.58 0.38
CA GLY D 204 -29.60 7.13 0.19
C GLY D 204 -28.30 6.75 -0.51
N LEU D 205 -27.45 7.76 -0.76
CA LEU D 205 -26.17 7.53 -1.42
C LEU D 205 -25.34 6.44 -0.71
N PHE D 206 -25.39 6.45 0.61
CA PHE D 206 -24.63 5.47 1.39
C PHE D 206 -25.29 4.10 1.53
N ASP D 207 -26.58 4.00 1.17
CA ASP D 207 -27.17 2.69 0.99
C ASP D 207 -26.55 2.06 -0.25
N LYS D 208 -26.41 2.85 -1.31
CA LYS D 208 -25.98 2.28 -2.60
C LYS D 208 -24.47 2.06 -2.58
N TYR D 209 -23.76 2.98 -1.91
CA TYR D 209 -22.28 2.95 -1.84
C TYR D 209 -21.81 2.97 -0.39
N PRO D 210 -21.97 1.84 0.33
CA PRO D 210 -21.80 1.90 1.79
C PRO D 210 -20.36 2.00 2.27
N ALA D 211 -19.37 1.79 1.40
CA ALA D 211 -17.97 1.94 1.81
C ALA D 211 -17.38 3.36 1.63
N LEU D 212 -18.18 4.31 1.14
CA LEU D 212 -17.71 5.69 0.94
C LEU D 212 -17.26 6.30 2.30
N LYS D 213 -16.23 7.13 2.25
CA LYS D 213 -15.75 7.84 3.43
C LYS D 213 -15.73 9.32 3.11
N ILE D 214 -16.50 10.11 3.87
CA ILE D 214 -16.61 11.54 3.68
C ILE D 214 -15.95 12.18 4.87
N ILE D 215 -15.11 13.19 4.62
CA ILE D 215 -14.47 13.92 5.72
C ILE D 215 -15.06 15.32 5.84
N LEU D 216 -15.34 15.75 7.08
CA LEU D 216 -15.71 17.13 7.38
C LEU D 216 -14.70 17.77 8.30
N GLY D 217 -14.40 19.04 8.07
CA GLY D 217 -13.54 19.78 8.97
C GLY D 217 -14.35 20.45 10.07
N HIS D 218 -13.69 21.28 10.87
CA HIS D 218 -14.41 22.14 11.85
C HIS D 218 -15.24 21.31 12.84
N GLY D 220 -16.98 18.79 12.29
CA GLY D 220 -18.25 18.34 11.71
C GLY D 220 -19.34 19.39 11.62
N GLU D 221 -18.95 20.67 11.66
CA GLU D 221 -19.86 21.77 11.29
C GLU D 221 -21.14 21.79 12.15
N GLY D 222 -20.98 21.56 13.44
CA GLY D 222 -22.11 21.56 14.39
C GLY D 222 -22.90 20.26 14.48
N LEU D 223 -22.61 19.31 13.58
CA LEU D 223 -23.47 18.13 13.46
C LEU D 223 -23.61 17.26 14.71
N PRO D 224 -22.48 16.93 15.40
CA PRO D 224 -22.62 16.02 16.53
C PRO D 224 -23.55 16.50 17.61
N TYR D 225 -23.57 17.82 17.85
CA TYR D 225 -24.37 18.41 18.94
C TYR D 225 -25.86 18.23 18.72
N SER D 226 -26.25 18.27 17.45
CA SER D 226 -27.67 18.22 17.08
C SER D 226 -28.08 16.91 16.40
N TRP D 228 -28.66 13.71 17.51
CA TRP D 228 -29.80 13.04 18.15
C TRP D 228 -31.09 13.69 17.68
N ARG D 229 -31.15 15.01 17.73
CA ARG D 229 -32.39 15.73 17.38
C ARG D 229 -32.76 15.52 15.92
N ILE D 230 -31.76 15.41 15.05
CA ILE D 230 -32.02 15.21 13.62
C ILE D 230 -32.93 14.00 13.32
N ASP D 231 -32.67 12.88 13.98
CA ASP D 231 -33.53 11.71 13.80
C ASP D 231 -34.69 11.65 14.80
N HIS D 232 -34.46 12.12 16.03
CA HIS D 232 -35.33 11.77 17.15
C HIS D 232 -36.36 12.84 17.55
N ARG D 233 -36.31 14.01 16.90
CA ARG D 233 -37.31 15.03 17.14
C ARG D 233 -38.70 14.45 16.93
N ASN D 234 -39.62 14.83 17.81
CA ASN D 234 -41.03 14.40 17.71
C ASN D 234 -41.14 12.87 17.69
N ALA D 235 -40.41 12.19 18.58
CA ALA D 235 -40.34 10.72 18.58
C ALA D 235 -41.67 9.98 18.85
N TRP D 236 -42.63 10.64 19.50
CA TRP D 236 -43.96 10.04 19.70
C TRP D 236 -44.69 9.70 18.41
N ILE D 237 -44.36 10.42 17.33
CA ILE D 237 -44.86 10.05 15.99
C ILE D 237 -44.15 8.77 15.51
N LYS D 238 -44.90 7.73 15.15
CA LYS D 238 -44.28 6.53 14.60
C LYS D 238 -44.49 6.58 13.07
N THR D 239 -43.43 6.83 12.33
CA THR D 239 -43.56 7.03 10.88
C THR D 239 -42.24 6.71 10.19
N THR D 240 -42.30 6.56 8.86
CA THR D 240 -41.09 6.42 8.06
C THR D 240 -40.54 7.79 7.66
N PRO D 241 -39.26 8.06 7.96
CA PRO D 241 -38.69 9.34 7.57
C PRO D 241 -38.88 9.62 6.07
N LYS D 242 -39.12 10.87 5.73
CA LYS D 242 -39.50 11.28 4.37
C LYS D 242 -38.31 11.53 3.46
N TYR D 243 -37.17 10.92 3.74
CA TYR D 243 -36.04 10.98 2.78
C TYR D 243 -35.91 9.61 2.09
N PRO D 244 -35.20 9.57 0.94
CA PRO D 244 -35.05 8.30 0.21
C PRO D 244 -34.18 7.25 0.93
N ALA D 245 -33.29 7.66 1.82
CA ALA D 245 -32.41 6.71 2.51
C ALA D 245 -33.20 5.75 3.40
N LYS D 246 -32.65 4.56 3.60
CA LYS D 246 -33.37 3.47 4.29
C LYS D 246 -33.20 3.49 5.81
N ARG D 247 -32.17 4.12 6.31
CA ARG D 247 -31.91 4.00 7.75
C ARG D 247 -31.94 5.38 8.40
N LYS D 248 -31.53 5.50 9.66
CA LYS D 248 -31.48 6.81 10.29
C LYS D 248 -30.25 7.57 9.80
N ILE D 249 -30.34 8.90 9.82
CA ILE D 249 -29.24 9.76 9.40
C ILE D 249 -27.97 9.47 10.24
N VAL D 250 -28.16 9.27 11.54
CA VAL D 250 -27.00 9.01 12.42
C VAL D 250 -26.26 7.71 12.03
N ASP D 251 -26.95 6.74 11.41
CA ASP D 251 -26.25 5.52 11.00
C ASP D 251 -25.21 5.84 9.95
N TYR D 252 -25.57 6.75 9.02
CA TYR D 252 -24.65 7.14 7.96
C TYR D 252 -23.53 8.01 8.52
N PHE D 253 -23.89 8.89 9.46
CA PHE D 253 -22.90 9.73 10.10
C PHE D 253 -21.85 8.85 10.81
N ASN D 254 -22.34 7.83 11.51
CA ASN D 254 -21.48 6.92 12.28
C ASN D 254 -20.61 6.03 11.41
N GLU D 255 -21.13 5.63 10.26
CA GLU D 255 -20.45 4.67 9.40
C GLU D 255 -19.66 5.28 8.25
N ASN D 256 -20.06 6.47 7.80
CA ASN D 256 -19.48 7.02 6.57
C ASN D 256 -18.69 8.31 6.73
N PHE D 257 -18.70 8.90 7.93
CA PHE D 257 -18.04 10.20 8.16
C PHE D 257 -16.83 10.19 9.11
N TYR D 258 -15.89 11.10 8.82
CA TYR D 258 -14.73 11.39 9.68
C TYR D 258 -14.79 12.89 9.87
N LEU D 259 -14.37 13.35 11.05
CA LEU D 259 -14.32 14.77 11.34
C LEU D 259 -12.86 15.14 11.59
N THR D 260 -12.44 16.35 11.21
CA THR D 260 -11.13 16.83 11.60
C THR D 260 -11.28 18.00 12.57
N THR D 261 -10.19 18.33 13.24
CA THR D 261 -10.21 19.40 14.28
C THR D 261 -9.96 20.77 13.71
N SER D 262 -9.97 20.91 12.37
CA SER D 262 -9.49 22.16 11.75
C SER D 262 -10.31 23.36 12.23
N GLY D 263 -9.64 24.44 12.63
CA GLY D 263 -10.36 25.69 12.94
C GLY D 263 -11.38 25.56 14.06
N ASN D 264 -11.24 24.52 14.89
CA ASN D 264 -12.20 24.34 15.98
C ASN D 264 -11.49 23.77 17.21
N PHE D 265 -10.61 24.61 17.75
CA PHE D 265 -9.67 24.20 18.78
C PHE D 265 -10.29 24.42 20.15
N ARG D 266 -11.31 23.60 20.41
CA ARG D 266 -12.15 23.74 21.57
C ARG D 266 -12.36 22.37 22.21
N THR D 267 -11.80 22.22 23.41
CA THR D 267 -11.85 20.94 24.14
C THR D 267 -13.30 20.47 24.41
N GLN D 268 -14.18 21.36 24.87
CA GLN D 268 -15.60 20.95 25.06
C GLN D 268 -16.18 20.30 23.80
N THR D 269 -15.91 20.91 22.65
CA THR D 269 -16.46 20.47 21.37
C THR D 269 -15.87 19.10 20.99
N LEU D 270 -14.55 18.96 21.17
CA LEU D 270 -13.90 17.67 20.94
C LEU D 270 -14.52 16.59 21.84
N ILE D 271 -14.73 16.89 23.12
CA ILE D 271 -15.30 15.89 24.02
C ILE D 271 -16.70 15.48 23.56
N ASP D 272 -17.50 16.45 23.13
CA ASP D 272 -18.83 16.16 22.60
C ASP D 272 -18.72 15.27 21.37
N ALA D 273 -17.79 15.60 20.46
CA ALA D 273 -17.58 14.77 19.29
C ALA D 273 -17.15 13.34 19.67
N ILE D 274 -16.23 13.21 20.62
CA ILE D 274 -15.83 11.88 21.09
C ILE D 274 -16.99 11.05 21.63
N LEU D 275 -17.87 11.68 22.41
CA LEU D 275 -19.03 10.99 22.99
C LEU D 275 -20.19 10.76 22.00
N GLU D 276 -20.07 11.29 20.78
CA GLU D 276 -21.11 11.09 19.78
C GLU D 276 -20.64 10.19 18.63
N ILE D 277 -19.42 10.40 18.15
CA ILE D 277 -18.90 9.64 17.00
C ILE D 277 -17.67 8.78 17.33
N GLY D 278 -17.01 9.06 18.45
CA GLY D 278 -15.85 8.27 18.86
C GLY D 278 -14.54 8.86 18.37
N ALA D 279 -13.50 8.74 19.20
CA ALA D 279 -12.15 9.21 18.84
C ALA D 279 -11.59 8.54 17.59
N ASP D 280 -12.09 7.34 17.23
CA ASP D 280 -11.56 6.62 16.05
C ASP D 280 -11.92 7.35 14.77
N ARG D 281 -12.92 8.23 14.81
CA ARG D 281 -13.36 8.95 13.61
C ARG D 281 -13.02 10.45 13.65
N ILE D 282 -12.08 10.83 14.53
CA ILE D 282 -11.64 12.23 14.65
C ILE D 282 -10.16 12.33 14.25
N LEU D 283 -9.84 13.34 13.42
CA LEU D 283 -8.49 13.48 12.88
C LEU D 283 -7.93 14.88 13.14
N PHE D 284 -6.70 14.94 13.58
CA PHE D 284 -6.00 16.23 13.72
C PHE D 284 -5.94 16.95 12.37
N SER D 285 -6.17 18.26 12.37
CA SER D 285 -5.92 19.14 11.20
C SER D 285 -5.88 20.57 11.68
N THR D 286 -5.27 21.45 10.89
CA THR D 286 -5.03 22.83 11.33
C THR D 286 -5.89 23.86 10.59
N ASP D 287 -6.04 23.67 9.28
CA ASP D 287 -6.54 24.71 8.38
C ASP D 287 -5.52 25.83 8.13
N TRP D 288 -4.23 25.52 8.29
CA TRP D 288 -3.17 26.38 7.73
C TRP D 288 -3.44 26.59 6.23
N PRO D 289 -3.26 27.84 5.76
CA PRO D 289 -2.74 29.02 6.49
C PRO D 289 -3.79 29.96 7.05
N PHE D 290 -5.05 29.55 6.99
CA PHE D 290 -6.14 30.36 7.55
C PHE D 290 -6.12 30.32 9.08
N GLU D 291 -5.60 29.23 9.65
CA GLU D 291 -5.30 29.14 11.09
C GLU D 291 -3.83 28.89 11.25
N ASN D 292 -3.27 29.37 12.35
CA ASN D 292 -1.86 29.12 12.70
C ASN D 292 -1.60 27.67 13.08
N ILE D 293 -0.49 27.12 12.56
CA ILE D 293 -0.02 25.81 12.92
C ILE D 293 0.28 25.73 14.41
N ASP D 294 0.91 26.77 14.97
CA ASP D 294 1.25 26.74 16.39
C ASP D 294 0.03 26.66 17.31
N HIS D 295 -1.02 27.44 17.02
CA HIS D 295 -2.27 27.41 17.77
C HIS D 295 -2.90 26.02 17.72
N ALA D 296 -2.97 25.45 16.52
CA ALA D 296 -3.64 24.14 16.36
C ALA D 296 -2.87 23.06 17.13
N ALA D 297 -1.56 23.01 16.97
CA ALA D 297 -0.73 21.99 17.62
C ALA D 297 -0.67 22.13 19.15
N ASP D 298 -0.52 23.35 19.64
CA ASP D 298 -0.45 23.62 21.09
C ASP D 298 -1.77 23.26 21.78
N TRP D 299 -2.89 23.58 21.13
CA TRP D 299 -4.19 23.24 21.69
C TRP D 299 -4.30 21.71 21.73
N PHE D 300 -3.94 21.06 20.63
CA PHE D 300 -4.12 19.60 20.53
C PHE D 300 -3.22 18.83 21.52
N GLU D 301 -1.99 19.30 21.68
CA GLU D 301 -1.03 18.72 22.61
C GLU D 301 -1.61 18.56 24.00
N ASN D 302 -2.44 19.51 24.42
CA ASN D 302 -2.85 19.61 25.83
C ASN D 302 -4.33 19.36 26.10
N THR D 303 -5.10 19.10 25.05
CA THR D 303 -6.53 18.85 25.24
C THR D 303 -6.74 17.60 26.09
N SER D 304 -7.91 17.58 26.75
CA SER D 304 -8.20 16.71 27.89
C SER D 304 -8.80 15.37 27.45
N ILE D 305 -7.95 14.56 26.80
CA ILE D 305 -8.33 13.23 26.33
C ILE D 305 -7.22 12.27 26.74
N SER D 306 -7.47 10.96 26.59
CA SER D 306 -6.50 9.93 26.92
C SER D 306 -5.31 10.03 25.98
N GLU D 307 -4.13 9.61 26.44
CA GLU D 307 -2.98 9.62 25.53
C GLU D 307 -3.18 8.63 24.36
N ALA D 308 -3.93 7.56 24.57
CA ALA D 308 -4.20 6.61 23.51
C ALA D 308 -4.99 7.31 22.39
N ASP D 309 -5.98 8.12 22.78
CA ASP D 309 -6.76 8.86 21.79
C ASP D 309 -5.99 10.02 21.14
N ARG D 310 -5.11 10.68 21.91
CA ARG D 310 -4.27 11.74 21.35
C ARG D 310 -3.42 11.15 20.21
N LYS D 311 -2.98 9.91 20.37
CA LYS D 311 -2.19 9.24 19.33
C LYS D 311 -3.02 8.93 18.09
N LYS D 312 -4.23 8.39 18.31
CA LYS D 312 -5.14 8.06 17.23
C LYS D 312 -5.55 9.32 16.47
N ILE D 313 -5.92 10.36 17.22
CA ILE D 313 -6.35 11.60 16.56
C ILE D 313 -5.15 12.29 15.90
N GLY D 314 -4.01 12.25 16.58
CA GLY D 314 -2.77 12.86 16.07
C GLY D 314 -2.25 12.30 14.75
N TRP D 315 -2.31 10.98 14.60
CA TRP D 315 -1.74 10.29 13.43
C TRP D 315 -2.28 8.88 13.17
N GLY D 316 -2.70 8.18 14.23
CA GLY D 316 -3.05 6.76 14.13
C GLY D 316 -4.24 6.54 13.20
N ASN D 317 -5.26 7.39 13.35
CA ASN D 317 -6.46 7.25 12.54
C ASN D 317 -6.19 7.52 11.06
N ALA D 318 -5.45 8.61 10.79
CA ALA D 318 -5.06 9.02 9.44
C ALA D 318 -4.14 8.00 8.77
N GLN D 319 -3.17 7.49 9.52
CA GLN D 319 -2.32 6.40 9.05
C GLN D 319 -3.14 5.29 8.44
N ASN D 320 -4.18 4.86 9.16
CA ASN D 320 -5.06 3.75 8.76
C ASN D 320 -5.92 4.12 7.58
N LEU D 321 -6.55 5.28 7.69
CA LEU D 321 -7.49 5.78 6.69
C LEU D 321 -6.78 5.88 5.32
N PHE D 322 -5.64 6.56 5.27
CA PHE D 322 -4.94 6.80 3.99
C PHE D 322 -3.89 5.74 3.63
N LYS D 323 -3.80 4.69 4.44
CA LYS D 323 -2.93 3.51 4.19
C LYS D 323 -1.47 3.94 4.04
N LEU D 324 -1.05 4.74 5.02
CA LEU D 324 0.22 5.45 5.02
C LEU D 324 1.27 4.69 5.84
N ASN E 2 27.13 6.89 -21.97
CA ASN E 2 27.42 7.50 -20.69
C ASN E 2 26.30 7.23 -19.68
N GLY E 3 26.63 7.45 -18.42
CA GLY E 3 25.64 7.38 -17.41
C GLY E 3 25.41 5.95 -16.93
N LYS E 4 26.27 4.96 -17.23
CA LYS E 4 26.01 3.61 -16.69
C LYS E 4 26.12 3.55 -15.15
N ILE E 5 25.35 2.65 -14.55
CA ILE E 5 25.53 2.28 -13.13
C ILE E 5 26.12 0.86 -13.09
N ALA E 6 27.20 0.69 -12.34
CA ALA E 6 27.84 -0.62 -12.16
C ALA E 6 27.79 -0.98 -10.66
N LEU E 7 27.44 -2.23 -10.33
CA LEU E 7 27.20 -2.56 -8.91
C LEU E 7 27.86 -3.86 -8.40
N GLU E 8 28.89 -4.34 -9.10
CA GLU E 8 29.75 -5.37 -8.49
C GLU E 8 31.20 -4.92 -8.66
N GLU E 9 31.55 -3.88 -7.90
CA GLU E 9 32.77 -3.11 -8.13
C GLU E 9 33.47 -3.08 -6.77
N HIS E 10 34.67 -3.64 -6.70
CA HIS E 10 35.22 -4.03 -5.40
C HIS E 10 36.43 -3.18 -4.97
N PHE E 11 36.66 -3.13 -3.67
CA PHE E 11 37.87 -2.55 -3.09
C PHE E 11 38.28 -3.43 -1.93
N ALA E 12 39.48 -3.19 -1.41
CA ALA E 12 39.92 -3.84 -0.17
C ALA E 12 40.37 -2.75 0.77
N THR E 13 40.32 -3.02 2.07
CA THR E 13 41.06 -2.21 3.04
C THR E 13 42.38 -2.95 3.27
N GLU E 14 43.34 -2.32 3.93
CA GLU E 14 44.60 -3.03 4.19
C GLU E 14 44.28 -4.29 5.01
N GLU E 15 43.29 -4.18 5.89
CA GLU E 15 42.85 -5.31 6.70
C GLU E 15 42.41 -6.53 5.90
N THR E 16 41.68 -6.33 4.79
CA THR E 16 41.17 -7.47 4.03
C THR E 16 41.95 -7.74 2.74
N LEU E 17 42.94 -6.90 2.44
CA LEU E 17 43.63 -6.97 1.16
C LEU E 17 44.14 -8.37 0.81
N ASP E 19 43.16 -11.29 1.40
CA ASP E 19 42.16 -12.22 0.90
C ASP E 19 42.16 -12.38 -0.63
N SER E 20 42.58 -11.33 -1.34
CA SER E 20 42.52 -11.34 -2.80
C SER E 20 43.82 -11.87 -3.42
N ALA E 21 44.86 -11.98 -2.61
CA ALA E 21 46.15 -12.49 -3.09
C ALA E 21 46.00 -13.93 -3.57
N GLY E 22 46.75 -14.28 -4.61
CA GLY E 22 46.71 -15.66 -5.09
C GLY E 22 45.50 -15.93 -5.94
N PHE E 23 44.66 -14.91 -6.15
CA PHE E 23 43.63 -15.01 -7.19
C PHE E 23 44.19 -14.74 -8.59
N VAL E 24 45.36 -14.11 -8.66
CA VAL E 24 46.00 -13.85 -9.94
C VAL E 24 47.43 -14.31 -9.84
N PRO E 25 48.15 -14.48 -10.97
CA PRO E 25 49.57 -14.81 -10.89
C PRO E 25 50.36 -13.78 -10.05
N ASP E 26 51.46 -14.22 -9.44
CA ASP E 26 52.33 -13.34 -8.67
C ASP E 26 52.72 -12.07 -9.41
N LYS E 27 52.99 -12.17 -10.72
CA LYS E 27 53.50 -11.00 -11.48
C LYS E 27 52.43 -9.91 -11.66
N ASP E 28 51.17 -10.30 -11.46
CA ASP E 28 50.03 -9.42 -11.61
C ASP E 28 49.48 -8.88 -10.30
N TRP E 29 50.02 -9.37 -9.20
CA TRP E 29 49.53 -8.92 -7.88
C TRP E 29 49.76 -7.40 -7.68
N PRO E 30 50.93 -6.83 -8.08
CA PRO E 30 51.11 -5.39 -7.89
C PRO E 30 49.98 -4.57 -8.50
N GLU E 31 49.61 -4.90 -9.75
CA GLU E 31 48.45 -4.27 -10.39
C GLU E 31 47.14 -4.52 -9.66
N LEU E 32 46.80 -5.78 -9.33
CA LEU E 32 45.53 -6.04 -8.64
C LEU E 32 45.47 -5.34 -7.30
N ARG E 33 46.55 -5.44 -6.54
N ARG E 33 46.55 -5.44 -6.53
CA ARG E 33 46.68 -4.77 -5.25
CA ARG E 33 46.66 -4.74 -5.25
C ARG E 33 46.41 -3.26 -5.40
C ARG E 33 46.39 -3.25 -5.41
N SER E 34 47.04 -2.64 -6.39
CA SER E 34 46.90 -1.20 -6.62
C SER E 34 45.44 -0.86 -6.97
N ARG E 35 44.78 -1.71 -7.76
CA ARG E 35 43.36 -1.44 -8.12
C ARG E 35 42.44 -1.58 -6.90
N LEU E 36 42.69 -2.57 -6.05
CA LEU E 36 41.82 -2.81 -4.88
C LEU E 36 41.89 -1.68 -3.89
N LEU E 37 43.07 -1.12 -3.72
CA LEU E 37 43.26 -0.04 -2.72
C LEU E 37 42.86 1.34 -3.28
N ASP E 38 42.80 1.49 -4.59
CA ASP E 38 42.46 2.79 -5.16
C ASP E 38 40.96 2.94 -5.36
N ILE E 39 40.38 3.97 -4.76
CA ILE E 39 38.95 4.27 -4.92
C ILE E 39 38.78 5.63 -5.62
N GLN E 40 39.57 6.61 -5.17
CA GLN E 40 39.35 8.02 -5.55
C GLN E 40 39.93 8.49 -6.89
N ASP E 41 40.97 7.81 -7.38
CA ASP E 41 41.80 8.42 -8.41
C ASP E 41 41.66 7.73 -9.77
N ARG E 42 42.53 6.76 -10.06
CA ARG E 42 42.46 6.09 -11.35
C ARG E 42 41.08 5.45 -11.59
N ARG E 43 40.49 4.89 -10.55
CA ARG E 43 39.18 4.22 -10.67
C ARG E 43 38.17 5.21 -11.28
N VAL E 44 38.16 6.45 -10.81
CA VAL E 44 37.22 7.44 -11.32
C VAL E 44 37.59 7.90 -12.76
N ARG E 45 38.87 8.04 -13.06
N ARG E 45 38.88 8.01 -13.04
CA ARG E 45 39.29 8.31 -14.43
CA ARG E 45 39.38 8.29 -14.39
C ARG E 45 38.78 7.23 -15.39
C ARG E 45 38.88 7.23 -15.39
N LEU E 46 38.97 5.96 -15.01
CA LEU E 46 38.44 4.85 -15.84
C LEU E 46 36.92 4.90 -15.97
N ASP E 48 35.15 7.64 -15.95
CA ASP E 48 35.00 8.74 -16.91
C ASP E 48 35.30 8.31 -18.36
N GLU E 49 36.36 7.54 -18.55
CA GLU E 49 36.72 7.12 -19.90
C GLU E 49 35.79 6.04 -20.51
N HIS E 50 35.01 5.34 -19.68
CA HIS E 50 34.21 4.21 -20.16
C HIS E 50 32.74 4.31 -19.80
N GLY E 51 32.28 5.57 -19.64
CA GLY E 51 30.85 5.89 -19.54
C GLY E 51 30.14 5.34 -18.30
N ILE E 52 30.82 5.28 -17.14
CA ILE E 52 30.16 4.85 -15.89
C ILE E 52 29.96 6.08 -15.00
N GLU E 53 28.71 6.44 -14.69
CA GLU E 53 28.43 7.59 -13.81
C GLU E 53 28.60 7.21 -12.34
N THR E 54 28.16 5.99 -11.98
CA THR E 54 28.11 5.56 -10.58
C THR E 54 28.59 4.11 -10.40
N ILE E 56 28.54 1.29 -7.46
CA ILE E 56 28.12 0.88 -6.13
C ILE E 56 29.22 -0.06 -5.63
N LEU E 57 29.95 0.39 -4.61
CA LEU E 57 31.16 -0.29 -4.11
C LEU E 57 30.87 -1.35 -3.07
N SER E 58 31.69 -2.38 -3.06
CA SER E 58 31.58 -3.42 -2.05
C SER E 58 32.94 -3.99 -1.77
N LEU E 59 33.09 -4.48 -0.55
CA LEU E 59 34.37 -5.01 -0.07
C LEU E 59 34.68 -6.29 -0.84
N ASN E 60 35.96 -6.69 -0.84
CA ASN E 60 36.45 -7.88 -1.53
C ASN E 60 36.04 -9.16 -0.80
N ALA E 61 36.62 -10.30 -1.19
CA ALA E 61 36.11 -11.63 -0.82
C ALA E 61 37.20 -12.61 -0.42
N PRO E 62 36.91 -13.58 0.51
CA PRO E 62 35.63 -13.75 1.21
C PRO E 62 35.45 -12.73 2.36
N ALA E 63 36.54 -12.09 2.77
CA ALA E 63 36.49 -10.99 3.77
C ALA E 63 35.70 -11.38 5.02
N VAL E 64 34.58 -10.72 5.31
CA VAL E 64 33.89 -10.98 6.61
C VAL E 64 33.42 -12.44 6.71
N GLN E 65 33.05 -13.02 5.58
CA GLN E 65 32.50 -14.35 5.59
C GLN E 65 33.47 -15.43 6.09
N ALA E 66 34.76 -15.11 6.07
CA ALA E 66 35.77 -16.04 6.52
C ALA E 66 36.34 -15.71 7.92
N ILE E 67 35.75 -14.73 8.60
CA ILE E 67 36.18 -14.41 9.97
C ILE E 67 35.31 -15.22 10.95
N ALA E 68 35.90 -16.27 11.54
CA ALA E 68 35.11 -17.31 12.22
C ALA E 68 34.69 -16.93 13.65
N ASP E 69 35.37 -15.95 14.23
CA ASP E 69 34.94 -15.41 15.52
C ASP E 69 33.93 -14.30 15.20
N SER E 70 32.65 -14.56 15.48
CA SER E 70 31.58 -13.59 15.13
C SER E 70 31.81 -12.19 15.72
N THR E 71 32.39 -12.12 16.93
CA THR E 71 32.72 -10.81 17.49
C THR E 71 33.72 -10.08 16.62
N ARG E 72 34.78 -10.78 16.17
N ARG E 72 34.77 -10.76 16.15
CA ARG E 72 35.78 -10.16 15.30
CA ARG E 72 35.77 -10.10 15.31
C ARG E 72 35.16 -9.81 13.95
C ARG E 72 35.32 -9.94 13.85
N ALA E 73 34.30 -10.69 13.44
CA ALA E 73 33.65 -10.50 12.14
C ALA E 73 32.85 -9.19 12.17
N ASN E 74 32.11 -8.98 13.25
CA ASN E 74 31.36 -7.74 13.42
C ASN E 74 32.25 -6.49 13.47
N GLU E 75 33.37 -6.60 14.21
CA GLU E 75 34.35 -5.52 14.30
C GLU E 75 34.91 -5.14 12.95
N THR E 76 35.25 -6.16 12.14
CA THR E 76 35.78 -5.92 10.80
C THR E 76 34.74 -5.30 9.90
N ALA E 77 33.52 -5.83 9.95
CA ALA E 77 32.43 -5.31 9.12
C ALA E 77 32.23 -3.81 9.40
N ARG E 78 32.21 -3.46 10.69
CA ARG E 78 31.99 -2.07 11.10
C ARG E 78 33.09 -1.14 10.59
N ARG E 79 34.34 -1.56 10.75
CA ARG E 79 35.49 -0.81 10.21
C ARG E 79 35.41 -0.63 8.72
N ALA E 80 35.11 -1.72 8.00
CA ALA E 80 35.09 -1.65 6.53
C ALA E 80 33.94 -0.77 6.05
N ASN E 81 32.82 -0.83 6.73
CA ASN E 81 31.68 -0.02 6.35
C ASN E 81 31.91 1.46 6.65
N ASP E 82 32.52 1.77 7.79
CA ASP E 82 32.84 3.15 8.10
C ASP E 82 33.84 3.70 7.07
N PHE E 83 34.85 2.91 6.73
CA PHE E 83 35.82 3.32 5.71
C PHE E 83 35.09 3.60 4.39
N LEU E 84 34.25 2.66 3.98
CA LEU E 84 33.50 2.85 2.73
C LEU E 84 32.68 4.11 2.75
N ALA E 85 32.02 4.38 3.88
CA ALA E 85 31.14 5.57 3.95
C ALA E 85 31.96 6.85 3.85
N GLU E 86 33.13 6.87 4.48
CA GLU E 86 34.06 8.00 4.32
C GLU E 86 34.48 8.18 2.85
N GLN E 87 34.76 7.06 2.17
CA GLN E 87 35.22 7.12 0.78
C GLN E 87 34.14 7.60 -0.16
N VAL E 88 32.92 7.09 0.02
CA VAL E 88 31.79 7.53 -0.77
C VAL E 88 31.58 9.02 -0.58
N ALA E 89 31.69 9.50 0.66
CA ALA E 89 31.44 10.92 0.93
C ALA E 89 32.43 11.86 0.23
N LYS E 90 33.60 11.36 -0.16
CA LYS E 90 34.53 12.21 -0.93
C LYS E 90 34.04 12.54 -2.36
N GLN E 91 33.37 11.59 -2.99
CA GLN E 91 32.79 11.83 -4.32
C GLN E 91 31.35 11.30 -4.37
N PRO E 92 30.42 11.98 -3.67
CA PRO E 92 29.09 11.39 -3.46
C PRO E 92 28.21 11.21 -4.71
N THR E 93 28.48 11.94 -5.79
CA THR E 93 27.74 11.78 -7.04
C THR E 93 28.25 10.58 -7.85
N ARG E 94 29.43 10.04 -7.49
CA ARG E 94 30.02 8.94 -8.30
C ARG E 94 29.95 7.56 -7.61
N PHE E 95 29.66 7.53 -6.30
CA PHE E 95 29.66 6.26 -5.57
C PHE E 95 28.45 6.10 -4.67
N ARG E 96 28.10 4.83 -4.44
CA ARG E 96 27.25 4.40 -3.35
C ARG E 96 27.95 3.21 -2.72
N GLY E 97 27.48 2.80 -1.55
CA GLY E 97 28.06 1.59 -0.92
C GLY E 97 27.06 0.48 -0.70
N PHE E 98 27.57 -0.75 -0.79
CA PHE E 98 26.92 -1.96 -0.24
C PHE E 98 27.57 -2.32 1.13
N ALA E 99 26.73 -2.70 2.11
CA ALA E 99 27.20 -3.18 3.42
C ALA E 99 27.92 -4.52 3.33
N ALA E 100 29.03 -4.62 4.06
CA ALA E 100 29.63 -5.90 4.45
C ALA E 100 28.98 -6.28 5.78
N LEU E 101 28.65 -7.56 5.96
CA LEU E 101 27.84 -7.97 7.11
C LEU E 101 28.41 -9.19 7.80
N PRO E 102 28.36 -9.20 9.14
CA PRO E 102 28.77 -10.36 9.96
C PRO E 102 27.67 -11.43 10.03
N GLN E 104 27.74 -14.44 10.26
CA GLN E 104 27.92 -15.43 11.33
C GLN E 104 26.82 -15.35 12.40
N ASP E 105 26.35 -14.13 12.66
CA ASP E 105 25.39 -13.87 13.73
C ASP E 105 24.21 -13.09 13.15
N PRO E 106 23.05 -13.75 13.01
CA PRO E 106 21.92 -13.05 12.34
C PRO E 106 21.56 -11.71 13.00
N GLU E 107 21.62 -11.67 14.33
CA GLU E 107 21.35 -10.44 15.02
C GLU E 107 22.37 -9.30 14.75
N LEU E 108 23.66 -9.59 14.88
CA LEU E 108 24.69 -8.59 14.59
C LEU E 108 24.56 -8.12 13.12
N ALA E 109 24.23 -9.05 12.23
CA ALA E 109 24.14 -8.76 10.81
C ALA E 109 22.96 -7.84 10.49
N ALA E 110 21.80 -8.10 11.10
CA ALA E 110 20.61 -7.23 10.95
C ALA E 110 20.88 -5.82 11.51
N ARG E 111 21.48 -5.74 12.70
CA ARG E 111 21.83 -4.42 13.28
C ARG E 111 22.81 -3.67 12.39
N GLU E 112 23.83 -4.35 11.87
CA GLU E 112 24.81 -3.67 11.03
C GLU E 112 24.17 -3.21 9.71
N LEU E 113 23.30 -4.03 9.15
CA LEU E 113 22.58 -3.58 7.94
C LEU E 113 21.71 -2.32 8.23
N GLU E 114 20.98 -2.29 9.34
N GLU E 114 21.01 -2.31 9.36
CA GLU E 114 20.20 -1.10 9.72
CA GLU E 114 20.21 -1.15 9.80
C GLU E 114 21.11 0.11 9.84
C GLU E 114 21.07 0.10 9.90
N ARG E 115 22.20 -0.03 10.59
CA ARG E 115 23.17 1.08 10.73
C ARG E 115 23.67 1.55 9.35
N CYS E 116 24.11 0.61 8.50
CA CYS E 116 24.58 0.97 7.17
C CYS E 116 23.55 1.69 6.33
N VAL E 117 22.31 1.22 6.35
CA VAL E 117 21.25 1.82 5.53
C VAL E 117 20.79 3.16 6.12
N LYS E 118 20.44 3.19 7.40
CA LYS E 118 19.83 4.39 8.00
C LYS E 118 20.83 5.48 8.37
N GLU E 119 22.02 5.08 8.81
CA GLU E 119 23.06 6.05 9.20
C GLU E 119 24.09 6.35 8.12
N LEU E 120 24.52 5.34 7.37
CA LEU E 120 25.58 5.51 6.36
C LEU E 120 25.10 5.73 4.92
N GLY E 121 23.81 5.51 4.69
CA GLY E 121 23.18 5.75 3.38
C GLY E 121 23.51 4.68 2.35
N PHE E 122 23.90 3.48 2.80
CA PHE E 122 24.21 2.38 1.87
C PHE E 122 22.93 1.88 1.26
N VAL E 123 23.02 1.23 0.11
CA VAL E 123 21.81 0.96 -0.68
C VAL E 123 21.55 -0.55 -0.84
N GLY E 124 22.23 -1.35 0.00
CA GLY E 124 22.03 -2.81 0.00
C GLY E 124 23.22 -3.45 0.69
N ALA E 125 23.31 -4.77 0.55
CA ALA E 125 24.38 -5.56 1.16
C ALA E 125 25.00 -6.49 0.11
N LEU E 126 26.28 -6.80 0.31
CA LEU E 126 26.98 -7.79 -0.50
C LEU E 126 27.67 -8.76 0.42
N VAL E 127 27.35 -10.04 0.25
CA VAL E 127 27.90 -11.12 1.06
C VAL E 127 28.47 -12.21 0.15
N ASN E 128 29.69 -12.67 0.51
CA ASN E 128 30.41 -13.66 -0.26
C ASN E 128 30.04 -15.08 0.17
N GLY E 129 28.82 -15.50 -0.17
CA GLY E 129 28.44 -16.90 0.05
C GLY E 129 28.31 -17.25 1.51
N PHE E 130 28.44 -18.55 1.82
CA PHE E 130 28.32 -19.06 3.19
C PHE E 130 29.31 -18.43 4.17
N SER E 131 28.95 -18.53 5.45
CA SER E 131 29.85 -18.00 6.50
C SER E 131 30.52 -19.11 7.26
N GLN E 132 31.74 -18.85 7.72
CA GLN E 132 32.37 -19.74 8.70
C GLN E 132 32.18 -19.12 10.08
N ASP E 133 31.73 -19.91 11.05
CA ASP E 133 31.58 -19.43 12.42
C ASP E 133 32.09 -20.52 13.34
N ASN E 134 32.95 -20.13 14.29
CA ASN E 134 33.56 -21.12 15.18
C ASN E 134 32.56 -21.99 15.95
N ARG E 135 31.35 -21.46 16.20
CA ARG E 135 30.35 -22.19 17.01
C ARG E 135 29.69 -23.32 16.22
N SER E 136 29.79 -23.25 14.89
CA SER E 136 29.08 -24.19 14.03
C SER E 136 30.07 -25.15 13.35
N ALA E 137 29.77 -26.44 13.47
CA ALA E 137 30.57 -27.50 12.83
C ALA E 137 30.41 -27.49 11.31
N VAL E 138 29.34 -26.86 10.84
CA VAL E 138 29.05 -26.78 9.41
C VAL E 138 29.04 -25.33 8.92
N PRO E 139 29.30 -25.13 7.63
CA PRO E 139 29.20 -23.80 7.03
C PRO E 139 27.75 -23.31 7.08
N LEU E 140 27.60 -22.00 7.25
CA LEU E 140 26.29 -21.36 7.46
C LEU E 140 25.76 -20.80 6.15
N TYR E 141 24.58 -21.28 5.76
CA TYR E 141 23.89 -20.92 4.51
C TYR E 141 22.60 -20.19 4.91
N TYR E 142 22.17 -19.23 4.10
CA TYR E 142 21.22 -18.24 4.62
C TYR E 142 19.78 -18.64 4.45
N ASP E 143 19.54 -19.87 3.99
CA ASP E 143 18.20 -20.43 4.01
C ASP E 143 17.84 -20.98 5.39
N ALA E 145 16.88 -21.54 9.26
CA ALA E 145 15.80 -20.83 10.00
C ALA E 145 16.28 -19.62 10.83
N GLN E 146 17.48 -19.71 11.41
CA GLN E 146 18.05 -18.61 12.20
C GLN E 146 18.19 -17.30 11.41
N TYR E 147 18.22 -17.36 10.08
CA TYR E 147 18.35 -16.14 9.26
C TYR E 147 17.04 -15.45 8.95
N TRP E 148 15.92 -16.11 9.24
CA TRP E 148 14.63 -15.54 8.82
C TRP E 148 14.37 -14.16 9.47
N PRO E 149 14.72 -13.98 10.76
CA PRO E 149 14.60 -12.59 11.30
C PRO E 149 15.54 -11.57 10.64
N PHE E 150 16.68 -12.04 10.14
CA PHE E 150 17.56 -11.15 9.39
C PHE E 150 16.88 -10.78 8.06
N TRP E 151 16.30 -11.75 7.37
CA TRP E 151 15.62 -11.48 6.10
C TRP E 151 14.40 -10.55 6.28
N GLU E 152 13.71 -10.69 7.41
N GLU E 152 13.70 -10.69 7.41
CA GLU E 152 12.58 -9.81 7.77
CA GLU E 152 12.58 -9.79 7.75
C GLU E 152 13.10 -8.37 7.80
C GLU E 152 13.09 -8.36 7.83
N THR E 153 14.33 -8.20 8.29
CA THR E 153 14.94 -6.88 8.43
C THR E 153 15.28 -6.34 7.03
N VAL E 154 15.84 -7.21 6.19
CA VAL E 154 16.18 -6.84 4.80
C VAL E 154 14.92 -6.35 4.10
N GLN E 155 13.82 -7.11 4.26
CA GLN E 155 12.59 -6.75 3.59
C GLN E 155 12.07 -5.42 4.12
N ALA E 156 12.13 -5.23 5.43
CA ALA E 156 11.65 -3.98 6.07
C ALA E 156 12.43 -2.74 5.61
N LEU E 157 13.74 -2.86 5.47
CA LEU E 157 14.58 -1.78 4.96
C LEU E 157 14.39 -1.61 3.45
N ASP E 158 13.93 -2.68 2.81
CA ASP E 158 13.63 -2.69 1.37
C ASP E 158 14.90 -2.38 0.54
N VAL E 159 15.99 -3.08 0.85
CA VAL E 159 17.22 -2.91 0.06
C VAL E 159 17.63 -4.30 -0.43
N PRO E 160 18.28 -4.40 -1.61
CA PRO E 160 18.66 -5.73 -2.13
C PRO E 160 19.85 -6.37 -1.45
N PHE E 161 19.98 -7.70 -1.60
CA PHE E 161 21.07 -8.46 -1.02
C PHE E 161 21.78 -9.11 -2.19
N TYR E 162 23.08 -8.81 -2.32
CA TYR E 162 23.86 -9.31 -3.47
C TYR E 162 24.61 -10.54 -2.94
N LEU E 163 24.30 -11.71 -3.50
CA LEU E 163 24.90 -12.96 -3.09
C LEU E 163 26.07 -13.25 -4.04
N HIS E 164 27.28 -13.06 -3.55
CA HIS E 164 28.51 -13.11 -4.34
C HIS E 164 29.13 -14.46 -4.04
N PRO E 165 30.02 -14.95 -4.92
CA PRO E 165 30.66 -16.24 -4.69
C PRO E 165 31.72 -16.29 -3.59
N ARG E 166 31.96 -17.50 -3.10
CA ARG E 166 33.28 -17.85 -2.58
C ARG E 166 33.44 -19.30 -3.00
N ASN E 167 34.63 -19.83 -2.82
CA ASN E 167 34.86 -21.23 -3.13
C ASN E 167 34.25 -22.15 -2.08
N PRO E 168 33.89 -23.38 -2.49
CA PRO E 168 33.55 -24.38 -1.48
C PRO E 168 34.72 -24.65 -0.52
N LEU E 169 34.42 -25.03 0.72
CA LEU E 169 35.47 -25.50 1.64
C LEU E 169 36.16 -26.71 1.02
N PRO E 170 37.47 -26.90 1.28
CA PRO E 170 38.19 -28.05 0.71
C PRO E 170 37.50 -29.41 0.88
N SER E 171 36.94 -29.71 2.05
CA SER E 171 36.25 -31.01 2.27
C SER E 171 34.98 -31.14 1.42
N ASP E 172 34.48 -30.01 0.91
CA ASP E 172 33.32 -30.01 0.01
C ASP E 172 33.77 -29.79 -1.42
N ALA E 173 35.05 -29.98 -1.69
CA ALA E 173 35.60 -29.61 -3.00
C ALA E 173 36.44 -30.74 -3.60
N ARG E 174 36.21 -31.98 -3.17
CA ARG E 174 37.04 -33.10 -3.61
C ARG E 174 36.95 -33.34 -5.13
N ILE E 175 35.80 -33.05 -5.73
CA ILE E 175 35.66 -33.21 -7.18
C ILE E 175 36.72 -32.37 -7.94
N TYR E 176 37.20 -31.30 -7.30
CA TYR E 176 38.21 -30.45 -7.92
C TYR E 176 39.65 -30.74 -7.49
N ASP E 177 39.82 -31.71 -6.59
CA ASP E 177 41.15 -32.11 -6.12
C ASP E 177 42.01 -32.49 -7.31
N GLY E 178 43.23 -31.93 -7.34
CA GLY E 178 44.17 -32.03 -8.47
C GLY E 178 43.70 -31.30 -9.73
N HIS E 179 42.66 -30.47 -9.61
CA HIS E 179 42.12 -29.71 -10.74
C HIS E 179 41.74 -28.32 -10.23
N ALA E 180 42.71 -27.67 -9.59
CA ALA E 180 42.49 -26.39 -8.93
C ALA E 180 42.09 -25.30 -9.93
N TRP E 181 42.47 -25.52 -11.20
CA TRP E 181 42.07 -24.58 -12.27
C TRP E 181 40.55 -24.39 -12.39
N LEU E 182 39.77 -25.34 -11.88
CA LEU E 182 38.28 -25.25 -11.84
C LEU E 182 37.74 -24.42 -10.68
N LEU E 183 38.57 -24.23 -9.66
CA LEU E 183 38.17 -23.34 -8.55
C LEU E 183 38.02 -21.89 -8.98
N GLY E 184 37.27 -21.10 -8.20
CA GLY E 184 37.16 -19.68 -8.46
C GLY E 184 36.25 -19.36 -9.64
N PRO E 185 36.51 -18.23 -10.31
CA PRO E 185 35.56 -17.82 -11.37
C PRO E 185 35.44 -18.78 -12.54
N THR E 186 36.44 -19.62 -12.81
CA THR E 186 36.32 -20.62 -13.91
C THR E 186 35.03 -21.47 -13.85
N TRP E 187 34.70 -21.97 -12.67
CA TRP E 187 33.53 -22.85 -12.53
C TRP E 187 33.01 -22.94 -11.11
N ALA E 188 33.88 -23.18 -10.14
CA ALA E 188 33.40 -23.53 -8.77
C ALA E 188 32.59 -22.40 -8.10
N PHE E 189 32.97 -21.14 -8.35
CA PHE E 189 32.22 -20.00 -7.77
C PHE E 189 30.75 -20.08 -8.20
N GLY E 190 30.57 -20.46 -9.48
CA GLY E 190 29.24 -20.45 -10.09
C GLY E 190 28.39 -21.56 -9.49
N GLN E 191 28.95 -22.76 -9.40
CA GLN E 191 28.19 -23.88 -8.75
C GLN E 191 27.84 -23.52 -7.31
N GLU E 192 28.79 -23.00 -6.55
CA GLU E 192 28.56 -22.72 -5.16
C GLU E 192 27.42 -21.71 -4.99
N THR E 193 27.44 -20.69 -5.85
CA THR E 193 26.52 -19.57 -5.69
C THR E 193 25.13 -19.96 -6.25
N ALA E 194 25.09 -20.63 -7.40
CA ALA E 194 23.80 -21.15 -7.95
C ALA E 194 23.06 -22.00 -6.89
N VAL E 195 23.78 -22.90 -6.21
CA VAL E 195 23.14 -23.79 -5.21
C VAL E 195 22.70 -23.02 -3.98
N HIS E 196 23.53 -22.09 -3.52
CA HIS E 196 23.14 -21.29 -2.37
C HIS E 196 21.84 -20.53 -2.70
N ALA E 197 21.80 -19.92 -3.90
CA ALA E 197 20.58 -19.22 -4.37
C ALA E 197 19.36 -20.14 -4.43
N LEU E 198 19.54 -21.35 -4.99
CA LEU E 198 18.47 -22.35 -5.07
C LEU E 198 17.97 -22.78 -3.69
N ARG E 199 18.89 -22.91 -2.73
CA ARG E 199 18.49 -23.26 -1.35
C ARG E 199 17.59 -22.18 -0.77
N LEU E 200 17.95 -20.90 -0.99
CA LEU E 200 17.02 -19.83 -0.54
C LEU E 200 15.62 -20.02 -1.20
N GLY E 202 14.10 -22.73 -2.56
CA GLY E 202 13.40 -23.96 -2.14
C GLY E 202 12.97 -23.93 -0.68
N SER E 203 13.59 -23.06 0.12
CA SER E 203 13.35 -23.05 1.58
C SER E 203 11.99 -22.44 1.93
N GLY E 204 11.41 -21.67 1.00
CA GLY E 204 10.14 -21.01 1.27
C GLY E 204 10.35 -19.60 1.83
N LEU E 205 11.60 -19.15 1.86
CA LEU E 205 11.92 -17.80 2.34
C LEU E 205 11.08 -16.72 1.64
N PHE E 206 10.90 -16.88 0.32
CA PHE E 206 10.22 -15.88 -0.51
C PHE E 206 8.72 -16.00 -0.44
N ASP E 207 8.22 -17.10 0.15
CA ASP E 207 6.81 -17.17 0.54
C ASP E 207 6.58 -16.27 1.76
N LYS E 208 7.49 -16.33 2.72
CA LYS E 208 7.34 -15.55 3.94
C LYS E 208 7.63 -14.07 3.67
N TYR E 209 8.68 -13.79 2.90
CA TYR E 209 9.10 -12.41 2.63
C TYR E 209 9.14 -12.15 1.13
N PRO E 210 7.95 -11.99 0.52
CA PRO E 210 7.90 -12.00 -0.96
C PRO E 210 8.45 -10.75 -1.62
N ALA E 211 8.73 -9.68 -0.87
CA ALA E 211 9.32 -8.45 -1.45
C ALA E 211 10.86 -8.43 -1.48
N LEU E 212 11.49 -9.46 -0.90
CA LEU E 212 12.96 -9.60 -0.98
C LEU E 212 13.51 -9.47 -2.43
N LYS E 213 14.66 -8.82 -2.56
CA LYS E 213 15.34 -8.74 -3.87
C LYS E 213 16.76 -9.21 -3.68
N ILE E 214 17.10 -10.27 -4.40
CA ILE E 214 18.41 -10.89 -4.34
C ILE E 214 19.07 -10.64 -5.68
N ILE E 215 20.37 -10.31 -5.66
CA ILE E 215 21.09 -10.03 -6.87
C ILE E 215 22.21 -11.06 -7.01
N LEU E 216 22.36 -11.59 -8.23
CA LEU E 216 23.43 -12.54 -8.53
C LEU E 216 24.29 -11.95 -9.66
N GLY E 217 25.59 -12.12 -9.56
CA GLY E 217 26.47 -11.68 -10.65
C GLY E 217 26.60 -12.77 -11.72
N HIS E 218 27.47 -12.53 -12.70
CA HIS E 218 27.88 -13.57 -13.68
C HIS E 218 26.70 -14.11 -14.46
N GLY E 220 23.84 -14.73 -13.45
CA GLY E 220 23.07 -15.66 -12.67
C GLY E 220 23.67 -17.04 -12.54
N GLU E 221 24.99 -17.19 -12.78
CA GLU E 221 25.72 -18.41 -12.35
C GLU E 221 25.12 -19.66 -12.98
N GLY E 222 24.78 -19.58 -14.28
CA GLY E 222 24.25 -20.79 -14.95
C GLY E 222 22.74 -20.98 -14.86
N LEU E 223 22.09 -20.27 -13.94
CA LEU E 223 20.70 -20.63 -13.58
C LEU E 223 19.71 -20.51 -14.76
N PRO E 224 19.78 -19.42 -15.56
CA PRO E 224 18.75 -19.30 -16.61
C PRO E 224 18.73 -20.47 -17.58
N TYR E 225 19.91 -21.00 -17.94
CA TYR E 225 20.00 -22.07 -18.96
C TYR E 225 19.32 -23.36 -18.53
N SER E 226 19.38 -23.63 -17.22
CA SER E 226 18.85 -24.88 -16.65
C SER E 226 17.58 -24.70 -15.82
N TRP E 228 14.30 -24.12 -16.57
CA TRP E 228 13.21 -24.99 -17.00
C TRP E 228 13.34 -26.38 -16.39
N ARG E 229 14.53 -26.95 -16.51
CA ARG E 229 14.79 -28.33 -16.06
C ARG E 229 14.67 -28.45 -14.54
N ILE E 230 15.11 -27.42 -13.80
CA ILE E 230 14.99 -27.45 -12.33
C ILE E 230 13.57 -27.84 -11.87
N ASP E 231 12.55 -27.20 -12.45
CA ASP E 231 11.14 -27.57 -12.07
C ASP E 231 10.55 -28.72 -12.88
N HIS E 232 10.89 -28.77 -14.16
CA HIS E 232 10.10 -29.58 -15.11
C HIS E 232 10.67 -30.92 -15.46
N ARG E 233 11.84 -31.24 -14.90
CA ARG E 233 12.41 -32.58 -15.12
C ARG E 233 11.35 -33.62 -14.72
N ASN E 234 11.33 -34.75 -15.44
CA ASN E 234 10.39 -35.85 -15.16
C ASN E 234 8.94 -35.38 -14.98
N ALA E 235 8.47 -34.54 -15.89
CA ALA E 235 7.15 -33.88 -15.81
C ALA E 235 5.97 -34.80 -15.84
N TRP E 236 6.14 -36.01 -16.38
CA TRP E 236 5.04 -36.97 -16.38
C TRP E 236 4.61 -37.38 -14.96
N ILE E 237 5.53 -37.24 -14.00
CA ILE E 237 5.19 -37.45 -12.58
C ILE E 237 4.34 -36.29 -12.09
N LYS E 238 3.17 -36.58 -11.56
CA LYS E 238 2.32 -35.55 -10.95
C LYS E 238 2.50 -35.61 -9.43
N THR E 239 3.13 -34.58 -8.87
CA THR E 239 3.48 -34.64 -7.43
C THR E 239 3.72 -33.23 -6.86
N THR E 240 3.74 -33.14 -5.53
CA THR E 240 4.17 -31.90 -4.85
C THR E 240 5.69 -31.95 -4.65
N PRO E 241 6.40 -30.91 -5.11
CA PRO E 241 7.86 -30.88 -4.95
C PRO E 241 8.25 -31.05 -3.47
N LYS E 242 9.37 -31.71 -3.23
CA LYS E 242 9.84 -32.08 -1.88
C LYS E 242 10.54 -30.96 -1.10
N TYR E 243 10.39 -29.72 -1.52
CA TYR E 243 10.98 -28.65 -0.76
C TYR E 243 9.86 -27.95 -0.02
N PRO E 244 10.20 -27.15 1.01
CA PRO E 244 9.16 -26.49 1.76
C PRO E 244 8.42 -25.37 1.02
N ALA E 245 9.06 -24.73 0.01
CA ALA E 245 8.44 -23.61 -0.72
C ALA E 245 7.11 -24.05 -1.31
N LYS E 246 6.17 -23.12 -1.39
CA LYS E 246 4.83 -23.44 -1.91
C LYS E 246 4.71 -23.47 -3.45
N ARG E 247 5.62 -22.83 -4.15
CA ARG E 247 5.44 -22.64 -5.61
C ARG E 247 6.60 -23.26 -6.37
N LYS E 248 6.72 -22.95 -7.67
N LYS E 248 6.71 -23.01 -7.67
CA LYS E 248 7.83 -23.40 -8.49
CA LYS E 248 7.84 -23.53 -8.43
C LYS E 248 9.05 -22.58 -8.14
C LYS E 248 9.03 -22.62 -8.19
N ILE E 249 10.22 -23.20 -8.27
CA ILE E 249 11.48 -22.47 -8.14
C ILE E 249 11.53 -21.29 -9.11
N VAL E 250 11.12 -21.51 -10.37
CA VAL E 250 11.15 -20.37 -11.33
C VAL E 250 10.27 -19.19 -10.88
N ASP E 251 9.20 -19.44 -10.13
CA ASP E 251 8.38 -18.29 -9.67
C ASP E 251 9.23 -17.35 -8.79
N TYR E 252 10.03 -17.92 -7.90
CA TYR E 252 10.89 -17.10 -7.07
C TYR E 252 12.04 -16.49 -7.87
N PHE E 253 12.55 -17.22 -8.83
CA PHE E 253 13.64 -16.69 -9.65
C PHE E 253 13.13 -15.45 -10.40
N ASN E 254 11.95 -15.60 -11.01
CA ASN E 254 11.34 -14.51 -11.80
C ASN E 254 10.91 -13.32 -10.98
N GLU E 255 10.53 -13.56 -9.72
CA GLU E 255 9.97 -12.50 -8.90
C GLU E 255 10.92 -11.83 -7.89
N ASN E 256 11.97 -12.56 -7.48
CA ASN E 256 12.81 -12.12 -6.38
C ASN E 256 14.27 -11.88 -6.74
N PHE E 257 14.63 -12.21 -7.99
CA PHE E 257 16.03 -12.15 -8.39
C PHE E 257 16.32 -11.14 -9.49
N TYR E 258 17.54 -10.60 -9.43
CA TYR E 258 18.16 -9.81 -10.48
C TYR E 258 19.50 -10.38 -10.80
N LEU E 259 19.91 -10.26 -12.07
CA LEU E 259 21.22 -10.72 -12.44
C LEU E 259 22.04 -9.56 -12.94
N THR E 260 23.36 -9.61 -12.71
CA THR E 260 24.21 -8.61 -13.32
C THR E 260 25.11 -9.27 -14.36
N THR E 261 25.73 -8.44 -15.19
CA THR E 261 26.57 -8.90 -16.27
C THR E 261 28.01 -9.09 -15.83
N SER E 262 28.30 -8.95 -14.53
CA SER E 262 29.72 -9.01 -14.08
C SER E 262 30.43 -10.28 -14.58
N GLY E 263 31.62 -10.10 -15.15
CA GLY E 263 32.47 -11.21 -15.51
C GLY E 263 31.85 -12.23 -16.46
N ASN E 264 30.84 -11.81 -17.22
CA ASN E 264 30.19 -12.77 -18.15
C ASN E 264 29.77 -12.04 -19.44
N PHE E 265 30.77 -11.60 -20.18
CA PHE E 265 30.59 -10.62 -21.25
C PHE E 265 30.35 -11.42 -22.52
N ARG E 266 29.16 -12.02 -22.59
CA ARG E 266 28.92 -12.97 -23.66
C ARG E 266 27.50 -12.72 -24.17
N THR E 267 27.42 -12.30 -25.41
CA THR E 267 26.12 -11.95 -26.00
C THR E 267 25.16 -13.13 -26.04
N GLN E 268 25.62 -14.32 -26.39
CA GLN E 268 24.69 -15.48 -26.41
C GLN E 268 24.06 -15.70 -25.02
N THR E 269 24.89 -15.55 -23.99
CA THR E 269 24.43 -15.72 -22.60
C THR E 269 23.39 -14.65 -22.19
N LEU E 270 23.66 -13.39 -22.56
CA LEU E 270 22.71 -12.28 -22.28
C LEU E 270 21.38 -12.51 -22.98
N ILE E 271 21.42 -12.96 -24.24
CA ILE E 271 20.17 -13.23 -24.97
C ILE E 271 19.38 -14.31 -24.27
N ASP E 272 20.07 -15.40 -23.88
CA ASP E 272 19.39 -16.49 -23.16
C ASP E 272 18.73 -15.94 -21.88
N ALA E 273 19.48 -15.16 -21.11
CA ALA E 273 18.96 -14.52 -19.88
C ALA E 273 17.78 -13.63 -20.21
N ILE E 274 17.85 -12.87 -21.30
CA ILE E 274 16.73 -12.00 -21.66
C ILE E 274 15.47 -12.82 -21.94
N LEU E 275 15.64 -13.94 -22.65
CA LEU E 275 14.49 -14.76 -23.01
C LEU E 275 14.01 -15.65 -21.86
N GLU E 276 14.75 -15.65 -20.74
CA GLU E 276 14.33 -16.42 -19.56
C GLU E 276 13.80 -15.57 -18.42
N ILE E 277 14.52 -14.50 -18.08
CA ILE E 277 14.10 -13.62 -16.96
C ILE E 277 13.69 -12.21 -17.38
N GLY E 278 14.10 -11.81 -18.59
CA GLY E 278 13.67 -10.52 -19.12
C GLY E 278 14.70 -9.43 -18.84
N ALA E 279 14.88 -8.53 -19.81
CA ALA E 279 15.82 -7.42 -19.68
C ALA E 279 15.59 -6.52 -18.45
N ASP E 280 14.34 -6.43 -17.99
CA ASP E 280 14.03 -5.65 -16.78
C ASP E 280 14.76 -6.12 -15.52
N ARG E 281 15.18 -7.39 -15.47
CA ARG E 281 15.88 -7.91 -14.28
C ARG E 281 17.37 -8.12 -14.52
N ILE E 282 17.91 -7.50 -15.56
CA ILE E 282 19.36 -7.60 -15.84
C ILE E 282 20.03 -6.26 -15.67
N LEU E 283 21.22 -6.25 -15.01
CA LEU E 283 21.89 -4.99 -14.63
C LEU E 283 23.32 -5.05 -15.11
N PHE E 284 23.81 -3.96 -15.71
CA PHE E 284 25.21 -3.85 -16.06
C PHE E 284 26.05 -3.91 -14.78
N SER E 285 27.15 -4.66 -14.82
CA SER E 285 28.22 -4.63 -13.81
C SER E 285 29.51 -5.14 -14.40
N THR E 286 30.64 -4.85 -13.75
CA THR E 286 31.92 -5.21 -14.36
C THR E 286 32.69 -6.31 -13.60
N ASP E 287 32.64 -6.26 -12.27
CA ASP E 287 33.56 -7.03 -11.38
C ASP E 287 34.98 -6.43 -11.38
N TRP E 288 35.13 -5.15 -11.71
CA TRP E 288 36.35 -4.43 -11.40
C TRP E 288 36.67 -4.67 -9.91
N PRO E 289 37.94 -4.93 -9.56
CA PRO E 289 39.11 -4.91 -10.42
C PRO E 289 39.56 -6.28 -10.90
N PHE E 290 38.74 -7.31 -10.66
CA PHE E 290 39.04 -8.65 -11.17
C PHE E 290 38.82 -8.76 -12.67
N GLU E 291 37.94 -7.91 -13.20
CA GLU E 291 37.69 -7.78 -14.64
C GLU E 291 37.95 -6.32 -14.99
N ASN E 292 38.49 -6.08 -16.18
CA ASN E 292 38.71 -4.70 -16.69
C ASN E 292 37.40 -3.95 -16.97
N ILE E 293 37.35 -2.70 -16.53
CA ILE E 293 36.26 -1.81 -16.90
C ILE E 293 36.14 -1.64 -18.43
N ASP E 294 37.27 -1.48 -19.13
CA ASP E 294 37.18 -1.28 -20.58
C ASP E 294 36.57 -2.51 -21.28
N HIS E 295 36.96 -3.69 -20.87
CA HIS E 295 36.41 -4.95 -21.45
C HIS E 295 34.87 -5.01 -21.25
N ALA E 296 34.42 -4.74 -20.03
CA ALA E 296 32.98 -4.81 -19.70
C ALA E 296 32.19 -3.76 -20.50
N ALA E 297 32.66 -2.51 -20.46
CA ALA E 297 31.93 -1.42 -21.11
C ALA E 297 31.88 -1.56 -22.65
N ASP E 298 33.01 -1.94 -23.26
CA ASP E 298 33.11 -2.12 -24.72
C ASP E 298 32.21 -3.28 -25.20
N TRP E 299 32.20 -4.38 -24.44
CA TRP E 299 31.30 -5.52 -24.75
C TRP E 299 29.84 -5.03 -24.68
N PHE E 300 29.50 -4.39 -23.58
CA PHE E 300 28.11 -3.99 -23.38
C PHE E 300 27.65 -2.94 -24.36
N GLU E 301 28.57 -2.05 -24.76
CA GLU E 301 28.22 -0.98 -25.71
C GLU E 301 27.64 -1.51 -27.03
N ASN E 302 28.13 -2.67 -27.46
CA ASN E 302 27.92 -3.23 -28.80
C ASN E 302 27.09 -4.53 -28.77
N THR E 303 26.72 -5.04 -27.58
CA THR E 303 26.02 -6.33 -27.53
C THR E 303 24.65 -6.25 -28.27
N SER E 304 24.14 -7.38 -28.77
CA SER E 304 23.07 -7.40 -29.76
C SER E 304 21.65 -7.35 -29.15
N ILE E 305 21.30 -6.20 -28.56
CA ILE E 305 20.02 -6.04 -27.88
C ILE E 305 19.44 -4.71 -28.34
N SER E 306 18.16 -4.46 -28.00
CA SER E 306 17.52 -3.18 -28.37
C SER E 306 18.16 -2.01 -27.64
N GLU E 307 18.04 -0.81 -28.21
CA GLU E 307 18.57 0.36 -27.51
C GLU E 307 17.77 0.63 -26.24
N ALA E 308 16.47 0.34 -26.27
CA ALA E 308 15.65 0.51 -25.08
C ALA E 308 16.19 -0.37 -23.93
N ASP E 309 16.50 -1.64 -24.24
CA ASP E 309 17.07 -2.49 -23.24
C ASP E 309 18.49 -2.15 -22.86
N ARG E 310 19.28 -1.60 -23.79
CA ARG E 310 20.63 -1.17 -23.42
C ARG E 310 20.60 -0.08 -22.35
N LYS E 311 19.66 0.86 -22.48
CA LYS E 311 19.48 1.87 -21.46
C LYS E 311 19.00 1.31 -20.12
N LYS E 312 18.01 0.40 -20.13
CA LYS E 312 17.56 -0.28 -18.90
C LYS E 312 18.67 -1.05 -18.20
N ILE E 313 19.35 -1.94 -18.93
CA ILE E 313 20.43 -2.74 -18.32
C ILE E 313 21.61 -1.85 -17.90
N GLY E 314 21.95 -0.85 -18.74
CA GLY E 314 23.02 0.13 -18.45
C GLY E 314 22.80 0.94 -17.17
N TRP E 315 21.57 1.43 -16.96
CA TRP E 315 21.33 2.29 -15.80
C TRP E 315 19.87 2.38 -15.34
N GLY E 316 18.92 2.27 -16.25
CA GLY E 316 17.50 2.49 -15.87
C GLY E 316 17.05 1.49 -14.79
N ASN E 317 17.42 0.22 -14.93
CA ASN E 317 16.98 -0.81 -13.96
C ASN E 317 17.52 -0.55 -12.55
N ALA E 318 18.81 -0.27 -12.50
CA ALA E 318 19.52 0.01 -11.27
C ALA E 318 18.99 1.30 -10.64
N GLN E 319 18.74 2.31 -11.48
CA GLN E 319 18.27 3.57 -10.97
C GLN E 319 16.95 3.39 -10.23
N ASN E 320 16.07 2.56 -10.77
N ASN E 320 16.06 2.58 -10.80
CA ASN E 320 14.79 2.32 -10.11
CA ASN E 320 14.79 2.25 -10.17
C ASN E 320 14.93 1.36 -8.93
C ASN E 320 15.05 1.44 -8.91
N LEU E 321 15.77 0.34 -9.08
CA LEU E 321 16.02 -0.63 -8.00
C LEU E 321 16.57 0.01 -6.72
N PHE E 322 17.59 0.85 -6.89
CA PHE E 322 18.27 1.53 -5.80
C PHE E 322 17.70 2.91 -5.51
N LYS E 323 16.57 3.24 -6.15
CA LYS E 323 15.86 4.51 -5.90
C LYS E 323 16.79 5.72 -6.01
N LEU E 324 17.62 5.75 -7.05
CA LEU E 324 18.69 6.74 -7.13
C LEU E 324 18.28 8.18 -7.56
N ASN E 325 17.03 8.55 -7.29
CA ASN E 325 16.60 9.96 -7.12
C ASN E 325 15.34 10.13 -6.26
N ASN F 2 8.77 -38.02 -38.80
CA ASN F 2 9.16 -39.42 -38.78
C ASN F 2 10.66 -39.57 -39.04
N GLY F 3 11.18 -40.74 -38.68
CA GLY F 3 12.56 -41.05 -38.90
C GLY F 3 13.50 -40.56 -37.81
N LYS F 4 13.03 -40.12 -36.64
CA LYS F 4 13.99 -39.59 -35.64
C LYS F 4 14.86 -40.68 -35.07
N ILE F 5 16.08 -40.34 -34.67
CA ILE F 5 16.96 -41.25 -33.93
C ILE F 5 17.07 -40.68 -32.52
N ALA F 6 16.79 -41.51 -31.50
CA ALA F 6 16.87 -41.06 -30.10
C ALA F 6 17.95 -41.86 -29.39
N LEU F 7 18.78 -41.22 -28.60
CA LEU F 7 19.93 -41.99 -28.07
C LEU F 7 20.20 -41.84 -26.58
N GLU F 8 19.23 -41.36 -25.82
CA GLU F 8 19.34 -41.53 -24.39
C GLU F 8 18.09 -42.24 -23.86
N GLU F 9 18.04 -43.53 -24.14
CA GLU F 9 16.78 -44.25 -24.09
C GLU F 9 17.09 -45.51 -23.26
N HIS F 10 16.51 -45.60 -22.07
CA HIS F 10 17.02 -46.50 -21.05
C HIS F 10 16.15 -47.72 -20.83
N PHE F 11 16.80 -48.79 -20.39
CA PHE F 11 16.10 -49.98 -19.88
C PHE F 11 16.80 -50.46 -18.61
N ALA F 12 16.16 -51.39 -17.89
CA ALA F 12 16.83 -52.05 -16.80
C ALA F 12 16.77 -53.55 -17.02
N THR F 13 17.71 -54.26 -16.40
CA THR F 13 17.52 -55.70 -16.21
C THR F 13 17.02 -55.91 -14.78
N GLU F 14 16.52 -57.10 -14.49
CA GLU F 14 16.05 -57.39 -13.13
C GLU F 14 17.19 -57.09 -12.15
N GLU F 15 18.39 -57.45 -12.59
CA GLU F 15 19.58 -57.24 -11.80
C GLU F 15 19.89 -55.77 -11.44
N THR F 16 19.61 -54.83 -12.35
CA THR F 16 19.87 -53.42 -12.06
C THR F 16 18.63 -52.60 -11.76
N LEU F 17 17.45 -53.22 -11.80
CA LEU F 17 16.19 -52.47 -11.71
C LEU F 17 16.12 -51.52 -10.52
N ASP F 19 18.12 -49.93 -8.81
CA ASP F 19 18.91 -48.69 -8.89
C ASP F 19 18.07 -47.47 -9.21
N SER F 20 16.96 -47.70 -9.92
CA SER F 20 16.12 -46.61 -10.35
C SER F 20 15.03 -46.20 -9.34
N ALA F 21 14.86 -46.99 -8.28
CA ALA F 21 13.73 -46.84 -7.34
C ALA F 21 13.72 -45.52 -6.57
N GLY F 22 14.88 -44.99 -6.24
CA GLY F 22 14.90 -43.76 -5.42
C GLY F 22 14.43 -42.53 -6.17
N PHE F 23 14.30 -42.62 -7.50
CA PHE F 23 14.19 -41.43 -8.35
C PHE F 23 12.78 -40.86 -8.56
N VAL F 24 11.75 -41.65 -8.30
CA VAL F 24 10.38 -41.16 -8.45
C VAL F 24 9.64 -41.50 -7.17
N PRO F 25 8.49 -40.83 -6.89
CA PRO F 25 7.67 -41.19 -5.73
C PRO F 25 7.21 -42.64 -5.78
N ASP F 26 7.06 -43.26 -4.61
CA ASP F 26 6.55 -44.62 -4.50
C ASP F 26 5.31 -44.90 -5.37
N LYS F 27 4.35 -43.97 -5.44
CA LYS F 27 3.12 -44.25 -6.20
C LYS F 27 3.37 -44.37 -7.72
N ASP F 28 4.49 -43.81 -8.20
CA ASP F 28 4.85 -43.85 -9.64
C ASP F 28 5.85 -44.94 -10.01
N TRP F 29 6.32 -45.63 -8.98
CA TRP F 29 7.35 -46.65 -9.19
C TRP F 29 6.83 -47.83 -10.02
N PRO F 30 5.58 -48.29 -9.79
CA PRO F 30 5.17 -49.41 -10.66
C PRO F 30 5.17 -49.04 -12.15
N GLU F 31 4.75 -47.82 -12.47
CA GLU F 31 4.78 -47.36 -13.86
C GLU F 31 6.20 -47.31 -14.37
N LEU F 32 7.09 -46.66 -13.62
CA LEU F 32 8.48 -46.50 -14.09
C LEU F 32 9.17 -47.84 -14.28
N ARG F 33 8.95 -48.75 -13.34
CA ARG F 33 9.60 -50.05 -13.39
C ARG F 33 9.08 -50.88 -14.60
N SER F 34 7.77 -50.79 -14.88
CA SER F 34 7.24 -51.46 -16.07
C SER F 34 7.84 -50.89 -17.38
N ARG F 35 8.04 -49.56 -17.40
CA ARG F 35 8.67 -48.93 -18.55
C ARG F 35 10.12 -49.37 -18.73
N LEU F 36 10.85 -49.44 -17.61
CA LEU F 36 12.26 -49.79 -17.65
C LEU F 36 12.46 -51.21 -18.17
N LEU F 37 11.53 -52.10 -17.89
CA LEU F 37 11.73 -53.50 -18.26
C LEU F 37 11.24 -53.80 -19.66
N ASP F 38 10.24 -53.04 -20.11
CA ASP F 38 9.68 -53.20 -21.44
C ASP F 38 10.63 -52.65 -22.50
N ILE F 39 11.06 -53.52 -23.41
CA ILE F 39 11.84 -53.07 -24.58
C ILE F 39 11.06 -53.27 -25.87
N GLN F 40 10.41 -54.41 -26.01
CA GLN F 40 9.86 -54.84 -27.31
C GLN F 40 8.44 -54.37 -27.64
N ASP F 41 7.66 -54.01 -26.62
CA ASP F 41 6.21 -53.92 -26.80
C ASP F 41 5.74 -52.46 -26.78
N ARG F 42 5.33 -51.96 -25.63
CA ARG F 42 4.87 -50.58 -25.55
C ARG F 42 5.89 -49.55 -26.07
N ARG F 43 7.17 -49.77 -25.78
CA ARG F 43 8.22 -48.84 -26.20
C ARG F 43 8.15 -48.60 -27.73
N VAL F 44 7.98 -49.68 -28.47
CA VAL F 44 8.01 -49.60 -29.93
C VAL F 44 6.71 -48.96 -30.42
N ARG F 45 5.59 -49.28 -29.77
CA ARG F 45 4.34 -48.62 -30.13
C ARG F 45 4.45 -47.10 -29.93
N LEU F 46 5.08 -46.67 -28.84
CA LEU F 46 5.29 -45.24 -28.60
C LEU F 46 6.27 -44.66 -29.63
N ASP F 48 6.50 -45.63 -32.66
CA ASP F 48 5.67 -45.53 -33.88
C ASP F 48 4.75 -44.33 -33.80
N GLU F 49 4.19 -44.08 -32.62
CA GLU F 49 3.24 -42.99 -32.42
C GLU F 49 3.89 -41.61 -32.43
N HIS F 50 5.20 -41.55 -32.17
CA HIS F 50 5.89 -40.26 -31.97
C HIS F 50 7.08 -40.03 -32.92
N GLY F 51 7.07 -40.75 -34.05
CA GLY F 51 8.02 -40.52 -35.15
C GLY F 51 9.48 -40.84 -34.83
N ILE F 52 9.70 -41.92 -34.09
CA ILE F 52 11.08 -42.34 -33.78
C ILE F 52 11.35 -43.63 -34.49
N GLU F 53 12.33 -43.62 -35.38
CA GLU F 53 12.66 -44.80 -36.17
C GLU F 53 13.57 -45.72 -35.37
N THR F 54 14.54 -45.13 -34.68
CA THR F 54 15.57 -45.90 -33.96
C THR F 54 15.83 -45.35 -32.56
N ILE F 56 18.62 -45.80 -29.61
CA ILE F 56 19.88 -46.36 -29.17
C ILE F 56 19.75 -46.57 -27.68
N LEU F 57 19.69 -47.85 -27.30
CA LEU F 57 19.36 -48.21 -25.92
C LEU F 57 20.56 -48.28 -25.00
N SER F 58 20.33 -47.94 -23.73
CA SER F 58 21.36 -48.06 -22.73
C SER F 58 20.79 -48.46 -21.36
N LEU F 59 21.62 -49.10 -20.57
CA LEU F 59 21.26 -49.50 -19.22
C LEU F 59 21.00 -48.29 -18.33
N ASN F 60 20.25 -48.53 -17.26
CA ASN F 60 19.93 -47.50 -16.27
C ASN F 60 21.12 -47.15 -15.38
N ALA F 61 20.86 -46.45 -14.28
CA ALA F 61 21.93 -45.74 -13.55
C ALA F 61 21.73 -45.87 -12.05
N PRO F 62 22.83 -45.92 -11.27
CA PRO F 62 24.22 -45.85 -11.74
C PRO F 62 24.71 -47.22 -12.26
N ALA F 63 23.96 -48.27 -11.92
CA ALA F 63 24.20 -49.64 -12.40
C ALA F 63 25.67 -50.05 -12.24
N VAL F 64 26.38 -50.31 -13.34
CA VAL F 64 27.75 -50.85 -13.23
C VAL F 64 28.72 -49.93 -12.45
N GLN F 65 28.52 -48.62 -12.57
CA GLN F 65 29.38 -47.64 -11.90
C GLN F 65 29.28 -47.72 -10.37
N ALA F 66 28.23 -48.34 -9.85
CA ALA F 66 28.05 -48.47 -8.40
C ALA F 66 28.45 -49.89 -7.88
N ILE F 67 28.93 -50.76 -8.76
CA ILE F 67 29.32 -52.09 -8.28
C ILE F 67 30.80 -52.06 -7.91
N ALA F 68 31.08 -52.01 -6.60
CA ALA F 68 32.44 -51.64 -6.14
C ALA F 68 33.46 -52.75 -6.33
N ASP F 69 33.00 -54.00 -6.47
CA ASP F 69 33.90 -55.10 -6.78
C ASP F 69 34.07 -55.20 -8.31
N SER F 70 35.29 -55.00 -8.79
CA SER F 70 35.52 -54.90 -10.23
C SER F 70 35.19 -56.19 -10.97
N THR F 71 35.48 -57.34 -10.34
CA THR F 71 35.13 -58.65 -10.93
C THR F 71 33.61 -58.73 -11.13
N ARG F 72 32.86 -58.39 -10.08
CA ARG F 72 31.39 -58.36 -10.15
C ARG F 72 30.87 -57.32 -11.17
N ALA F 73 31.57 -56.18 -11.26
CA ALA F 73 31.14 -55.10 -12.16
C ALA F 73 31.27 -55.58 -13.61
N ASN F 74 32.38 -56.27 -13.88
CA ASN F 74 32.60 -56.88 -15.18
C ASN F 74 31.58 -57.99 -15.51
N GLU F 75 31.22 -58.82 -14.51
CA GLU F 75 30.24 -59.87 -14.76
C GLU F 75 28.86 -59.27 -15.08
N THR F 76 28.49 -58.25 -14.33
CA THR F 76 27.21 -57.57 -14.51
C THR F 76 27.13 -56.87 -15.88
N ALA F 77 28.18 -56.16 -16.27
CA ALA F 77 28.22 -55.49 -17.55
C ALA F 77 28.06 -56.51 -18.68
N ARG F 78 28.76 -57.65 -18.59
CA ARG F 78 28.71 -58.65 -19.65
C ARG F 78 27.28 -59.25 -19.82
N ARG F 79 26.63 -59.55 -18.69
CA ARG F 79 25.25 -60.01 -18.72
C ARG F 79 24.31 -58.96 -19.31
N ALA F 80 24.42 -57.71 -18.86
CA ALA F 80 23.56 -56.64 -19.38
C ALA F 80 23.79 -56.41 -20.88
N ASN F 81 25.05 -56.49 -21.30
CA ASN F 81 25.36 -56.35 -22.70
C ASN F 81 24.84 -57.51 -23.55
N ASP F 82 25.03 -58.75 -23.11
CA ASP F 82 24.49 -59.90 -23.86
C ASP F 82 22.97 -59.80 -23.98
N PHE F 83 22.33 -59.43 -22.87
CA PHE F 83 20.88 -59.24 -22.85
C PHE F 83 20.49 -58.19 -23.89
N LEU F 84 21.20 -57.06 -23.86
CA LEU F 84 20.88 -55.97 -24.78
C LEU F 84 21.04 -56.40 -26.25
N ALA F 85 22.11 -57.14 -26.58
CA ALA F 85 22.30 -57.61 -27.96
C ALA F 85 21.18 -58.54 -28.39
N GLU F 86 20.75 -59.42 -27.48
CA GLU F 86 19.59 -60.28 -27.69
C GLU F 86 18.33 -59.49 -28.01
N GLN F 87 18.06 -58.43 -27.24
CA GLN F 87 16.88 -57.61 -27.45
C GLN F 87 16.95 -56.78 -28.76
N VAL F 88 18.11 -56.18 -29.03
CA VAL F 88 18.31 -55.45 -30.29
C VAL F 88 18.03 -56.40 -31.46
N ALA F 89 18.49 -57.64 -31.36
CA ALA F 89 18.38 -58.57 -32.49
C ALA F 89 16.93 -58.99 -32.81
N LYS F 90 16.02 -58.82 -31.87
CA LYS F 90 14.61 -59.08 -32.10
C LYS F 90 13.95 -58.06 -33.03
N GLN F 91 14.43 -56.81 -32.98
CA GLN F 91 13.91 -55.73 -33.82
C GLN F 91 15.06 -54.86 -34.32
N PRO F 92 15.91 -55.44 -35.20
CA PRO F 92 17.20 -54.81 -35.50
C PRO F 92 17.11 -53.52 -36.30
N THR F 93 15.96 -53.23 -36.91
CA THR F 93 15.82 -51.93 -37.59
C THR F 93 15.43 -50.80 -36.62
N ARG F 94 14.91 -51.16 -35.45
CA ARG F 94 14.38 -50.15 -34.54
C ARG F 94 15.29 -49.85 -33.38
N PHE F 95 16.31 -50.68 -33.18
CA PHE F 95 17.25 -50.48 -32.07
C PHE F 95 18.72 -50.62 -32.43
N ARG F 96 19.56 -49.99 -31.60
CA ARG F 96 21.01 -50.29 -31.49
C ARG F 96 21.36 -50.25 -29.99
N GLY F 97 22.56 -50.67 -29.63
CA GLY F 97 22.94 -50.71 -28.22
C GLY F 97 24.15 -49.84 -27.94
N PHE F 98 24.17 -49.23 -26.77
CA PHE F 98 25.39 -48.66 -26.17
C PHE F 98 25.88 -49.65 -25.12
N ALA F 99 27.20 -49.82 -25.00
CA ALA F 99 27.78 -50.75 -24.05
C ALA F 99 27.71 -50.21 -22.62
N ALA F 100 27.41 -51.10 -21.67
CA ALA F 100 27.72 -50.89 -20.25
C ALA F 100 29.13 -51.35 -20.00
N LEU F 101 29.89 -50.54 -19.26
CA LEU F 101 31.31 -50.87 -19.07
C LEU F 101 31.77 -50.92 -17.63
N PRO F 102 32.65 -51.90 -17.29
CA PRO F 102 33.21 -51.96 -15.94
C PRO F 102 34.41 -51.03 -15.81
N GLN F 104 35.61 -49.57 -13.46
CA GLN F 104 36.49 -49.86 -12.32
C GLN F 104 37.88 -50.35 -12.78
N ASP F 105 37.94 -51.07 -13.90
CA ASP F 105 39.21 -51.64 -14.40
C ASP F 105 39.37 -51.22 -15.87
N PRO F 106 40.27 -50.26 -16.15
CA PRO F 106 40.44 -49.77 -17.52
C PRO F 106 40.61 -50.87 -18.57
N GLU F 107 41.40 -51.89 -18.25
CA GLU F 107 41.64 -52.98 -19.18
C GLU F 107 40.39 -53.85 -19.42
N LEU F 108 39.69 -54.23 -18.35
CA LEU F 108 38.41 -54.95 -18.51
C LEU F 108 37.41 -54.11 -19.32
N ALA F 109 37.38 -52.81 -19.06
CA ALA F 109 36.45 -51.92 -19.75
C ALA F 109 36.76 -51.84 -21.26
N ALA F 110 38.06 -51.81 -21.59
CA ALA F 110 38.49 -51.71 -22.97
C ALA F 110 38.10 -53.00 -23.68
N ARG F 111 38.41 -54.13 -23.05
CA ARG F 111 38.02 -55.43 -23.54
C ARG F 111 36.52 -55.53 -23.84
N GLU F 112 35.72 -55.12 -22.85
CA GLU F 112 34.27 -55.25 -23.02
C GLU F 112 33.72 -54.31 -24.10
N LEU F 113 34.21 -53.07 -24.14
CA LEU F 113 33.81 -52.16 -25.22
C LEU F 113 34.10 -52.79 -26.62
N GLU F 114 35.26 -53.39 -26.75
CA GLU F 114 35.69 -53.98 -28.00
C GLU F 114 34.84 -55.21 -28.36
N ARG F 115 34.56 -56.06 -27.38
CA ARG F 115 33.63 -57.17 -27.58
C ARG F 115 32.26 -56.65 -28.05
N CYS F 116 31.72 -55.65 -27.35
CA CYS F 116 30.44 -55.05 -27.68
C CYS F 116 30.39 -54.48 -29.08
N VAL F 117 31.44 -53.76 -29.49
CA VAL F 117 31.47 -53.15 -30.80
C VAL F 117 31.66 -54.21 -31.91
N LYS F 118 32.73 -55.00 -31.80
CA LYS F 118 33.14 -55.95 -32.85
C LYS F 118 32.28 -57.21 -32.92
N GLU F 119 31.82 -57.71 -31.77
CA GLU F 119 31.03 -58.95 -31.74
C GLU F 119 29.53 -58.71 -31.61
N LEU F 120 29.11 -57.66 -30.89
CA LEU F 120 27.69 -57.42 -30.64
C LEU F 120 27.09 -56.31 -31.52
N GLY F 121 27.95 -55.56 -32.21
CA GLY F 121 27.51 -54.51 -33.13
C GLY F 121 27.01 -53.25 -32.45
N PHE F 122 27.40 -53.06 -31.18
CA PHE F 122 27.03 -51.84 -30.46
C PHE F 122 27.74 -50.63 -31.07
N VAL F 123 27.15 -49.45 -30.88
CA VAL F 123 27.56 -48.26 -31.60
C VAL F 123 28.24 -47.19 -30.70
N GLY F 124 28.53 -47.53 -29.44
CA GLY F 124 29.18 -46.62 -28.49
C GLY F 124 29.07 -47.17 -27.07
N ALA F 125 29.40 -46.34 -26.08
CA ALA F 125 29.31 -46.75 -24.68
C ALA F 125 28.53 -45.70 -23.97
N LEU F 126 27.88 -46.09 -22.87
CA LEU F 126 27.23 -45.12 -21.99
C LEU F 126 27.62 -45.45 -20.54
N VAL F 127 28.14 -44.46 -19.82
CA VAL F 127 28.68 -44.68 -18.48
C VAL F 127 28.14 -43.57 -17.56
N ASN F 128 27.70 -43.97 -16.36
CA ASN F 128 27.05 -43.06 -15.41
C ASN F 128 28.05 -42.39 -14.47
N GLY F 129 28.89 -41.51 -15.03
CA GLY F 129 29.78 -40.72 -14.17
C GLY F 129 30.91 -41.56 -13.59
N PHE F 130 31.45 -41.10 -12.46
CA PHE F 130 32.55 -41.78 -11.78
C PHE F 130 32.16 -43.19 -11.34
N SER F 131 33.19 -44.00 -11.11
CA SER F 131 33.01 -45.37 -10.62
C SER F 131 33.46 -45.50 -9.18
N GLN F 132 32.77 -46.38 -8.45
CA GLN F 132 33.22 -46.81 -7.13
C GLN F 132 33.96 -48.11 -7.32
N ASP F 133 35.06 -48.24 -6.61
CA ASP F 133 35.84 -49.47 -6.63
C ASP F 133 36.43 -49.69 -5.25
N ASN F 134 36.29 -50.91 -4.74
CA ASN F 134 36.82 -51.32 -3.44
C ASN F 134 38.30 -51.03 -3.24
N ARG F 135 39.06 -51.09 -4.33
CA ARG F 135 40.51 -50.95 -4.23
C ARG F 135 40.94 -49.48 -4.15
N SER F 136 40.03 -48.56 -4.47
CA SER F 136 40.35 -47.12 -4.48
C SER F 136 39.60 -46.39 -3.35
N ALA F 137 40.33 -45.58 -2.60
CA ALA F 137 39.77 -44.75 -1.52
C ALA F 137 38.99 -43.56 -2.08
N VAL F 138 39.26 -43.23 -3.35
CA VAL F 138 38.58 -42.12 -4.01
C VAL F 138 37.71 -42.62 -5.16
N PRO F 139 36.66 -41.85 -5.51
CA PRO F 139 35.89 -42.18 -6.71
C PRO F 139 36.77 -42.03 -7.93
N LEU F 140 36.46 -42.77 -8.98
CA LEU F 140 37.31 -42.86 -10.14
C LEU F 140 36.71 -42.05 -11.28
N TYR F 141 37.41 -40.98 -11.68
CA TYR F 141 37.01 -40.12 -12.80
C TYR F 141 37.92 -40.42 -13.99
N TYR F 142 37.43 -40.21 -15.20
CA TYR F 142 38.13 -40.82 -16.37
C TYR F 142 39.19 -39.96 -17.03
N ASP F 143 39.53 -38.87 -16.36
CA ASP F 143 40.67 -38.07 -16.76
C ASP F 143 41.99 -38.62 -16.16
N ALA F 145 45.22 -40.85 -15.34
CA ALA F 145 46.18 -41.47 -16.27
C ALA F 145 45.92 -42.94 -16.62
N GLN F 146 45.42 -43.70 -15.67
CA GLN F 146 45.19 -45.15 -15.89
C GLN F 146 44.13 -45.38 -17.00
N TYR F 147 43.28 -44.37 -17.24
CA TYR F 147 42.31 -44.45 -18.34
C TYR F 147 42.83 -44.16 -19.76
N TRP F 148 44.06 -43.69 -19.90
N TRP F 148 44.06 -43.65 -19.86
CA TRP F 148 44.51 -43.30 -21.23
CA TRP F 148 44.66 -43.32 -21.17
C TRP F 148 44.58 -44.48 -22.26
C TRP F 148 44.54 -44.46 -22.19
N PRO F 149 45.01 -45.69 -21.84
CA PRO F 149 44.89 -46.78 -22.83
C PRO F 149 43.43 -47.22 -23.10
N PHE F 150 42.54 -46.96 -22.16
CA PHE F 150 41.11 -47.15 -22.44
C PHE F 150 40.65 -46.17 -23.52
N TRP F 151 41.05 -44.90 -23.39
CA TRP F 151 40.60 -43.89 -24.36
C TRP F 151 41.24 -44.15 -25.72
N GLU F 152 42.47 -44.66 -25.70
CA GLU F 152 43.15 -45.02 -26.92
C GLU F 152 42.30 -46.08 -27.68
N THR F 153 41.73 -47.02 -26.92
CA THR F 153 40.84 -48.05 -27.43
C THR F 153 39.54 -47.47 -28.01
N VAL F 154 38.88 -46.60 -27.24
CA VAL F 154 37.71 -45.87 -27.73
C VAL F 154 38.02 -45.21 -29.08
N GLN F 155 39.11 -44.42 -29.12
CA GLN F 155 39.47 -43.71 -30.35
C GLN F 155 39.70 -44.67 -31.54
N ALA F 156 40.40 -45.77 -31.28
CA ALA F 156 40.70 -46.74 -32.34
C ALA F 156 39.42 -47.42 -32.88
N LEU F 157 38.48 -47.75 -32.00
CA LEU F 157 37.16 -48.28 -32.43
C LEU F 157 36.29 -47.21 -33.08
N ASP F 158 36.60 -45.94 -32.78
CA ASP F 158 35.93 -44.79 -33.39
C ASP F 158 34.42 -44.84 -33.10
N VAL F 159 34.08 -45.04 -31.84
CA VAL F 159 32.68 -44.93 -31.39
C VAL F 159 32.58 -43.94 -30.24
N PRO F 160 31.44 -43.24 -30.11
CA PRO F 160 31.36 -42.22 -29.06
C PRO F 160 31.14 -42.79 -27.66
N PHE F 161 31.45 -41.98 -26.66
CA PHE F 161 31.28 -42.31 -25.26
C PHE F 161 30.29 -41.29 -24.67
N TYR F 162 29.16 -41.78 -24.17
CA TYR F 162 28.11 -40.93 -23.66
C TYR F 162 28.32 -40.89 -22.15
N LEU F 163 28.68 -39.71 -21.65
CA LEU F 163 28.89 -39.48 -20.24
C LEU F 163 27.59 -39.02 -19.56
N HIS F 164 26.91 -39.98 -18.93
CA HIS F 164 25.63 -39.80 -18.24
C HIS F 164 25.89 -39.42 -16.77
N PRO F 165 24.91 -38.77 -16.09
CA PRO F 165 25.05 -38.39 -14.67
C PRO F 165 24.97 -39.55 -13.70
N ARG F 166 25.48 -39.28 -12.50
CA ARG F 166 25.02 -39.96 -11.28
C ARG F 166 25.13 -38.87 -10.22
N ASN F 167 24.65 -39.13 -9.01
CA ASN F 167 24.78 -38.15 -7.93
C ASN F 167 26.19 -38.19 -7.35
N PRO F 168 26.65 -37.06 -6.77
CA PRO F 168 27.90 -37.10 -5.99
C PRO F 168 27.74 -38.08 -4.83
N LEU F 169 28.86 -38.61 -4.32
CA LEU F 169 28.80 -39.44 -3.11
C LEU F 169 28.39 -38.49 -1.96
N PRO F 170 27.72 -39.01 -0.91
CA PRO F 170 27.28 -38.14 0.20
C PRO F 170 28.36 -37.22 0.79
N SER F 171 29.58 -37.72 0.98
CA SER F 171 30.68 -36.89 1.51
C SER F 171 31.08 -35.76 0.54
N ASP F 172 30.76 -35.93 -0.74
CA ASP F 172 30.97 -34.87 -1.76
C ASP F 172 29.73 -34.07 -2.06
N ALA F 173 28.70 -34.22 -1.21
CA ALA F 173 27.39 -33.64 -1.42
C ALA F 173 26.84 -32.85 -0.23
N ARG F 174 27.69 -32.42 0.71
CA ARG F 174 27.21 -31.71 1.90
C ARG F 174 26.40 -30.43 1.61
N ILE F 175 26.68 -29.77 0.50
CA ILE F 175 25.99 -28.54 0.16
C ILE F 175 24.49 -28.82 -0.06
N TYR F 176 24.16 -30.09 -0.35
CA TYR F 176 22.78 -30.49 -0.55
C TYR F 176 22.13 -31.09 0.71
N ASP F 177 22.88 -31.17 1.81
CA ASP F 177 22.38 -31.81 3.05
C ASP F 177 21.17 -31.02 3.50
N GLY F 178 20.09 -31.74 3.83
CA GLY F 178 18.84 -31.07 4.14
C GLY F 178 18.09 -30.47 2.95
N HIS F 179 18.59 -30.69 1.73
CA HIS F 179 18.01 -30.16 0.50
C HIS F 179 18.08 -31.23 -0.58
N ALA F 180 17.62 -32.42 -0.22
CA ALA F 180 17.70 -33.58 -1.12
C ALA F 180 16.96 -33.35 -2.43
N TRP F 181 16.01 -32.40 -2.43
CA TRP F 181 15.26 -32.05 -3.64
C TRP F 181 16.19 -31.57 -4.75
N LEU F 182 17.40 -31.09 -4.40
CA LEU F 182 18.38 -30.63 -5.41
C LEU F 182 19.22 -31.77 -6.00
N LEU F 183 19.19 -32.94 -5.35
CA LEU F 183 19.91 -34.11 -5.90
C LEU F 183 19.22 -34.62 -7.18
N GLY F 184 19.93 -35.41 -7.97
CA GLY F 184 19.33 -35.96 -9.18
C GLY F 184 19.13 -34.95 -10.32
N PRO F 185 18.11 -35.18 -11.17
CA PRO F 185 17.94 -34.34 -12.37
C PRO F 185 17.69 -32.86 -12.07
N THR F 186 17.14 -32.53 -10.91
CA THR F 186 16.92 -31.12 -10.58
C THR F 186 18.19 -30.25 -10.78
N TRP F 187 19.32 -30.68 -10.23
CA TRP F 187 20.54 -29.89 -10.31
C TRP F 187 21.82 -30.68 -10.17
N ALA F 188 21.88 -31.55 -9.17
CA ALA F 188 23.16 -32.17 -8.82
C ALA F 188 23.73 -33.05 -9.94
N PHE F 189 22.88 -33.77 -10.67
CA PHE F 189 23.33 -34.53 -11.86
C PHE F 189 24.12 -33.65 -12.82
N GLY F 190 23.59 -32.45 -13.07
CA GLY F 190 24.22 -31.50 -14.05
C GLY F 190 25.59 -31.01 -13.59
N GLN F 191 25.69 -30.59 -12.33
CA GLN F 191 26.97 -30.17 -11.78
C GLN F 191 28.01 -31.28 -11.84
N GLU F 192 27.62 -32.47 -11.38
CA GLU F 192 28.51 -33.62 -11.37
C GLU F 192 29.04 -33.91 -12.76
N THR F 193 28.14 -33.91 -13.73
CA THR F 193 28.51 -34.32 -15.11
C THR F 193 29.27 -33.22 -15.86
N ALA F 194 28.85 -31.96 -15.67
CA ALA F 194 29.58 -30.82 -16.27
C ALA F 194 31.04 -30.82 -15.80
N VAL F 195 31.26 -31.00 -14.49
CA VAL F 195 32.64 -31.01 -13.96
C VAL F 195 33.44 -32.24 -14.44
N HIS F 196 32.81 -33.40 -14.46
CA HIS F 196 33.50 -34.59 -14.98
C HIS F 196 33.96 -34.30 -16.41
N ALA F 197 33.07 -33.73 -17.22
CA ALA F 197 33.40 -33.41 -18.61
C ALA F 197 34.53 -32.37 -18.71
N LEU F 198 34.49 -31.35 -17.86
CA LEU F 198 35.55 -30.33 -17.86
C LEU F 198 36.90 -30.96 -17.42
N ARG F 199 36.86 -31.88 -16.45
CA ARG F 199 38.09 -32.59 -16.08
C ARG F 199 38.68 -33.32 -17.28
N LEU F 200 37.87 -34.03 -18.07
CA LEU F 200 38.37 -34.65 -19.32
C LEU F 200 39.10 -33.62 -20.19
N GLY F 202 40.29 -30.36 -19.54
CA GLY F 202 41.54 -29.79 -19.00
C GLY F 202 42.72 -30.74 -18.92
N SER F 203 42.44 -32.06 -18.89
CA SER F 203 43.46 -33.06 -18.62
C SER F 203 44.43 -33.25 -19.78
N GLY F 204 44.01 -32.81 -20.97
CA GLY F 204 44.86 -32.94 -22.17
C GLY F 204 44.53 -34.22 -22.91
N LEU F 205 43.47 -34.90 -22.49
CA LEU F 205 43.05 -36.19 -23.10
C LEU F 205 42.85 -35.99 -24.62
N PHE F 206 42.28 -34.85 -24.99
CA PHE F 206 41.92 -34.61 -26.39
C PHE F 206 43.08 -34.05 -27.23
N ASP F 207 44.17 -33.66 -26.58
CA ASP F 207 45.41 -33.42 -27.27
C ASP F 207 45.96 -34.77 -27.71
N LYS F 208 45.97 -35.73 -26.77
CA LYS F 208 46.52 -37.03 -27.04
C LYS F 208 45.65 -37.85 -28.02
N TYR F 209 44.33 -37.81 -27.84
CA TYR F 209 43.38 -38.54 -28.69
C TYR F 209 42.35 -37.59 -29.31
N PRO F 210 42.77 -36.81 -30.34
CA PRO F 210 41.89 -35.73 -30.81
C PRO F 210 40.64 -36.19 -31.55
N ALA F 211 40.54 -37.46 -31.91
CA ALA F 211 39.36 -37.94 -32.65
C ALA F 211 38.22 -38.44 -31.74
N LEU F 212 38.44 -38.47 -30.41
CA LEU F 212 37.40 -38.89 -29.44
C LEU F 212 36.12 -38.06 -29.60
N LYS F 213 34.98 -38.72 -29.43
CA LYS F 213 33.70 -38.02 -29.41
C LYS F 213 33.00 -38.35 -28.09
N ILE F 214 32.72 -37.32 -27.31
CA ILE F 214 32.02 -37.49 -26.05
C ILE F 214 30.63 -36.90 -26.20
N ILE F 215 29.62 -37.60 -25.68
CA ILE F 215 28.26 -37.09 -25.73
C ILE F 215 27.75 -36.75 -24.33
N LEU F 216 27.08 -35.59 -24.20
CA LEU F 216 26.38 -35.21 -22.96
C LEU F 216 24.89 -35.03 -23.22
N GLY F 217 24.08 -35.48 -22.29
CA GLY F 217 22.65 -35.26 -22.38
C GLY F 217 22.28 -33.91 -21.76
N HIS F 218 20.97 -33.64 -21.65
CA HIS F 218 20.51 -32.44 -20.89
C HIS F 218 21.08 -31.12 -21.44
N GLY F 220 23.90 -30.45 -22.46
CA GLY F 220 25.29 -30.20 -22.07
C GLY F 220 25.47 -29.75 -20.63
N GLU F 221 24.46 -29.97 -19.78
CA GLU F 221 24.60 -29.85 -18.31
C GLU F 221 25.02 -28.42 -17.92
N GLY F 222 24.44 -27.44 -18.59
CA GLY F 222 24.75 -26.02 -18.29
C GLY F 222 25.98 -25.45 -18.99
N LEU F 223 26.80 -26.31 -19.58
CA LEU F 223 28.07 -25.88 -20.14
C LEU F 223 28.04 -24.71 -21.16
N PRO F 224 27.12 -24.75 -22.17
CA PRO F 224 27.18 -23.69 -23.22
C PRO F 224 27.00 -22.30 -22.62
N TYR F 225 26.16 -22.18 -21.60
CA TYR F 225 25.84 -20.87 -21.04
C TYR F 225 27.05 -20.19 -20.40
N SER F 226 27.91 -21.01 -19.80
CA SER F 226 29.04 -20.51 -19.05
C SER F 226 30.36 -20.76 -19.73
N TRP F 228 31.99 -19.39 -22.35
CA TRP F 228 32.84 -18.18 -22.57
C TRP F 228 33.60 -17.91 -21.29
N ARG F 229 32.86 -17.89 -20.18
CA ARG F 229 33.45 -17.53 -18.87
C ARG F 229 34.53 -18.52 -18.39
N ILE F 230 34.37 -19.81 -18.73
CA ILE F 230 35.36 -20.83 -18.35
C ILE F 230 36.78 -20.46 -18.78
N ASP F 231 36.91 -20.03 -20.02
CA ASP F 231 38.22 -19.62 -20.52
C ASP F 231 38.53 -18.15 -20.31
N HIS F 232 37.52 -17.29 -20.49
CA HIS F 232 37.79 -15.88 -20.64
C HIS F 232 37.66 -15.04 -19.36
N ARG F 233 37.27 -15.64 -18.24
CA ARG F 233 37.24 -14.91 -16.96
C ARG F 233 38.59 -14.27 -16.71
N ASN F 234 38.54 -13.05 -16.16
CA ASN F 234 39.73 -12.29 -15.78
C ASN F 234 40.71 -12.12 -16.93
N ALA F 235 40.18 -11.85 -18.12
CA ALA F 235 40.94 -11.72 -19.35
C ALA F 235 42.11 -10.72 -19.33
N TRP F 236 42.06 -9.67 -18.49
CA TRP F 236 43.20 -8.76 -18.42
C TRP F 236 44.50 -9.43 -17.97
N ILE F 237 44.39 -10.58 -17.31
CA ILE F 237 45.58 -11.38 -16.93
C ILE F 237 46.08 -12.14 -18.18
N LYS F 238 47.33 -11.94 -18.54
CA LYS F 238 47.94 -12.71 -19.64
C LYS F 238 48.75 -13.81 -19.03
N THR F 239 48.25 -15.04 -19.14
CA THR F 239 48.91 -16.14 -18.48
C THR F 239 48.58 -17.42 -19.24
N THR F 240 49.27 -18.51 -18.90
CA THR F 240 48.94 -19.85 -19.45
C THR F 240 48.02 -20.56 -18.45
N PRO F 241 46.84 -21.05 -18.93
CA PRO F 241 45.95 -21.79 -18.03
C PRO F 241 46.70 -22.93 -17.28
N LYS F 242 46.33 -23.15 -16.04
CA LYS F 242 47.03 -24.09 -15.15
C LYS F 242 46.52 -25.52 -15.25
N TYR F 243 46.11 -25.95 -16.42
CA TYR F 243 45.76 -27.35 -16.58
C TYR F 243 46.71 -27.91 -17.63
N PRO F 244 46.82 -29.25 -17.72
CA PRO F 244 47.77 -29.88 -18.63
C PRO F 244 47.42 -29.70 -20.10
N ALA F 245 46.15 -29.47 -20.44
CA ALA F 245 45.76 -29.37 -21.84
C ALA F 245 46.42 -28.16 -22.52
N LYS F 246 46.73 -28.30 -23.80
CA LYS F 246 47.49 -27.26 -24.52
C LYS F 246 46.65 -26.09 -25.01
N ARG F 247 45.35 -26.29 -25.14
CA ARG F 247 44.50 -25.28 -25.79
C ARG F 247 43.44 -24.75 -24.84
N LYS F 248 42.51 -23.94 -25.35
CA LYS F 248 41.35 -23.50 -24.58
C LYS F 248 40.34 -24.62 -24.37
N ILE F 249 39.64 -24.55 -23.24
CA ILE F 249 38.61 -25.55 -22.92
C ILE F 249 37.53 -25.59 -24.02
N VAL F 250 37.13 -24.40 -24.50
CA VAL F 250 36.14 -24.30 -25.58
C VAL F 250 36.60 -25.01 -26.89
N ASP F 251 37.90 -25.05 -27.19
CA ASP F 251 38.34 -25.76 -28.38
C ASP F 251 38.00 -27.23 -28.29
N TYR F 252 38.20 -27.85 -27.12
CA TYR F 252 37.80 -29.26 -26.94
C TYR F 252 36.30 -29.43 -26.92
N PHE F 253 35.59 -28.49 -26.30
CA PHE F 253 34.11 -28.56 -26.28
C PHE F 253 33.60 -28.53 -27.71
N ASN F 254 34.15 -27.63 -28.52
CA ASN F 254 33.69 -27.46 -29.90
C ASN F 254 34.03 -28.61 -30.80
N GLU F 255 35.19 -29.23 -30.58
CA GLU F 255 35.72 -30.26 -31.49
C GLU F 255 35.41 -31.71 -31.08
N ASN F 256 35.20 -31.95 -29.78
CA ASN F 256 35.11 -33.31 -29.24
C ASN F 256 33.77 -33.65 -28.60
N PHE F 257 32.85 -32.67 -28.53
CA PHE F 257 31.58 -32.93 -27.82
C PHE F 257 30.35 -32.83 -28.69
N TYR F 258 29.33 -33.61 -28.30
CA TYR F 258 27.98 -33.53 -28.85
C TYR F 258 27.05 -33.42 -27.65
N LEU F 259 25.93 -32.72 -27.84
CA LEU F 259 24.94 -32.59 -26.80
C LEU F 259 23.64 -33.23 -27.28
N THR F 260 22.87 -33.84 -26.37
CA THR F 260 21.54 -34.25 -26.76
C THR F 260 20.51 -33.44 -26.00
N THR F 261 19.25 -33.52 -26.46
CA THR F 261 18.16 -32.76 -25.89
C THR F 261 17.47 -33.45 -24.74
N SER F 262 18.03 -34.56 -24.24
CA SER F 262 17.33 -35.38 -23.26
C SER F 262 16.98 -34.56 -22.04
N GLY F 263 15.71 -34.61 -21.60
CA GLY F 263 15.30 -33.99 -20.32
C GLY F 263 15.48 -32.48 -20.22
N ASN F 264 15.61 -31.79 -21.33
CA ASN F 264 15.83 -30.34 -21.31
C ASN F 264 15.09 -29.75 -22.51
N PHE F 265 13.77 -29.88 -22.47
CA PHE F 265 12.90 -29.55 -23.61
C PHE F 265 12.55 -28.07 -23.54
N ARG F 266 13.56 -27.26 -23.77
CA ARG F 266 13.43 -25.82 -23.54
C ARG F 266 14.01 -25.08 -24.74
N THR F 267 13.15 -24.40 -25.48
CA THR F 267 13.59 -23.71 -26.72
C THR F 267 14.68 -22.65 -26.51
N GLN F 268 14.57 -21.84 -25.45
CA GLN F 268 15.63 -20.87 -25.15
C GLN F 268 16.99 -21.56 -25.01
N THR F 269 16.99 -22.66 -24.27
CA THR F 269 18.22 -23.41 -24.00
C THR F 269 18.82 -23.96 -25.29
N LEU F 270 17.96 -24.52 -26.14
CA LEU F 270 18.39 -25.04 -27.45
C LEU F 270 18.97 -23.90 -28.34
N ILE F 271 18.34 -22.74 -28.32
CA ILE F 271 18.87 -21.59 -29.10
C ILE F 271 20.24 -21.21 -28.62
N ASP F 272 20.40 -21.14 -27.30
CA ASP F 272 21.69 -20.78 -26.74
C ASP F 272 22.74 -21.83 -27.16
N ALA F 273 22.39 -23.12 -27.07
CA ALA F 273 23.34 -24.17 -27.51
C ALA F 273 23.66 -24.04 -29.03
N ILE F 274 22.63 -23.79 -29.85
CA ILE F 274 22.86 -23.55 -31.28
C ILE F 274 23.86 -22.40 -31.52
N LEU F 275 23.70 -21.32 -30.78
CA LEU F 275 24.55 -20.16 -30.96
C LEU F 275 25.93 -20.32 -30.29
N GLU F 276 26.15 -21.44 -29.60
CA GLU F 276 27.43 -21.68 -28.93
C GLU F 276 28.23 -22.83 -29.53
N ILE F 277 27.55 -23.92 -29.86
CA ILE F 277 28.22 -25.10 -30.39
C ILE F 277 27.72 -25.48 -31.79
N GLY F 278 26.56 -24.94 -32.18
CA GLY F 278 26.06 -25.17 -33.55
C GLY F 278 25.10 -26.37 -33.60
N ALA F 279 24.07 -26.26 -34.46
CA ALA F 279 23.09 -27.37 -34.62
C ALA F 279 23.74 -28.68 -35.05
N ASP F 280 24.85 -28.65 -35.78
CA ASP F 280 25.52 -29.91 -36.21
C ASP F 280 25.98 -30.75 -35.02
N ARG F 281 26.07 -30.17 -33.81
CA ARG F 281 26.54 -30.94 -32.67
C ARG F 281 25.45 -31.22 -31.64
N ILE F 282 24.19 -31.08 -32.06
CA ILE F 282 23.03 -31.28 -31.16
C ILE F 282 22.20 -32.43 -31.72
N LEU F 283 21.82 -33.34 -30.83
CA LEU F 283 21.10 -34.57 -31.19
C LEU F 283 19.81 -34.71 -30.42
N PHE F 284 18.73 -35.05 -31.11
CA PHE F 284 17.50 -35.40 -30.38
C PHE F 284 17.69 -36.63 -29.46
N SER F 285 17.11 -36.58 -28.26
CA SER F 285 16.99 -37.75 -27.36
C SER F 285 15.90 -37.43 -26.36
N THR F 286 15.37 -38.45 -25.70
CA THR F 286 14.21 -38.24 -24.83
C THR F 286 14.51 -38.39 -23.33
N ASP F 287 15.39 -39.34 -22.99
CA ASP F 287 15.53 -39.89 -21.62
C ASP F 287 14.32 -40.75 -21.15
N TRP F 288 13.59 -41.32 -22.10
CA TRP F 288 12.65 -42.37 -21.78
C TRP F 288 13.39 -43.46 -20.96
N PRO F 289 12.74 -43.98 -19.89
CA PRO F 289 11.36 -43.72 -19.39
C PRO F 289 11.26 -42.72 -18.26
N PHE F 290 12.36 -42.00 -17.99
CA PHE F 290 12.37 -40.98 -16.95
C PHE F 290 11.63 -39.74 -17.42
N GLU F 291 11.64 -39.50 -18.74
CA GLU F 291 10.79 -38.48 -19.36
C GLU F 291 9.89 -39.18 -20.36
N ASN F 292 8.73 -38.60 -20.59
CA ASN F 292 7.83 -39.09 -21.65
C ASN F 292 8.32 -38.85 -23.09
N ILE F 293 8.21 -39.89 -23.91
CA ILE F 293 8.44 -39.81 -25.36
C ILE F 293 7.53 -38.75 -25.97
N ASP F 294 6.25 -38.72 -25.56
CA ASP F 294 5.33 -37.74 -26.15
C ASP F 294 5.77 -36.32 -25.88
N HIS F 295 6.15 -36.04 -24.63
CA HIS F 295 6.65 -34.69 -24.24
C HIS F 295 7.87 -34.30 -25.09
N ALA F 296 8.84 -35.22 -25.19
CA ALA F 296 10.09 -34.89 -25.89
C ALA F 296 9.81 -34.61 -27.37
N ALA F 297 9.02 -35.48 -27.99
CA ALA F 297 8.78 -35.39 -29.44
C ALA F 297 7.92 -34.20 -29.83
N ASP F 298 6.89 -33.94 -29.04
CA ASP F 298 6.01 -32.77 -29.28
C ASP F 298 6.75 -31.44 -29.11
N TRP F 299 7.59 -31.36 -28.07
CA TRP F 299 8.41 -30.15 -27.89
C TRP F 299 9.34 -29.99 -29.10
N PHE F 300 10.03 -31.07 -29.45
CA PHE F 300 11.02 -30.99 -30.53
C PHE F 300 10.40 -30.69 -31.93
N GLU F 301 9.23 -31.27 -32.19
CA GLU F 301 8.51 -31.06 -33.43
C GLU F 301 8.24 -29.58 -33.73
N ASN F 302 8.04 -28.80 -32.67
CA ASN F 302 7.56 -27.41 -32.79
C ASN F 302 8.60 -26.35 -32.33
N THR F 303 9.79 -26.77 -31.93
CA THR F 303 10.74 -25.78 -31.39
C THR F 303 11.18 -24.83 -32.52
N SER F 304 11.63 -23.64 -32.14
CA SER F 304 11.79 -22.50 -33.05
C SER F 304 13.16 -22.48 -33.71
N ILE F 305 13.40 -23.43 -34.62
CA ILE F 305 14.64 -23.57 -35.38
C ILE F 305 14.27 -23.82 -36.85
N SER F 306 15.27 -23.84 -37.72
CA SER F 306 15.01 -24.03 -39.15
C SER F 306 14.61 -25.48 -39.38
N GLU F 307 13.86 -25.73 -40.44
CA GLU F 307 13.50 -27.12 -40.77
C GLU F 307 14.78 -27.91 -41.13
N ALA F 308 15.77 -27.25 -41.73
CA ALA F 308 17.07 -27.87 -42.01
C ALA F 308 17.75 -28.38 -40.73
N ASP F 309 17.79 -27.57 -39.68
CA ASP F 309 18.35 -28.02 -38.42
C ASP F 309 17.45 -29.01 -37.66
N ARG F 310 16.14 -28.91 -37.83
CA ARG F 310 15.26 -29.88 -37.19
C ARG F 310 15.54 -31.25 -37.80
N LYS F 311 15.83 -31.32 -39.10
CA LYS F 311 16.23 -32.62 -39.68
C LYS F 311 17.57 -33.13 -39.17
N LYS F 312 18.55 -32.25 -39.12
CA LYS F 312 19.87 -32.60 -38.59
C LYS F 312 19.80 -33.07 -37.14
N ILE F 313 19.14 -32.28 -36.30
CA ILE F 313 19.04 -32.62 -34.87
C ILE F 313 18.16 -33.86 -34.65
N GLY F 314 17.07 -33.95 -35.42
CA GLY F 314 16.18 -35.10 -35.33
C GLY F 314 16.80 -36.44 -35.73
N TRP F 315 17.65 -36.47 -36.78
CA TRP F 315 18.20 -37.76 -37.28
C TRP F 315 19.50 -37.67 -38.06
N GLY F 316 19.64 -36.61 -38.85
CA GLY F 316 20.77 -36.42 -39.74
C GLY F 316 22.12 -36.47 -39.03
N ASN F 317 22.23 -35.77 -37.90
CA ASN F 317 23.51 -35.76 -37.17
C ASN F 317 23.88 -37.15 -36.59
N ALA F 318 22.90 -37.83 -36.02
CA ALA F 318 23.04 -39.17 -35.51
C ALA F 318 23.35 -40.19 -36.62
N GLN F 319 22.71 -40.07 -37.79
CA GLN F 319 23.01 -40.96 -38.91
C GLN F 319 24.48 -40.89 -39.26
N ASN F 320 25.02 -39.67 -39.38
CA ASN F 320 26.44 -39.46 -39.66
C ASN F 320 27.34 -39.95 -38.54
N LEU F 321 27.02 -39.56 -37.31
CA LEU F 321 27.83 -39.90 -36.15
C LEU F 321 27.99 -41.42 -35.95
N PHE F 322 26.88 -42.15 -35.97
CA PHE F 322 26.90 -43.60 -35.74
C PHE F 322 26.99 -44.43 -37.03
N LYS F 323 27.21 -43.77 -38.15
CA LYS F 323 27.36 -44.42 -39.49
C LYS F 323 26.19 -45.34 -39.85
N LEU F 324 24.97 -44.83 -39.67
CA LEU F 324 23.76 -45.59 -39.92
C LEU F 324 23.32 -45.45 -41.38
N ASN G 2 -4.85 -15.28 -18.53
CA ASN G 2 -6.00 -14.43 -18.55
C ASN G 2 -5.61 -12.93 -18.49
N GLY G 3 -6.57 -12.08 -18.78
CA GLY G 3 -6.36 -10.69 -18.64
C GLY G 3 -5.70 -10.08 -19.85
N LYS G 4 -5.53 -10.79 -20.98
CA LYS G 4 -4.88 -10.13 -22.17
C LYS G 4 -5.67 -8.95 -22.73
N ILE G 5 -4.96 -7.96 -23.26
CA ILE G 5 -5.58 -6.88 -24.04
C ILE G 5 -5.23 -7.13 -25.51
N ALA G 6 -6.23 -7.10 -26.38
CA ALA G 6 -5.96 -7.29 -27.80
C ALA G 6 -6.42 -6.03 -28.56
N LEU G 7 -5.63 -5.55 -29.51
CA LEU G 7 -6.01 -4.25 -30.11
C LEU G 7 -6.02 -4.14 -31.62
N GLU G 8 -6.03 -5.27 -32.32
CA GLU G 8 -6.29 -5.18 -33.75
C GLU G 8 -7.41 -6.15 -34.05
N GLU G 9 -8.60 -5.77 -33.63
CA GLU G 9 -9.74 -6.66 -33.48
C GLU G 9 -10.90 -5.97 -34.20
N HIS G 10 -11.39 -6.58 -35.28
CA HIS G 10 -12.19 -5.82 -36.24
C HIS G 10 -13.67 -6.21 -36.27
N PHE G 11 -14.49 -5.26 -36.69
CA PHE G 11 -15.91 -5.48 -36.91
C PHE G 11 -16.29 -4.73 -38.18
N ALA G 12 -17.46 -5.03 -38.73
CA ALA G 12 -18.03 -4.23 -39.82
C ALA G 12 -19.44 -3.79 -39.46
N THR G 13 -19.86 -2.68 -40.06
CA THR G 13 -21.27 -2.33 -40.07
C THR G 13 -21.84 -2.91 -41.36
N GLU G 14 -23.15 -3.04 -41.45
CA GLU G 14 -23.74 -3.51 -42.73
C GLU G 14 -23.25 -2.57 -43.87
N GLU G 15 -23.13 -1.28 -43.56
CA GLU G 15 -22.58 -0.31 -44.52
C GLU G 15 -21.20 -0.63 -45.08
N THR G 16 -20.26 -1.10 -44.24
CA THR G 16 -18.90 -1.39 -44.69
C THR G 16 -18.60 -2.87 -44.90
N LEU G 17 -19.57 -3.73 -44.59
CA LEU G 17 -19.37 -5.17 -44.65
C LEU G 17 -18.72 -5.66 -45.96
N ASP G 19 -16.75 -4.46 -48.04
CA ASP G 19 -15.31 -4.25 -48.15
C ASP G 19 -14.45 -5.50 -47.88
N SER G 20 -14.93 -6.38 -46.99
CA SER G 20 -14.20 -7.57 -46.61
C SER G 20 -14.55 -8.76 -47.50
N ALA G 21 -15.59 -8.61 -48.32
CA ALA G 21 -15.98 -9.70 -49.25
C ALA G 21 -14.85 -9.88 -50.25
N GLY G 22 -14.62 -11.11 -50.66
CA GLY G 22 -13.51 -11.38 -51.57
C GLY G 22 -12.14 -11.41 -50.92
N PHE G 23 -12.06 -11.27 -49.59
CA PHE G 23 -10.78 -11.51 -48.89
C PHE G 23 -10.59 -12.99 -48.54
N VAL G 24 -11.67 -13.75 -48.54
CA VAL G 24 -11.61 -15.18 -48.25
C VAL G 24 -12.38 -15.88 -49.37
N PRO G 25 -12.18 -17.21 -49.53
CA PRO G 25 -12.97 -17.99 -50.48
C PRO G 25 -14.47 -17.82 -50.25
N ASP G 26 -15.27 -17.91 -51.32
CA ASP G 26 -16.73 -17.84 -51.20
C ASP G 26 -17.28 -18.74 -50.12
N LYS G 27 -16.75 -19.96 -50.01
CA LYS G 27 -17.29 -20.94 -49.07
C LYS G 27 -17.14 -20.48 -47.61
N ASP G 28 -16.17 -19.60 -47.38
CA ASP G 28 -15.86 -19.12 -46.05
C ASP G 28 -16.47 -17.77 -45.74
N TRP G 29 -17.09 -17.13 -46.75
CA TRP G 29 -17.73 -15.83 -46.54
C TRP G 29 -18.85 -15.83 -45.46
N PRO G 30 -19.75 -16.85 -45.45
CA PRO G 30 -20.74 -16.81 -44.37
C PRO G 30 -20.10 -16.75 -42.98
N GLU G 31 -19.04 -17.53 -42.73
CA GLU G 31 -18.32 -17.45 -41.43
C GLU G 31 -17.69 -16.07 -41.20
N LEU G 32 -16.95 -15.56 -42.17
CA LEU G 32 -16.31 -14.23 -41.98
C LEU G 32 -17.33 -13.12 -41.72
N ARG G 33 -18.40 -13.12 -42.51
N ARG G 33 -18.42 -13.14 -42.50
CA ARG G 33 -19.43 -12.11 -42.42
CA ARG G 33 -19.55 -12.20 -42.33
C ARG G 33 -20.06 -12.15 -41.01
C ARG G 33 -20.05 -12.29 -40.89
N SER G 34 -20.36 -13.35 -40.53
N SER G 34 -20.42 -13.50 -40.49
CA SER G 34 -20.95 -13.49 -39.20
CA SER G 34 -20.94 -13.70 -39.14
C SER G 34 -19.98 -13.02 -38.11
C SER G 34 -20.00 -13.11 -38.09
N ARG G 35 -18.69 -13.36 -38.24
CA ARG G 35 -17.68 -12.87 -37.26
C ARG G 35 -17.63 -11.34 -37.27
N LEU G 36 -17.63 -10.76 -38.46
CA LEU G 36 -17.51 -9.28 -38.58
C LEU G 36 -18.69 -8.56 -37.95
N LEU G 37 -19.87 -9.14 -38.09
CA LEU G 37 -21.09 -8.49 -37.61
C LEU G 37 -21.35 -8.76 -36.11
N ASP G 38 -20.76 -9.80 -35.55
CA ASP G 38 -20.95 -10.11 -34.14
C ASP G 38 -19.91 -9.41 -33.26
N ILE G 39 -20.40 -8.59 -32.33
CA ILE G 39 -19.54 -7.95 -31.33
C ILE G 39 -19.88 -8.49 -29.94
N GLN G 40 -21.19 -8.65 -29.65
CA GLN G 40 -21.65 -8.86 -28.25
C GLN G 40 -21.63 -10.31 -27.80
N ASP G 41 -21.67 -11.26 -28.73
CA ASP G 41 -22.09 -12.60 -28.35
C ASP G 41 -20.97 -13.61 -28.46
N ARG G 42 -20.84 -14.27 -29.61
CA ARG G 42 -19.80 -15.26 -29.76
C ARG G 42 -18.40 -14.65 -29.55
N ARG G 43 -18.21 -13.42 -30.02
CA ARG G 43 -16.89 -12.77 -29.86
C ARG G 43 -16.47 -12.74 -28.38
N VAL G 44 -17.40 -12.36 -27.50
CA VAL G 44 -17.09 -12.34 -26.06
C VAL G 44 -16.87 -13.74 -25.49
N ARG G 45 -17.67 -14.73 -25.89
N ARG G 45 -17.67 -14.72 -25.93
CA ARG G 45 -17.40 -16.12 -25.45
CA ARG G 45 -17.48 -16.14 -25.57
C ARG G 45 -15.98 -16.59 -25.83
C ARG G 45 -16.06 -16.63 -25.87
N LEU G 46 -15.55 -16.27 -27.06
CA LEU G 46 -14.17 -16.64 -27.47
C LEU G 46 -13.12 -15.89 -26.67
N ASP G 48 -13.52 -14.98 -23.55
CA ASP G 48 -13.57 -15.70 -22.31
C ASP G 48 -12.81 -17.01 -22.38
N GLU G 49 -12.94 -17.73 -23.49
CA GLU G 49 -12.29 -19.06 -23.61
C GLU G 49 -10.80 -18.99 -23.90
N HIS G 50 -10.31 -17.84 -24.33
CA HIS G 50 -8.90 -17.72 -24.69
C HIS G 50 -8.16 -16.62 -23.94
N GLY G 51 -8.66 -16.29 -22.75
CA GLY G 51 -7.96 -15.37 -21.84
C GLY G 51 -7.77 -13.94 -22.33
N ILE G 52 -8.76 -13.37 -23.03
CA ILE G 52 -8.67 -11.96 -23.44
C ILE G 52 -9.68 -11.18 -22.62
N GLU G 53 -9.20 -10.19 -21.85
CA GLU G 53 -10.10 -9.40 -21.02
C GLU G 53 -10.71 -8.28 -21.83
N THR G 54 -9.91 -7.64 -22.69
CA THR G 54 -10.34 -6.44 -23.40
C THR G 54 -9.93 -6.50 -24.86
N ILE G 56 -9.77 -3.90 -28.03
CA ILE G 56 -9.96 -2.53 -28.52
C ILE G 56 -10.38 -2.70 -29.96
N LEU G 57 -11.62 -2.32 -30.24
CA LEU G 57 -12.26 -2.58 -31.53
C LEU G 57 -12.00 -1.54 -32.58
N SER G 58 -11.93 -2.01 -33.83
CA SER G 58 -11.84 -1.10 -34.98
C SER G 58 -12.62 -1.60 -36.16
N LEU G 59 -13.03 -0.64 -36.97
CA LEU G 59 -13.75 -0.91 -38.20
C LEU G 59 -12.84 -1.68 -39.16
N ASN G 60 -13.47 -2.32 -40.14
CA ASN G 60 -12.76 -3.15 -41.13
C ASN G 60 -12.15 -2.25 -42.20
N ALA G 61 -11.72 -2.84 -43.33
CA ALA G 61 -10.82 -2.15 -44.30
C ALA G 61 -11.17 -2.45 -45.74
N PRO G 62 -10.91 -1.50 -46.68
CA PRO G 62 -10.28 -0.20 -46.40
C PRO G 62 -11.28 0.80 -45.80
N ALA G 63 -12.57 0.47 -45.89
CA ALA G 63 -13.64 1.29 -45.31
C ALA G 63 -13.51 2.78 -45.63
N VAL G 64 -13.34 3.64 -44.60
CA VAL G 64 -13.36 5.08 -44.84
C VAL G 64 -12.25 5.56 -45.79
N GLN G 65 -11.09 4.90 -45.77
CA GLN G 65 -9.97 5.27 -46.64
C GLN G 65 -10.26 5.11 -48.16
N ALA G 66 -11.32 4.38 -48.50
CA ALA G 66 -11.67 4.19 -49.89
C ALA G 66 -12.88 5.02 -50.30
N ILE G 67 -13.37 5.89 -49.41
CA ILE G 67 -14.55 6.69 -49.77
C ILE G 67 -14.04 8.04 -50.28
N ALA G 68 -14.04 8.18 -51.60
CA ALA G 68 -13.25 9.25 -52.22
C ALA G 68 -13.93 10.62 -52.15
N ASP G 69 -15.24 10.63 -51.85
CA ASP G 69 -15.94 11.91 -51.59
C ASP G 69 -15.80 12.21 -50.09
N SER G 70 -14.96 13.20 -49.78
CA SER G 70 -14.61 13.49 -48.36
C SER G 70 -15.82 13.77 -47.47
N THR G 71 -16.82 14.44 -48.03
CA THR G 71 -18.07 14.68 -47.29
C THR G 71 -18.72 13.36 -46.90
N ARG G 72 -18.78 12.41 -47.82
CA ARG G 72 -19.35 11.08 -47.53
C ARG G 72 -18.44 10.23 -46.64
N ALA G 73 -17.13 10.41 -46.77
CA ALA G 73 -16.20 9.70 -45.91
C ALA G 73 -16.42 10.13 -44.46
N ASN G 74 -16.61 11.43 -44.25
CA ASN G 74 -16.88 11.96 -42.92
C ASN G 74 -18.20 11.39 -42.37
N GLU G 75 -19.24 11.37 -43.20
CA GLU G 75 -20.54 10.89 -42.77
C GLU G 75 -20.46 9.42 -42.37
N THR G 76 -19.75 8.62 -43.15
CA THR G 76 -19.56 7.19 -42.85
C THR G 76 -18.74 7.02 -41.56
N ALA G 77 -17.64 7.77 -41.42
CA ALA G 77 -16.84 7.69 -40.22
C ALA G 77 -17.71 7.97 -38.99
N ARG G 78 -18.52 9.01 -39.07
CA ARG G 78 -19.33 9.42 -37.92
C ARG G 78 -20.34 8.34 -37.55
N ARG G 79 -21.01 7.75 -38.55
CA ARG G 79 -21.96 6.67 -38.28
C ARG G 79 -21.27 5.45 -37.68
N ALA G 80 -20.10 5.10 -38.21
CA ALA G 80 -19.36 3.92 -37.71
C ALA G 80 -18.85 4.15 -36.29
N ASN G 81 -18.42 5.38 -36.01
CA ASN G 81 -17.97 5.70 -34.67
C ASN G 81 -19.10 5.71 -33.67
N ASP G 82 -20.23 6.33 -34.01
CA ASP G 82 -21.40 6.26 -33.09
C ASP G 82 -21.85 4.81 -32.81
N PHE G 83 -21.89 3.99 -33.85
CA PHE G 83 -22.26 2.59 -33.71
C PHE G 83 -21.27 1.92 -32.77
N LEU G 84 -19.97 2.14 -32.97
CA LEU G 84 -18.98 1.49 -32.12
C LEU G 84 -19.16 1.92 -30.65
N ALA G 85 -19.39 3.22 -30.43
CA ALA G 85 -19.55 3.73 -29.07
C ALA G 85 -20.76 3.08 -28.38
N GLU G 86 -21.85 2.92 -29.13
CA GLU G 86 -23.04 2.21 -28.61
C GLU G 86 -22.70 0.76 -28.23
N GLN G 87 -21.90 0.09 -29.07
CA GLN G 87 -21.55 -1.33 -28.86
C GLN G 87 -20.64 -1.49 -27.68
N VAL G 88 -19.64 -0.62 -27.57
CA VAL G 88 -18.77 -0.62 -26.41
C VAL G 88 -19.59 -0.44 -25.12
N ALA G 89 -20.52 0.53 -25.14
CA ALA G 89 -21.32 0.86 -23.95
C ALA G 89 -22.09 -0.32 -23.39
N LYS G 90 -22.39 -1.31 -24.24
CA LYS G 90 -23.12 -2.49 -23.78
C LYS G 90 -22.27 -3.41 -22.86
N GLN G 91 -20.97 -3.49 -23.11
CA GLN G 91 -20.08 -4.33 -22.31
C GLN G 91 -18.82 -3.55 -22.07
N PRO G 92 -18.92 -2.48 -21.24
CA PRO G 92 -17.79 -1.52 -21.17
C PRO G 92 -16.52 -2.05 -20.49
N THR G 93 -16.59 -3.15 -19.76
CA THR G 93 -15.38 -3.73 -19.20
C THR G 93 -14.62 -4.58 -20.22
N ARG G 94 -15.29 -4.93 -21.33
CA ARG G 94 -14.70 -5.91 -22.26
C ARG G 94 -14.20 -5.22 -23.56
N PHE G 95 -14.63 -3.99 -23.79
CA PHE G 95 -14.32 -3.31 -25.08
C PHE G 95 -13.86 -1.86 -24.87
N ARG G 96 -13.02 -1.39 -25.78
N ARG G 96 -13.04 -1.39 -25.80
CA ARG G 96 -12.79 0.03 -25.98
CA ARG G 96 -12.78 0.03 -25.99
C ARG G 96 -12.89 0.21 -27.49
C ARG G 96 -12.78 0.22 -27.50
N GLY G 97 -12.89 1.46 -27.96
CA GLY G 97 -12.92 1.74 -29.41
C GLY G 97 -11.73 2.54 -29.94
N PHE G 98 -11.30 2.22 -31.18
CA PHE G 98 -10.46 3.11 -31.99
C PHE G 98 -11.37 3.85 -33.00
N ALA G 99 -11.06 5.14 -33.25
CA ALA G 99 -11.81 5.95 -34.20
C ALA G 99 -11.52 5.53 -35.65
N ALA G 100 -12.56 5.54 -36.48
CA ALA G 100 -12.39 5.57 -37.94
C ALA G 100 -12.35 7.05 -38.33
N LEU G 101 -11.42 7.44 -39.22
CA LEU G 101 -11.23 8.87 -39.54
C LEU G 101 -11.29 9.14 -41.03
N PRO G 102 -11.98 10.23 -41.43
CA PRO G 102 -11.96 10.73 -42.82
C PRO G 102 -10.66 11.49 -43.16
N GLN G 104 -9.19 11.88 -45.75
CA GLN G 104 -9.26 12.64 -46.99
C GLN G 104 -9.12 14.13 -46.68
N ASP G 105 -9.61 14.53 -45.51
CA ASP G 105 -9.66 15.93 -45.12
C ASP G 105 -9.04 16.07 -43.74
N PRO G 106 -7.81 16.64 -43.66
CA PRO G 106 -7.12 16.74 -42.38
C PRO G 106 -7.96 17.42 -41.29
N GLU G 107 -8.69 18.46 -41.68
CA GLU G 107 -9.51 19.18 -40.75
C GLU G 107 -10.68 18.33 -40.25
N LEU G 108 -11.44 17.71 -41.16
CA LEU G 108 -12.55 16.82 -40.73
C LEU G 108 -12.02 15.66 -39.88
N ALA G 109 -10.83 15.16 -40.23
CA ALA G 109 -10.26 14.02 -39.49
C ALA G 109 -9.87 14.43 -38.08
N ALA G 110 -9.28 15.62 -37.94
CA ALA G 110 -8.90 16.14 -36.62
C ALA G 110 -10.14 16.36 -35.74
N ARG G 111 -11.18 17.00 -36.28
N ARG G 111 -11.17 17.02 -36.30
CA ARG G 111 -12.41 17.21 -35.52
CA ARG G 111 -12.45 17.23 -35.60
C ARG G 111 -13.10 15.90 -35.11
C ARG G 111 -13.07 15.90 -35.12
N GLU G 112 -13.11 14.92 -36.01
CA GLU G 112 -13.71 13.63 -35.68
C GLU G 112 -12.90 12.85 -34.62
N LEU G 113 -11.58 12.90 -34.69
CA LEU G 113 -10.77 12.27 -33.65
C LEU G 113 -11.03 12.95 -32.28
N GLU G 114 -11.09 14.29 -32.26
CA GLU G 114 -11.46 15.00 -31.03
C GLU G 114 -12.81 14.57 -30.50
N ARG G 115 -13.84 14.51 -31.36
CA ARG G 115 -15.17 14.06 -30.92
C ARG G 115 -15.07 12.64 -30.30
N CYS G 116 -14.40 11.74 -31.02
CA CYS G 116 -14.28 10.34 -30.59
C CYS G 116 -13.57 10.22 -29.26
N VAL G 117 -12.50 10.99 -29.06
CA VAL G 117 -11.76 10.91 -27.79
C VAL G 117 -12.51 11.60 -26.65
N LYS G 118 -12.95 12.84 -26.85
CA LYS G 118 -13.56 13.61 -25.78
C LYS G 118 -15.02 13.22 -25.48
N GLU G 119 -15.80 12.95 -26.51
CA GLU G 119 -17.20 12.66 -26.30
C GLU G 119 -17.48 11.15 -26.27
N LEU G 120 -16.73 10.35 -27.04
CA LEU G 120 -17.02 8.90 -27.12
C LEU G 120 -16.09 8.01 -26.27
N GLY G 121 -14.99 8.57 -25.75
CA GLY G 121 -14.05 7.82 -24.89
C GLY G 121 -13.21 6.81 -25.66
N PHE G 122 -13.01 7.06 -26.96
CA PHE G 122 -12.15 6.19 -27.78
C PHE G 122 -10.72 6.45 -27.39
N VAL G 123 -9.85 5.47 -27.63
CA VAL G 123 -8.54 5.48 -27.03
C VAL G 123 -7.41 5.60 -28.09
N GLY G 124 -7.81 5.84 -29.34
CA GLY G 124 -6.86 6.21 -30.41
C GLY G 124 -7.61 6.08 -31.73
N ALA G 125 -6.86 5.91 -32.81
CA ALA G 125 -7.47 5.83 -34.14
C ALA G 125 -6.87 4.69 -34.91
N LEU G 126 -7.61 4.16 -35.86
CA LEU G 126 -7.08 3.13 -36.75
C LEU G 126 -7.45 3.50 -38.18
N VAL G 127 -6.43 3.55 -39.05
CA VAL G 127 -6.60 3.99 -40.43
C VAL G 127 -5.92 2.99 -41.35
N ASN G 128 -6.61 2.61 -42.42
CA ASN G 128 -6.13 1.62 -43.37
C ASN G 128 -5.26 2.25 -44.47
N GLY G 129 -4.06 2.67 -44.11
CA GLY G 129 -3.12 3.16 -45.13
C GLY G 129 -3.57 4.44 -45.79
N PHE G 130 -3.09 4.65 -47.00
CA PHE G 130 -3.36 5.90 -47.73
C PHE G 130 -4.86 6.10 -48.02
N SER G 131 -5.22 7.35 -48.32
CA SER G 131 -6.62 7.66 -48.60
C SER G 131 -6.81 7.98 -50.08
N GLN G 132 -7.99 7.63 -50.58
CA GLN G 132 -8.41 8.11 -51.88
C GLN G 132 -9.32 9.30 -51.65
N ASP G 133 -9.08 10.36 -52.41
CA ASP G 133 -9.92 11.57 -52.39
C ASP G 133 -10.07 12.08 -53.82
N ASN G 134 -11.31 12.35 -54.24
CA ASN G 134 -11.58 12.75 -55.62
C ASN G 134 -10.82 14.01 -55.99
N ARG G 135 -10.56 14.88 -55.00
CA ARG G 135 -9.87 16.14 -55.27
C ARG G 135 -8.38 15.96 -55.67
N SER G 136 -7.79 14.83 -55.28
CA SER G 136 -6.35 14.61 -55.47
C SER G 136 -6.13 13.56 -56.57
N ALA G 137 -5.31 13.89 -57.55
CA ALA G 137 -4.94 12.94 -58.62
C ALA G 137 -4.10 11.81 -58.09
N VAL G 138 -3.47 11.99 -56.92
CA VAL G 138 -2.63 10.96 -56.33
C VAL G 138 -3.17 10.48 -54.98
N PRO G 139 -2.80 9.26 -54.57
CA PRO G 139 -3.15 8.76 -53.24
C PRO G 139 -2.54 9.63 -52.15
N LEU G 140 -3.22 9.76 -51.03
CA LEU G 140 -2.81 10.66 -49.94
C LEU G 140 -2.13 9.89 -48.84
N TYR G 141 -0.88 10.28 -48.54
CA TYR G 141 -0.05 9.63 -47.51
C TYR G 141 0.14 10.67 -46.40
N TYR G 142 0.32 10.23 -45.15
CA TYR G 142 0.13 11.15 -44.03
C TYR G 142 1.39 11.85 -43.60
N ASP G 143 2.46 11.64 -44.35
CA ASP G 143 3.63 12.46 -44.21
C ASP G 143 3.50 13.80 -44.94
N ALA G 145 2.50 17.55 -46.10
CA ALA G 145 2.45 18.75 -45.25
C ALA G 145 1.05 19.08 -44.68
N GLN G 146 0.00 18.84 -45.48
N GLN G 146 0.01 18.84 -45.48
CA GLN G 146 -1.36 19.19 -45.04
CA GLN G 146 -1.37 19.15 -45.07
C GLN G 146 -1.78 18.38 -43.80
C GLN G 146 -1.79 18.36 -43.82
N TYR G 147 -1.08 17.27 -43.54
CA TYR G 147 -1.40 16.42 -42.36
C TYR G 147 -0.76 16.88 -41.05
N TRP G 148 0.19 17.81 -41.14
CA TRP G 148 0.91 18.21 -39.93
C TRP G 148 -0.03 18.77 -38.86
N PRO G 149 -1.02 19.62 -39.25
CA PRO G 149 -1.98 20.09 -38.23
C PRO G 149 -2.85 18.98 -37.64
N PHE G 150 -3.11 17.94 -38.43
CA PHE G 150 -3.82 16.79 -37.91
C PHE G 150 -2.91 16.08 -36.87
N TRP G 151 -1.62 15.95 -37.17
CA TRP G 151 -0.73 15.26 -36.23
C TRP G 151 -0.58 16.07 -34.94
N GLU G 152 -0.66 17.40 -35.05
N GLU G 152 -0.65 17.39 -35.04
CA GLU G 152 -0.59 18.26 -33.87
CA GLU G 152 -0.59 18.24 -33.84
C GLU G 152 -1.75 17.94 -32.91
C GLU G 152 -1.74 17.89 -32.90
N THR G 153 -2.93 17.72 -33.48
CA THR G 153 -4.12 17.34 -32.72
C THR G 153 -3.95 15.94 -32.07
N VAL G 154 -3.40 15.01 -32.83
CA VAL G 154 -3.14 13.65 -32.29
C VAL G 154 -2.23 13.73 -31.06
N GLN G 155 -1.14 14.48 -31.20
CA GLN G 155 -0.17 14.62 -30.11
C GLN G 155 -0.82 15.29 -28.90
N ALA G 156 -1.61 16.35 -29.16
CA ALA G 156 -2.33 17.08 -28.11
C ALA G 156 -3.33 16.20 -27.36
N LEU G 157 -4.08 15.37 -28.07
CA LEU G 157 -4.98 14.40 -27.46
C LEU G 157 -4.20 13.28 -26.77
N ASP G 158 -2.96 13.09 -27.20
CA ASP G 158 -2.06 12.07 -26.64
C ASP G 158 -2.71 10.65 -26.71
N VAL G 159 -3.20 10.31 -27.89
CA VAL G 159 -3.68 8.93 -28.15
C VAL G 159 -2.92 8.38 -29.36
N PRO G 160 -2.73 7.04 -29.44
CA PRO G 160 -1.95 6.49 -30.54
C PRO G 160 -2.73 6.40 -31.84
N PHE G 161 -1.98 6.29 -32.93
CA PHE G 161 -2.53 6.14 -34.27
C PHE G 161 -2.09 4.78 -34.81
N TYR G 162 -3.05 3.88 -35.11
CA TYR G 162 -2.71 2.54 -35.64
C TYR G 162 -2.73 2.64 -37.17
N LEU G 163 -1.57 2.41 -37.80
CA LEU G 163 -1.47 2.44 -39.26
C LEU G 163 -1.60 1.02 -39.78
N HIS G 164 -2.80 0.72 -40.25
CA HIS G 164 -3.18 -0.59 -40.77
C HIS G 164 -2.95 -0.62 -42.30
N PRO G 165 -2.83 -1.83 -42.88
CA PRO G 165 -2.62 -1.99 -44.32
C PRO G 165 -3.81 -1.69 -45.18
N ARG G 166 -3.54 -1.36 -46.46
CA ARG G 166 -4.46 -1.66 -47.52
C ARG G 166 -3.55 -2.06 -48.69
N ASN G 167 -4.13 -2.63 -49.74
CA ASN G 167 -3.36 -2.90 -50.94
C ASN G 167 -2.95 -1.62 -51.72
N PRO G 168 -1.84 -1.68 -52.45
CA PRO G 168 -1.49 -0.64 -53.42
C PRO G 168 -2.61 -0.51 -54.47
N LEU G 169 -2.81 0.68 -55.01
CA LEU G 169 -3.70 0.85 -56.15
C LEU G 169 -3.17 0.00 -57.29
N PRO G 170 -4.06 -0.51 -58.16
CA PRO G 170 -3.55 -1.35 -59.25
C PRO G 170 -2.42 -0.74 -60.08
N SER G 171 -2.43 0.59 -60.32
CA SER G 171 -1.37 1.17 -61.17
C SER G 171 -0.02 1.22 -60.44
N ASP G 172 -0.05 1.12 -59.11
CA ASP G 172 1.16 1.01 -58.28
C ASP G 172 1.44 -0.45 -57.88
N ALA G 173 0.85 -1.40 -58.58
CA ALA G 173 0.88 -2.80 -58.16
C ALA G 173 1.25 -3.71 -59.34
N ARG G 174 1.87 -3.14 -60.38
CA ARG G 174 2.20 -3.94 -61.57
C ARG G 174 3.15 -5.13 -61.31
N ILE G 175 4.02 -4.98 -60.31
CA ILE G 175 4.93 -6.08 -59.95
C ILE G 175 4.15 -7.37 -59.54
N TYR G 176 2.90 -7.19 -59.12
CA TYR G 176 2.02 -8.30 -58.71
C TYR G 176 1.07 -8.76 -59.81
N ASP G 177 1.12 -8.12 -60.98
CA ASP G 177 0.26 -8.53 -62.11
C ASP G 177 0.52 -9.97 -62.47
N GLY G 178 -0.55 -10.74 -62.61
CA GLY G 178 -0.40 -12.18 -62.85
C GLY G 178 0.02 -12.95 -61.59
N HIS G 179 0.10 -12.27 -60.44
CA HIS G 179 0.55 -12.89 -59.20
C HIS G 179 -0.26 -12.32 -58.04
N ALA G 180 -1.57 -12.30 -58.22
CA ALA G 180 -2.46 -11.72 -57.24
C ALA G 180 -2.38 -12.46 -55.88
N TRP G 181 -1.83 -13.67 -55.88
CA TRP G 181 -1.64 -14.36 -54.58
C TRP G 181 -0.74 -13.57 -53.63
N LEU G 182 0.07 -12.65 -54.19
CA LEU G 182 0.99 -11.82 -53.39
C LEU G 182 0.33 -10.59 -52.77
N LEU G 183 -0.86 -10.23 -53.26
CA LEU G 183 -1.62 -9.14 -52.70
C LEU G 183 -2.12 -9.48 -51.30
N GLY G 184 -2.51 -8.46 -50.54
CA GLY G 184 -3.09 -8.70 -49.25
C GLY G 184 -2.06 -9.14 -48.20
N PRO G 185 -2.51 -9.92 -47.18
CA PRO G 185 -1.64 -10.26 -46.07
C PRO G 185 -0.43 -11.10 -46.47
N THR G 186 -0.46 -11.81 -47.60
CA THR G 186 0.74 -12.55 -48.02
C THR G 186 2.02 -11.70 -48.02
N TRP G 187 1.94 -10.50 -48.60
CA TRP G 187 3.15 -9.69 -48.82
C TRP G 187 2.82 -8.21 -49.07
N ALA G 188 1.89 -7.93 -49.99
CA ALA G 188 1.71 -6.53 -50.47
C ALA G 188 1.28 -5.58 -49.35
N PHE G 189 0.46 -6.08 -48.42
CA PHE G 189 0.02 -5.28 -47.26
C PHE G 189 1.25 -4.81 -46.49
N GLY G 190 2.23 -5.71 -46.36
CA GLY G 190 3.41 -5.45 -45.53
C GLY G 190 4.27 -4.37 -46.15
N GLN G 191 4.53 -4.52 -47.44
CA GLN G 191 5.33 -3.52 -48.19
C GLN G 191 4.69 -2.14 -48.12
N GLU G 192 3.39 -2.10 -48.43
CA GLU G 192 2.64 -0.84 -48.48
C GLU G 192 2.76 -0.11 -47.15
N THR G 193 2.54 -0.88 -46.09
CA THR G 193 2.49 -0.32 -44.74
C THR G 193 3.89 0.08 -44.19
N ALA G 194 4.89 -0.77 -44.43
CA ALA G 194 6.29 -0.45 -44.04
C ALA G 194 6.73 0.86 -44.70
N VAL G 195 6.47 0.99 -46.00
CA VAL G 195 6.89 2.20 -46.70
C VAL G 195 6.14 3.43 -46.20
N HIS G 196 4.83 3.30 -45.98
CA HIS G 196 4.05 4.45 -45.48
C HIS G 196 4.62 4.86 -44.11
N ALA G 197 4.93 3.88 -43.25
CA ALA G 197 5.52 4.20 -41.95
C ALA G 197 6.89 4.89 -42.10
N LEU G 198 7.74 4.36 -42.98
CA LEU G 198 9.05 4.99 -43.30
C LEU G 198 8.91 6.41 -43.82
N ARG G 199 7.93 6.65 -44.69
CA ARG G 199 7.67 8.04 -45.13
C ARG G 199 7.36 8.94 -43.96
N LEU G 200 6.58 8.46 -43.01
CA LEU G 200 6.33 9.32 -41.83
C LEU G 200 7.66 9.61 -41.12
N GLY G 202 10.94 9.52 -42.14
CA GLY G 202 11.87 10.33 -42.96
C GLY G 202 11.41 11.76 -43.17
N SER G 203 10.12 12.01 -42.99
CA SER G 203 9.56 13.34 -43.25
C SER G 203 9.92 14.39 -42.23
N GLY G 204 10.40 13.99 -41.05
CA GLY G 204 10.63 14.97 -39.99
C GLY G 204 9.42 15.17 -39.09
N LEU G 205 8.36 14.43 -39.34
CA LEU G 205 7.12 14.56 -38.54
C LEU G 205 7.44 14.38 -37.04
N PHE G 206 8.27 13.39 -36.72
CA PHE G 206 8.60 13.14 -35.29
C PHE G 206 9.62 14.08 -34.68
N ASP G 207 10.26 14.90 -35.50
CA ASP G 207 11.05 16.02 -34.96
C ASP G 207 10.09 17.10 -34.48
N LYS G 208 9.08 17.38 -35.27
CA LYS G 208 8.10 18.40 -34.92
C LYS G 208 7.17 17.95 -33.77
N TYR G 209 6.72 16.68 -33.80
CA TYR G 209 5.79 16.15 -32.81
C TYR G 209 6.39 14.90 -32.16
N PRO G 210 7.36 15.10 -31.27
CA PRO G 210 8.11 13.93 -30.78
C PRO G 210 7.36 12.97 -29.84
N ALA G 211 6.20 13.37 -29.32
CA ALA G 211 5.43 12.48 -28.42
C ALA G 211 4.42 11.59 -29.16
N LEU G 212 4.31 11.72 -30.49
CA LEU G 212 3.45 10.81 -31.28
C LEU G 212 3.74 9.34 -31.03
N LYS G 213 2.67 8.54 -30.97
CA LYS G 213 2.78 7.09 -30.90
C LYS G 213 2.08 6.46 -32.06
N ILE G 214 2.85 5.75 -32.90
CA ILE G 214 2.27 5.08 -34.07
C ILE G 214 2.32 3.59 -33.78
N ILE G 215 1.25 2.87 -34.10
CA ILE G 215 1.19 1.39 -33.92
C ILE G 215 1.16 0.69 -35.29
N LEU G 216 1.97 -0.36 -35.44
CA LEU G 216 1.93 -1.19 -36.64
C LEU G 216 1.57 -2.59 -36.21
N GLY G 217 0.78 -3.28 -37.02
CA GLY G 217 0.51 -4.69 -36.79
C GLY G 217 1.55 -5.59 -37.44
N HIS G 218 1.32 -6.91 -37.37
CA HIS G 218 2.14 -7.87 -38.14
C HIS G 218 3.63 -7.84 -37.79
N GLY G 220 5.37 -5.31 -37.14
CA GLY G 220 6.05 -4.21 -37.80
C GLY G 220 6.34 -4.39 -39.28
N GLU G 221 5.63 -5.30 -39.95
CA GLU G 221 5.63 -5.34 -41.44
C GLU G 221 7.06 -5.47 -42.02
N GLY G 222 7.87 -6.30 -41.38
CA GLY G 222 9.24 -6.52 -41.84
C GLY G 222 10.28 -5.53 -41.35
N LEU G 223 9.85 -4.43 -40.74
CA LEU G 223 10.83 -3.35 -40.47
C LEU G 223 11.99 -3.75 -39.55
N PRO G 224 11.73 -4.48 -38.45
CA PRO G 224 12.88 -4.74 -37.55
C PRO G 224 14.05 -5.50 -38.21
N TYR G 225 13.77 -6.45 -39.10
CA TYR G 225 14.79 -7.28 -39.72
C TYR G 225 15.73 -6.43 -40.58
N SER G 226 15.19 -5.41 -41.22
CA SER G 226 15.97 -4.62 -42.16
C SER G 226 16.32 -3.24 -41.63
N TRP G 228 18.51 -1.97 -39.36
CA TRP G 228 19.94 -1.64 -39.41
C TRP G 228 20.33 -1.17 -40.80
N ARG G 229 19.93 -1.94 -41.82
CA ARG G 229 20.33 -1.62 -43.21
C ARG G 229 19.71 -0.31 -43.72
N ILE G 230 18.49 0.00 -43.28
CA ILE G 230 17.86 1.27 -43.65
C ILE G 230 18.77 2.49 -43.38
N ASP G 231 19.38 2.56 -42.20
CA ASP G 231 20.31 3.68 -41.91
C ASP G 231 21.75 3.43 -42.32
N HIS G 232 22.18 2.19 -42.18
CA HIS G 232 23.62 1.93 -42.16
C HIS G 232 24.18 1.36 -43.47
N ARG G 233 23.32 1.15 -44.46
CA ARG G 233 23.83 0.73 -45.78
C ARG G 233 24.92 1.68 -46.24
N ASN G 234 25.95 1.13 -46.89
CA ASN G 234 27.01 1.94 -47.48
C ASN G 234 27.66 2.88 -46.44
N ALA G 235 27.99 2.36 -45.26
CA ALA G 235 28.43 3.14 -44.10
C ALA G 235 29.74 3.86 -44.31
N TRP G 236 30.57 3.38 -45.23
CA TRP G 236 31.85 4.10 -45.52
C TRP G 236 31.65 5.54 -46.05
N ILE G 237 30.48 5.81 -46.62
CA ILE G 237 30.12 7.17 -47.06
C ILE G 237 29.71 7.98 -45.82
N LYS G 238 30.29 9.15 -45.66
CA LYS G 238 29.95 10.00 -44.52
C LYS G 238 29.21 11.17 -45.13
N THR G 239 27.92 11.25 -44.84
CA THR G 239 27.08 12.23 -45.51
C THR G 239 25.86 12.46 -44.64
N THR G 240 25.11 13.50 -44.95
CA THR G 240 23.85 13.73 -44.30
C THR G 240 22.78 13.02 -45.14
N PRO G 241 21.93 12.20 -44.51
CA PRO G 241 20.85 11.53 -45.27
C PRO G 241 19.95 12.56 -45.96
N LYS G 242 19.42 12.18 -47.11
CA LYS G 242 18.68 13.08 -48.02
C LYS G 242 17.18 13.08 -47.73
N TYR G 243 16.82 12.97 -46.46
CA TYR G 243 15.44 13.13 -46.09
C TYR G 243 15.37 14.32 -45.17
N PRO G 244 14.18 14.91 -45.02
CA PRO G 244 14.10 16.11 -44.16
C PRO G 244 14.31 15.86 -42.66
N ALA G 245 14.09 14.64 -42.15
CA ALA G 245 14.22 14.40 -40.70
C ALA G 245 15.66 14.64 -40.19
N LYS G 246 15.80 15.09 -38.94
CA LYS G 246 17.12 15.43 -38.42
C LYS G 246 17.96 14.24 -37.92
N ARG G 247 17.33 13.12 -37.64
CA ARG G 247 18.05 12.00 -36.99
C ARG G 247 18.00 10.75 -37.84
N LYS G 248 18.48 9.63 -37.30
CA LYS G 248 18.37 8.35 -38.00
C LYS G 248 16.97 7.83 -37.95
N ILE G 249 16.62 7.05 -38.97
CA ILE G 249 15.27 6.49 -39.08
C ILE G 249 15.04 5.62 -37.84
N VAL G 250 16.06 4.89 -37.42
CA VAL G 250 15.90 3.96 -36.27
C VAL G 250 15.58 4.74 -34.97
N ASP G 251 16.03 6.00 -34.89
CA ASP G 251 15.70 6.79 -33.66
C ASP G 251 14.21 6.98 -33.54
N TYR G 252 13.54 7.25 -34.66
CA TYR G 252 12.07 7.40 -34.66
C TYR G 252 11.36 6.06 -34.48
N PHE G 253 11.90 5.01 -35.08
CA PHE G 253 11.26 3.68 -34.93
C PHE G 253 11.29 3.32 -33.41
N ASN G 254 12.43 3.54 -32.77
CA ASN G 254 12.60 3.19 -31.36
C ASN G 254 11.76 4.04 -30.43
N GLU G 255 11.57 5.32 -30.77
CA GLU G 255 10.96 6.26 -29.86
C GLU G 255 9.47 6.46 -30.10
N ASN G 256 9.04 6.32 -31.35
CA ASN G 256 7.66 6.65 -31.74
C ASN G 256 6.77 5.49 -32.17
N PHE G 257 7.32 4.27 -32.22
CA PHE G 257 6.55 3.12 -32.71
C PHE G 257 6.31 2.01 -31.71
N TYR G 258 5.16 1.35 -31.85
CA TYR G 258 4.84 0.09 -31.18
C TYR G 258 4.44 -0.92 -32.22
N LEU G 259 4.67 -2.19 -31.92
CA LEU G 259 4.33 -3.22 -32.89
C LEU G 259 3.36 -4.18 -32.20
N THR G 260 2.38 -4.73 -32.93
CA THR G 260 1.57 -5.77 -32.36
C THR G 260 1.86 -7.11 -33.06
N THR G 261 1.44 -8.20 -32.42
CA THR G 261 1.70 -9.56 -32.91
C THR G 261 0.64 -10.04 -33.90
N SER G 262 -0.28 -9.16 -34.31
CA SER G 262 -1.44 -9.56 -35.10
C SER G 262 -1.00 -10.29 -36.36
N GLY G 263 -1.56 -11.46 -36.62
CA GLY G 263 -1.30 -12.11 -37.91
C GLY G 263 0.16 -12.53 -38.16
N ASN G 264 0.97 -12.60 -37.11
CA ASN G 264 2.40 -12.93 -37.29
C ASN G 264 2.88 -13.75 -36.10
N PHE G 265 2.31 -14.95 -35.99
CA PHE G 265 2.44 -15.80 -34.78
C PHE G 265 3.67 -16.65 -34.94
N ARG G 266 4.82 -15.98 -34.94
CA ARG G 266 6.07 -16.63 -35.24
C ARG G 266 7.11 -16.27 -34.19
N THR G 267 7.55 -17.27 -33.43
CA THR G 267 8.49 -17.01 -32.33
C THR G 267 9.81 -16.44 -32.79
N GLN G 268 10.37 -16.94 -33.89
CA GLN G 268 11.65 -16.35 -34.41
C GLN G 268 11.49 -14.85 -34.67
N THR G 269 10.34 -14.48 -35.25
CA THR G 269 10.03 -13.10 -35.62
C THR G 269 9.90 -12.23 -34.36
N LEU G 270 9.20 -12.75 -33.36
CA LEU G 270 9.06 -12.06 -32.06
C LEU G 270 10.44 -11.84 -31.39
N ILE G 271 11.31 -12.84 -31.43
CA ILE G 271 12.62 -12.72 -30.79
C ILE G 271 13.42 -11.61 -31.49
N ASP G 272 13.36 -11.58 -32.84
CA ASP G 272 14.11 -10.59 -33.60
C ASP G 272 13.58 -9.21 -33.22
N ALA G 273 12.24 -9.08 -33.11
CA ALA G 273 11.65 -7.80 -32.72
C ALA G 273 12.09 -7.41 -31.31
N ILE G 274 12.14 -8.37 -30.39
CA ILE G 274 12.56 -8.08 -29.01
C ILE G 274 13.99 -7.57 -29.00
N LEU G 275 14.84 -8.22 -29.80
CA LEU G 275 16.25 -7.81 -29.85
C LEU G 275 16.53 -6.52 -30.64
N GLU G 276 15.51 -5.99 -31.32
CA GLU G 276 15.66 -4.74 -32.11
C GLU G 276 14.92 -3.54 -31.50
N ILE G 277 13.67 -3.76 -31.09
CA ILE G 277 12.87 -2.66 -30.52
C ILE G 277 12.61 -2.86 -29.03
N GLY G 278 12.71 -4.09 -28.54
CA GLY G 278 12.51 -4.35 -27.08
C GLY G 278 11.06 -4.75 -26.79
N ALA G 279 10.88 -5.64 -25.81
CA ALA G 279 9.54 -6.15 -25.47
C ALA G 279 8.61 -5.06 -24.93
N ASP G 280 9.17 -3.96 -24.39
CA ASP G 280 8.35 -2.84 -23.94
C ASP G 280 7.50 -2.21 -25.06
N ARG G 281 7.86 -2.41 -26.33
CA ARG G 281 7.14 -1.77 -27.45
C ARG G 281 6.38 -2.79 -28.28
N ILE G 282 6.11 -3.96 -27.71
CA ILE G 282 5.43 -5.01 -28.51
C ILE G 282 4.16 -5.34 -27.76
N LEU G 283 3.06 -5.48 -28.48
CA LEU G 283 1.72 -5.68 -27.89
C LEU G 283 1.05 -6.88 -28.51
N PHE G 284 0.46 -7.73 -27.67
CA PHE G 284 -0.41 -8.79 -28.14
C PHE G 284 -1.57 -8.21 -28.98
N SER G 285 -1.88 -8.83 -30.14
CA SER G 285 -3.13 -8.60 -30.90
C SER G 285 -3.36 -9.80 -31.78
N THR G 286 -4.57 -9.93 -32.33
CA THR G 286 -4.94 -11.18 -33.03
C THR G 286 -5.19 -10.94 -34.52
N ASP G 287 -5.82 -9.81 -34.84
CA ASP G 287 -6.45 -9.56 -36.17
C ASP G 287 -7.73 -10.40 -36.37
N TRP G 288 -8.40 -10.81 -35.27
CA TRP G 288 -9.79 -11.33 -35.39
C TRP G 288 -10.61 -10.29 -36.19
N PRO G 289 -11.45 -10.73 -37.15
CA PRO G 289 -11.84 -12.11 -37.49
C PRO G 289 -11.07 -12.72 -38.64
N PHE G 290 -10.04 -12.01 -39.13
CA PHE G 290 -9.23 -12.50 -40.27
C PHE G 290 -8.25 -13.58 -39.81
N GLU G 291 -7.89 -13.54 -38.52
CA GLU G 291 -7.15 -14.60 -37.83
C GLU G 291 -8.01 -15.11 -36.69
N ASN G 292 -7.89 -16.41 -36.39
CA ASN G 292 -8.52 -17.03 -35.22
C ASN G 292 -7.96 -16.53 -33.88
N ILE G 293 -8.85 -16.27 -32.94
CA ILE G 293 -8.44 -15.92 -31.58
C ILE G 293 -7.67 -17.10 -30.94
N ASP G 294 -8.18 -18.33 -31.15
CA ASP G 294 -7.50 -19.47 -30.53
C ASP G 294 -6.06 -19.62 -31.04
N HIS G 295 -5.86 -19.39 -32.33
CA HIS G 295 -4.51 -19.51 -32.91
C HIS G 295 -3.57 -18.46 -32.25
N ALA G 296 -4.02 -17.22 -32.16
CA ALA G 296 -3.20 -16.13 -31.67
C ALA G 296 -2.87 -16.37 -30.20
N ALA G 297 -3.87 -16.75 -29.43
CA ALA G 297 -3.68 -16.91 -27.98
C ALA G 297 -2.81 -18.13 -27.62
N ASP G 298 -3.06 -19.26 -28.30
CA ASP G 298 -2.31 -20.52 -28.06
C ASP G 298 -0.83 -20.35 -28.44
N TRP G 299 -0.56 -19.70 -29.60
CA TRP G 299 0.86 -19.37 -29.92
C TRP G 299 1.47 -18.47 -28.83
N PHE G 300 0.77 -17.39 -28.51
CA PHE G 300 1.34 -16.43 -27.54
C PHE G 300 1.57 -16.98 -26.15
N GLU G 301 0.64 -17.85 -25.72
CA GLU G 301 0.68 -18.50 -24.41
C GLU G 301 2.04 -19.20 -24.17
N ASN G 302 2.56 -19.79 -25.24
CA ASN G 302 3.71 -20.71 -25.18
C ASN G 302 5.00 -20.18 -25.87
N THR G 303 4.96 -18.99 -26.47
CA THR G 303 6.15 -18.48 -27.19
C THR G 303 7.34 -18.29 -26.23
N SER G 304 8.56 -18.42 -26.76
CA SER G 304 9.77 -18.58 -25.92
C SER G 304 10.38 -17.25 -25.43
N ILE G 305 9.66 -16.61 -24.50
CA ILE G 305 10.07 -15.34 -23.90
C ILE G 305 9.93 -15.44 -22.39
N SER G 306 10.45 -14.44 -21.67
CA SER G 306 10.35 -14.51 -20.21
C SER G 306 8.89 -14.32 -19.80
N GLU G 307 8.53 -14.83 -18.62
CA GLU G 307 7.19 -14.56 -18.10
C GLU G 307 6.91 -13.08 -17.87
N ALA G 308 7.93 -12.34 -17.43
CA ALA G 308 7.80 -10.88 -17.27
C ALA G 308 7.41 -10.19 -18.60
N ASP G 309 8.05 -10.60 -19.69
CA ASP G 309 7.73 -10.04 -20.98
C ASP G 309 6.42 -10.60 -21.52
N ARG G 310 6.06 -11.82 -21.13
CA ARG G 310 4.73 -12.31 -21.55
C ARG G 310 3.60 -11.45 -20.95
N LYS G 311 3.76 -11.05 -19.68
CA LYS G 311 2.81 -10.14 -19.03
C LYS G 311 2.79 -8.76 -19.67
N LYS G 312 3.97 -8.19 -19.97
CA LYS G 312 4.02 -6.87 -20.63
C LYS G 312 3.38 -6.88 -21.99
N ILE G 313 3.79 -7.82 -22.84
CA ILE G 313 3.25 -7.87 -24.21
C ILE G 313 1.75 -8.27 -24.17
N GLY G 314 1.39 -9.17 -23.26
CA GLY G 314 -0.02 -9.61 -23.16
C GLY G 314 -1.00 -8.54 -22.70
N TRP G 315 -0.57 -7.70 -21.75
CA TRP G 315 -1.47 -6.66 -21.20
C TRP G 315 -0.79 -5.44 -20.58
N GLY G 316 0.36 -5.63 -19.92
CA GLY G 316 1.00 -4.50 -19.21
C GLY G 316 1.31 -3.31 -20.14
N ASN G 317 1.85 -3.58 -21.33
CA ASN G 317 2.23 -2.47 -22.22
C ASN G 317 1.02 -1.66 -22.69
N ALA G 318 -0.01 -2.39 -23.08
CA ALA G 318 -1.25 -1.80 -23.54
C ALA G 318 -1.98 -1.08 -22.42
N GLN G 319 -1.97 -1.68 -21.23
CA GLN G 319 -2.62 -1.06 -20.07
C GLN G 319 -2.03 0.32 -19.84
N ASN G 320 -0.70 0.41 -19.91
CA ASN G 320 0.01 1.68 -19.75
C ASN G 320 -0.22 2.63 -20.90
N LEU G 321 -0.10 2.11 -22.13
CA LEU G 321 -0.21 2.94 -23.32
C LEU G 321 -1.58 3.62 -23.44
N PHE G 322 -2.64 2.87 -23.20
CA PHE G 322 -4.00 3.38 -23.38
C PHE G 322 -4.65 3.89 -22.09
N LYS G 323 -3.86 3.98 -21.03
CA LYS G 323 -4.27 4.56 -19.75
C LYS G 323 -5.55 3.90 -19.23
N LEU G 324 -5.61 2.58 -19.35
CA LEU G 324 -6.84 1.86 -19.04
C LEU G 324 -7.18 1.76 -17.55
N ASN G 325 -6.19 1.89 -16.67
CA ASN G 325 -6.48 1.99 -15.23
C ASN G 325 -7.38 3.19 -14.82
N ARG G 326 -7.56 4.15 -15.74
CA ARG G 326 -8.40 5.34 -15.51
C ARG G 326 -9.49 5.51 -16.59
N ALA G 327 -9.99 4.38 -17.11
CA ALA G 327 -11.01 4.39 -18.17
C ALA G 327 -12.39 3.95 -17.66
N ASN H 2 41.09 -16.27 -41.51
CA ASN H 2 41.59 -16.40 -42.87
C ASN H 2 40.78 -17.44 -43.68
N GLY H 3 40.94 -17.37 -45.00
CA GLY H 3 40.34 -18.32 -45.88
C GLY H 3 38.87 -18.04 -46.20
N LYS H 4 38.31 -16.87 -45.92
CA LYS H 4 36.91 -16.64 -46.30
C LYS H 4 36.69 -16.63 -47.81
N ILE H 5 35.47 -16.97 -48.22
CA ILE H 5 35.04 -16.83 -49.59
C ILE H 5 33.93 -15.78 -49.58
N ALA H 6 34.07 -14.77 -50.44
CA ALA H 6 33.07 -13.71 -50.55
C ALA H 6 32.51 -13.71 -51.98
N LEU H 7 31.20 -13.58 -52.14
CA LEU H 7 30.63 -13.78 -53.48
C LEU H 7 29.65 -12.72 -53.93
N GLU H 8 29.65 -11.55 -53.28
CA GLU H 8 28.93 -10.44 -53.89
C GLU H 8 29.86 -9.26 -54.01
N GLU H 9 30.81 -9.39 -54.91
CA GLU H 9 32.00 -8.56 -54.90
C GLU H 9 32.10 -8.02 -56.33
N HIS H 10 31.97 -6.69 -56.49
CA HIS H 10 31.64 -6.12 -57.80
C HIS H 10 32.78 -5.36 -58.47
N PHE H 11 32.76 -5.35 -59.80
CA PHE H 11 33.64 -4.48 -60.60
C PHE H 11 32.81 -3.86 -61.73
N ALA H 12 33.38 -2.86 -62.40
CA ALA H 12 32.77 -2.28 -63.58
C ALA H 12 33.80 -2.35 -64.70
N THR H 13 33.33 -2.40 -65.94
CA THR H 13 34.21 -2.07 -67.08
C THR H 13 33.96 -0.60 -67.42
N GLU H 14 34.78 0.01 -68.28
CA GLU H 14 34.52 1.40 -68.65
C GLU H 14 33.11 1.57 -69.22
N GLU H 15 32.67 0.56 -69.97
CA GLU H 15 31.38 0.52 -70.61
C GLU H 15 30.19 0.57 -69.62
N THR H 16 30.32 -0.07 -68.46
CA THR H 16 29.23 -0.10 -67.49
C THR H 16 29.46 0.84 -66.32
N LEU H 17 30.64 1.45 -66.24
CA LEU H 17 31.02 2.23 -65.06
C LEU H 17 29.96 3.23 -64.59
N ASP H 19 26.85 3.37 -64.80
CA ASP H 19 25.69 2.83 -64.10
C ASP H 19 25.69 3.03 -62.59
N SER H 20 26.89 3.08 -62.01
CA SER H 20 27.07 3.19 -60.56
C SER H 20 27.11 4.64 -60.05
N ALA H 21 27.19 5.60 -60.97
CA ALA H 21 27.23 7.02 -60.58
C ALA H 21 25.88 7.37 -60.01
N GLY H 22 25.87 8.17 -58.96
CA GLY H 22 24.60 8.57 -58.35
C GLY H 22 24.03 7.53 -57.39
N PHE H 23 24.78 6.45 -57.13
CA PHE H 23 24.50 5.59 -56.00
C PHE H 23 25.10 6.21 -54.74
N VAL H 24 26.09 7.11 -54.92
CA VAL H 24 26.75 7.78 -53.80
C VAL H 24 26.82 9.27 -54.08
N PRO H 25 27.09 10.09 -53.04
CA PRO H 25 27.31 11.53 -53.26
C PRO H 25 28.43 11.83 -54.25
N ASP H 26 28.31 12.94 -54.99
CA ASP H 26 29.33 13.31 -55.98
C ASP H 26 30.73 13.29 -55.40
N LYS H 27 30.87 13.77 -54.16
CA LYS H 27 32.20 13.84 -53.53
C LYS H 27 32.87 12.46 -53.34
N ASP H 28 32.04 11.43 -53.20
CA ASP H 28 32.52 10.06 -52.98
C ASP H 28 32.65 9.26 -54.28
N TRP H 29 32.22 9.84 -55.40
CA TRP H 29 32.25 9.14 -56.69
C TRP H 29 33.65 8.77 -57.16
N PRO H 30 34.64 9.67 -57.08
CA PRO H 30 35.99 9.27 -57.52
C PRO H 30 36.54 8.06 -56.74
N GLU H 31 36.30 8.03 -55.42
CA GLU H 31 36.69 6.86 -54.63
C GLU H 31 35.97 5.61 -55.14
N LEU H 32 34.65 5.67 -55.29
CA LEU H 32 33.90 4.47 -55.68
C LEU H 32 34.30 3.98 -57.07
N ARG H 33 34.41 4.93 -57.99
CA ARG H 33 34.79 4.62 -59.33
C ARG H 33 36.18 3.93 -59.37
N SER H 34 37.15 4.43 -58.61
CA SER H 34 38.48 3.78 -58.59
C SER H 34 38.39 2.34 -58.05
N ARG H 35 37.59 2.14 -57.00
CA ARG H 35 37.35 0.79 -56.48
C ARG H 35 36.74 -0.16 -57.54
N LEU H 36 35.70 0.30 -58.23
CA LEU H 36 34.99 -0.52 -59.23
C LEU H 36 35.92 -0.98 -60.33
N LEU H 37 36.86 -0.12 -60.72
CA LEU H 37 37.76 -0.45 -61.81
C LEU H 37 38.95 -1.28 -61.39
N ASP H 38 39.33 -1.20 -60.11
CA ASP H 38 40.48 -1.94 -59.60
C ASP H 38 40.09 -3.37 -59.30
N ILE H 39 40.77 -4.32 -59.94
CA ILE H 39 40.56 -5.74 -59.62
C ILE H 39 41.83 -6.37 -59.02
N GLN H 40 42.97 -6.05 -59.64
CA GLN H 40 44.23 -6.78 -59.36
C GLN H 40 45.05 -6.26 -58.18
N ASP H 41 44.85 -5.02 -57.78
CA ASP H 41 45.83 -4.35 -56.91
C ASP H 41 45.31 -4.13 -55.49
N ARG H 42 44.74 -2.95 -55.21
CA ARG H 42 44.22 -2.67 -53.87
C ARG H 42 43.18 -3.70 -53.38
N ARG H 43 42.34 -4.18 -54.29
CA ARG H 43 41.32 -5.17 -53.94
C ARG H 43 41.97 -6.40 -53.26
N VAL H 44 43.04 -6.90 -53.84
CA VAL H 44 43.71 -8.08 -53.32
C VAL H 44 44.44 -7.78 -52.01
N ARG H 45 45.02 -6.59 -51.90
CA ARG H 45 45.67 -6.21 -50.64
C ARG H 45 44.62 -6.18 -49.52
N LEU H 46 43.45 -5.63 -49.84
CA LEU H 46 42.35 -5.61 -48.83
C LEU H 46 41.87 -7.05 -48.50
N ASP H 48 43.82 -9.65 -48.54
CA ASP H 48 44.92 -10.13 -47.68
C ASP H 48 44.76 -9.61 -46.28
N GLU H 49 44.43 -8.33 -46.15
CA GLU H 49 44.39 -7.71 -44.82
C GLU H 49 43.17 -8.14 -43.98
N HIS H 50 42.15 -8.70 -44.62
CA HIS H 50 40.90 -8.98 -43.91
C HIS H 50 40.45 -10.43 -44.09
N GLY H 51 41.42 -11.30 -44.38
CA GLY H 51 41.22 -12.75 -44.38
C GLY H 51 40.23 -13.28 -45.40
N ILE H 52 40.31 -12.76 -46.62
CA ILE H 52 39.47 -13.28 -47.70
C ILE H 52 40.38 -13.97 -48.71
N GLU H 53 40.16 -15.26 -48.90
CA GLU H 53 41.02 -16.05 -49.78
C GLU H 53 40.56 -15.87 -51.22
N THR H 54 39.24 -15.88 -51.43
CA THR H 54 38.71 -15.92 -52.79
C THR H 54 37.54 -14.95 -52.88
N ILE H 56 34.45 -14.15 -55.55
CA ILE H 56 33.73 -14.49 -56.77
C ILE H 56 33.20 -13.16 -57.26
N LEU H 57 33.72 -12.74 -58.40
CA LEU H 57 33.50 -11.38 -58.92
C LEU H 57 32.26 -11.31 -59.82
N SER H 58 31.58 -10.16 -59.80
CA SER H 58 30.46 -9.96 -60.74
C SER H 58 30.40 -8.51 -61.17
N LEU H 59 29.85 -8.30 -62.37
CA LEU H 59 29.67 -6.98 -62.91
C LEU H 59 28.75 -6.15 -62.02
N ASN H 60 28.82 -4.83 -62.19
CA ASN H 60 28.00 -3.90 -61.43
C ASN H 60 26.56 -3.83 -62.01
N ALA H 61 25.81 -2.83 -61.59
CA ALA H 61 24.33 -2.85 -61.75
C ALA H 61 23.77 -1.50 -62.19
N PRO H 62 22.68 -1.50 -63.00
CA PRO H 62 21.97 -2.66 -63.53
C PRO H 62 22.69 -3.31 -64.73
N ALA H 63 23.64 -2.61 -65.33
CA ALA H 63 24.46 -3.15 -66.42
C ALA H 63 23.61 -3.80 -67.51
N VAL H 64 23.84 -5.09 -67.81
CA VAL H 64 23.16 -5.76 -68.94
C VAL H 64 21.63 -5.71 -68.83
N GLN H 65 21.09 -5.72 -67.61
CA GLN H 65 19.63 -5.69 -67.42
C GLN H 65 18.98 -4.38 -67.87
N ALA H 66 19.77 -3.32 -68.02
CA ALA H 66 19.29 -2.02 -68.48
C ALA H 66 19.54 -1.76 -69.99
N ILE H 67 20.16 -2.72 -70.67
CA ILE H 67 20.39 -2.55 -72.10
C ILE H 67 19.19 -3.08 -72.89
N ALA H 68 18.32 -2.17 -73.37
CA ALA H 68 17.00 -2.58 -73.92
C ALA H 68 17.06 -3.26 -75.32
N ASP H 69 18.17 -3.07 -76.04
CA ASP H 69 18.38 -3.79 -77.31
C ASP H 69 19.03 -5.14 -77.02
N SER H 70 18.31 -6.23 -77.31
CA SER H 70 18.80 -7.57 -76.95
C SER H 70 20.13 -7.92 -77.61
N THR H 71 20.31 -7.52 -78.88
CA THR H 71 21.60 -7.72 -79.56
C THR H 71 22.74 -7.00 -78.85
N ARG H 72 22.52 -5.73 -78.49
CA ARG H 72 23.54 -4.95 -77.76
C ARG H 72 23.76 -5.50 -76.32
N ALA H 73 22.71 -6.01 -75.71
CA ALA H 73 22.82 -6.60 -74.37
C ALA H 73 23.74 -7.84 -74.41
N ASN H 74 23.54 -8.67 -75.43
CA ASN H 74 24.39 -9.83 -75.65
C ASN H 74 25.85 -9.46 -75.94
N GLU H 75 26.07 -8.46 -76.80
CA GLU H 75 27.44 -8.02 -77.09
C GLU H 75 28.17 -7.52 -75.83
N THR H 76 27.47 -6.76 -74.99
CA THR H 76 28.07 -6.23 -73.76
C THR H 76 28.36 -7.34 -72.73
N ALA H 77 27.41 -8.27 -72.56
CA ALA H 77 27.62 -9.40 -71.67
C ALA H 77 28.87 -10.12 -72.14
N ARG H 78 28.98 -10.40 -73.45
CA ARG H 78 30.11 -11.16 -73.93
C ARG H 78 31.43 -10.45 -73.62
N ARG H 79 31.52 -9.17 -73.91
CA ARG H 79 32.80 -8.57 -73.62
C ARG H 79 33.06 -8.41 -72.12
N ALA H 80 32.03 -8.14 -71.30
CA ALA H 80 32.30 -8.08 -69.85
C ALA H 80 32.74 -9.46 -69.31
N ASN H 81 32.13 -10.53 -69.82
CA ASN H 81 32.53 -11.87 -69.45
C ASN H 81 33.94 -12.25 -69.92
N ASP H 82 34.28 -11.95 -71.16
CA ASP H 82 35.67 -12.16 -71.65
C ASP H 82 36.68 -11.40 -70.78
N PHE H 83 36.38 -10.14 -70.49
CA PHE H 83 37.25 -9.31 -69.65
C PHE H 83 37.43 -9.98 -68.29
N LEU H 84 36.31 -10.41 -67.71
CA LEU H 84 36.34 -11.01 -66.39
C LEU H 84 37.18 -12.29 -66.32
N ALA H 85 36.97 -13.18 -67.29
CA ALA H 85 37.83 -14.36 -67.43
C ALA H 85 39.31 -13.97 -67.54
N GLU H 86 39.63 -12.98 -68.36
CA GLU H 86 41.03 -12.47 -68.43
C GLU H 86 41.58 -11.98 -67.08
N GLN H 87 40.75 -11.27 -66.32
CA GLN H 87 41.16 -10.79 -64.98
C GLN H 87 41.28 -11.94 -63.95
N VAL H 88 40.35 -12.88 -63.99
CA VAL H 88 40.42 -14.05 -63.11
C VAL H 88 41.70 -14.84 -63.39
N ALA H 89 42.07 -14.95 -64.68
CA ALA H 89 43.22 -15.77 -65.06
C ALA H 89 44.54 -15.17 -64.55
N LYS H 90 44.56 -13.87 -64.25
CA LYS H 90 45.77 -13.26 -63.72
C LYS H 90 46.09 -13.72 -62.28
N GLN H 91 45.04 -13.88 -61.48
CA GLN H 91 45.18 -14.37 -60.09
C GLN H 91 44.17 -15.48 -59.80
N PRO H 92 44.36 -16.66 -60.42
CA PRO H 92 43.34 -17.70 -60.41
C PRO H 92 43.07 -18.37 -59.06
N THR H 93 43.97 -18.24 -58.08
CA THR H 93 43.69 -18.77 -56.73
C THR H 93 42.87 -17.79 -55.89
N ARG H 94 42.80 -16.53 -56.31
CA ARG H 94 42.13 -15.50 -55.52
C ARG H 94 40.76 -15.13 -56.09
N PHE H 95 40.49 -15.55 -57.32
CA PHE H 95 39.25 -15.11 -57.94
C PHE H 95 38.52 -16.24 -58.65
N ARG H 96 37.18 -16.10 -58.69
CA ARG H 96 36.32 -16.81 -59.66
C ARG H 96 35.37 -15.79 -60.27
N GLY H 97 34.64 -16.17 -61.32
CA GLY H 97 33.66 -15.24 -61.90
C GLY H 97 32.23 -15.77 -61.90
N PHE H 98 31.29 -14.82 -61.81
CA PHE H 98 29.88 -15.04 -62.12
C PHE H 98 29.62 -14.40 -63.49
N ALA H 99 28.85 -15.08 -64.34
CA ALA H 99 28.49 -14.55 -65.65
C ALA H 99 27.49 -13.38 -65.59
N ALA H 100 27.70 -12.37 -66.43
CA ALA H 100 26.61 -11.42 -66.76
C ALA H 100 25.83 -12.02 -67.91
N LEU H 101 24.51 -11.87 -67.91
CA LEU H 101 23.67 -12.53 -68.91
C LEU H 101 22.68 -11.60 -69.60
N PRO H 102 22.53 -11.77 -70.94
CA PRO H 102 21.52 -10.98 -71.64
C PRO H 102 20.13 -11.64 -71.48
N GLN H 104 17.36 -10.55 -71.58
CA GLN H 104 16.39 -10.08 -72.57
C GLN H 104 15.96 -11.19 -73.54
N ASP H 105 16.88 -12.11 -73.83
CA ASP H 105 16.62 -13.19 -74.76
C ASP H 105 16.98 -14.48 -74.05
N PRO H 106 15.97 -15.28 -73.65
CA PRO H 106 16.30 -16.52 -72.91
C PRO H 106 17.30 -17.44 -73.64
N GLU H 107 17.16 -17.56 -74.95
CA GLU H 107 18.06 -18.37 -75.78
C GLU H 107 19.51 -17.84 -75.72
N LEU H 108 19.70 -16.53 -75.94
CA LEU H 108 21.05 -15.93 -75.88
C LEU H 108 21.66 -16.05 -74.48
N ALA H 109 20.83 -15.82 -73.45
CA ALA H 109 21.28 -15.95 -72.08
C ALA H 109 21.69 -17.38 -71.76
N ALA H 110 20.91 -18.37 -72.20
CA ALA H 110 21.28 -19.78 -72.03
C ALA H 110 22.63 -20.14 -72.68
N ARG H 111 22.81 -19.76 -73.95
N ARG H 111 22.82 -19.74 -73.94
CA ARG H 111 24.08 -19.98 -74.65
CA ARG H 111 24.09 -19.99 -74.64
C ARG H 111 25.25 -19.29 -73.93
C ARG H 111 25.27 -19.27 -73.98
N GLU H 112 25.06 -18.04 -73.52
CA GLU H 112 26.15 -17.29 -72.84
C GLU H 112 26.53 -17.94 -71.50
N LEU H 113 25.53 -18.40 -70.76
CA LEU H 113 25.84 -19.10 -69.51
C LEU H 113 26.64 -20.39 -69.78
N GLU H 114 26.28 -21.14 -70.82
CA GLU H 114 27.03 -22.36 -71.18
C GLU H 114 28.47 -22.04 -71.56
N ARG H 115 28.65 -21.02 -72.41
CA ARG H 115 29.99 -20.53 -72.75
C ARG H 115 30.78 -20.13 -71.50
N CYS H 116 30.15 -19.34 -70.61
CA CYS H 116 30.84 -18.89 -69.41
C CYS H 116 31.28 -20.05 -68.52
N VAL H 117 30.38 -21.01 -68.29
CA VAL H 117 30.69 -22.15 -67.44
C VAL H 117 31.68 -23.08 -68.13
N LYS H 118 31.37 -23.52 -69.34
CA LYS H 118 32.17 -24.55 -70.01
C LYS H 118 33.50 -24.08 -70.55
N GLU H 119 33.54 -22.88 -71.14
CA GLU H 119 34.78 -22.37 -71.72
C GLU H 119 35.55 -21.40 -70.81
N LEU H 120 34.86 -20.62 -69.99
CA LEU H 120 35.56 -19.62 -69.18
C LEU H 120 35.76 -20.02 -67.69
N GLY H 121 35.16 -21.14 -67.30
CA GLY H 121 35.26 -21.69 -65.93
C GLY H 121 34.52 -20.86 -64.88
N PHE H 122 33.48 -20.12 -65.29
CA PHE H 122 32.69 -19.34 -64.32
C PHE H 122 31.83 -20.30 -63.48
N VAL H 123 31.45 -19.87 -62.27
CA VAL H 123 30.85 -20.77 -61.27
C VAL H 123 29.37 -20.45 -60.99
N GLY H 124 28.78 -19.58 -61.80
CA GLY H 124 27.37 -19.22 -61.61
C GLY H 124 27.07 -17.98 -62.41
N ALA H 125 25.89 -17.39 -62.19
CA ALA H 125 25.52 -16.16 -62.88
C ALA H 125 25.01 -15.17 -61.87
N LEU H 126 25.12 -13.88 -62.20
CA LEU H 126 24.55 -12.84 -61.36
C LEU H 126 23.80 -11.84 -62.25
N VAL H 127 22.54 -11.60 -61.91
CA VAL H 127 21.63 -10.80 -62.74
C VAL H 127 20.94 -9.78 -61.84
N ASN H 128 20.85 -8.53 -62.30
CA ASN H 128 20.31 -7.44 -61.49
C ASN H 128 18.81 -7.28 -61.69
N GLY H 129 18.04 -8.22 -61.15
CA GLY H 129 16.59 -8.14 -61.23
C GLY H 129 16.04 -8.22 -62.64
N PHE H 130 14.86 -7.61 -62.85
CA PHE H 130 14.16 -7.64 -64.15
C PHE H 130 15.00 -7.05 -65.28
N SER H 131 14.68 -7.47 -66.50
CA SER H 131 15.33 -6.89 -67.70
C SER H 131 14.42 -5.93 -68.41
N GLN H 132 15.03 -4.93 -69.06
CA GLN H 132 14.32 -4.05 -69.97
C GLN H 132 14.65 -4.54 -71.39
N ASP H 133 13.63 -4.60 -72.24
CA ASP H 133 13.77 -5.06 -73.63
C ASP H 133 12.81 -4.23 -74.50
N ASN H 134 13.32 -3.65 -75.59
CA ASN H 134 12.49 -2.84 -76.49
C ASN H 134 11.27 -3.58 -77.06
N ARG H 135 11.40 -4.89 -77.27
CA ARG H 135 10.31 -5.70 -77.81
C ARG H 135 9.15 -5.96 -76.82
N SER H 136 9.38 -5.69 -75.54
CA SER H 136 8.39 -5.91 -74.51
C SER H 136 7.91 -4.61 -73.88
N ALA H 137 6.59 -4.40 -73.84
CA ALA H 137 6.00 -3.23 -73.16
C ALA H 137 6.12 -3.34 -71.63
N VAL H 138 6.38 -4.54 -71.12
CA VAL H 138 6.57 -4.71 -69.68
C VAL H 138 7.99 -5.17 -69.31
N PRO H 139 8.40 -4.89 -68.07
CA PRO H 139 9.67 -5.40 -67.57
C PRO H 139 9.64 -6.92 -67.54
N LEU H 140 10.79 -7.56 -67.77
CA LEU H 140 10.84 -9.02 -67.87
C LEU H 140 11.28 -9.67 -66.57
N TYR H 141 10.38 -10.48 -65.99
CA TYR H 141 10.70 -11.19 -64.74
C TYR H 141 10.90 -12.68 -65.04
N TYR H 142 11.73 -13.35 -64.25
CA TYR H 142 12.20 -14.68 -64.69
C TYR H 142 11.34 -15.89 -64.34
N ASP H 143 10.17 -15.61 -63.75
CA ASP H 143 9.16 -16.64 -63.55
C ASP H 143 8.30 -16.85 -64.82
N ALA H 145 6.97 -17.77 -68.50
CA ALA H 145 7.15 -19.06 -69.21
C ALA H 145 8.33 -19.16 -70.18
N GLN H 146 8.63 -18.07 -70.88
CA GLN H 146 9.73 -18.09 -71.85
C GLN H 146 11.10 -18.35 -71.20
N TYR H 147 11.21 -18.16 -69.88
CA TYR H 147 12.47 -18.43 -69.16
C TYR H 147 12.68 -19.87 -68.76
N TRP H 148 11.64 -20.69 -68.90
CA TRP H 148 11.76 -22.07 -68.45
C TRP H 148 12.88 -22.86 -69.15
N PRO H 149 13.03 -22.70 -70.48
CA PRO H 149 14.19 -23.38 -71.09
C PRO H 149 15.52 -22.85 -70.59
N PHE H 150 15.58 -21.58 -70.18
CA PHE H 150 16.80 -21.05 -69.60
C PHE H 150 17.09 -21.72 -68.25
N TRP H 151 16.05 -21.86 -67.42
CA TRP H 151 16.23 -22.46 -66.12
C TRP H 151 16.60 -23.94 -66.28
N GLU H 152 16.05 -24.60 -67.30
CA GLU H 152 16.44 -25.97 -67.59
C GLU H 152 17.97 -26.07 -67.77
N THR H 153 18.52 -25.09 -68.48
CA THR H 153 19.97 -24.98 -68.75
C THR H 153 20.76 -24.70 -67.45
N VAL H 154 20.28 -23.75 -66.64
CA VAL H 154 20.89 -23.47 -65.34
C VAL H 154 20.95 -24.79 -64.52
N GLN H 155 19.84 -25.50 -64.47
CA GLN H 155 19.80 -26.71 -63.66
C GLN H 155 20.77 -27.77 -64.20
N ALA H 156 20.82 -27.91 -65.52
CA ALA H 156 21.71 -28.87 -66.16
C ALA H 156 23.21 -28.58 -65.91
N LEU H 157 23.60 -27.31 -65.94
CA LEU H 157 24.97 -26.89 -65.61
C LEU H 157 25.26 -27.01 -64.12
N ASP H 158 24.19 -26.99 -63.33
CA ASP H 158 24.28 -27.14 -61.86
C ASP H 158 25.17 -26.04 -61.26
N VAL H 159 24.89 -24.80 -61.65
CA VAL H 159 25.54 -23.61 -61.06
C VAL H 159 24.47 -22.69 -60.54
N PRO H 160 24.74 -21.96 -59.45
CA PRO H 160 23.73 -21.08 -58.87
C PRO H 160 23.49 -19.80 -59.64
N PHE H 161 22.31 -19.23 -59.44
CA PHE H 161 21.93 -17.96 -60.02
C PHE H 161 21.73 -16.92 -58.90
N TYR H 162 22.49 -15.83 -58.96
CA TYR H 162 22.47 -14.84 -57.87
C TYR H 162 21.53 -13.74 -58.35
N LEU H 163 20.40 -13.59 -57.65
CA LEU H 163 19.44 -12.57 -58.03
C LEU H 163 19.68 -11.31 -57.23
N HIS H 164 20.34 -10.34 -57.89
CA HIS H 164 20.77 -9.08 -57.30
C HIS H 164 19.67 -8.00 -57.50
N PRO H 165 19.71 -6.93 -56.71
CA PRO H 165 18.68 -5.90 -56.91
C PRO H 165 18.87 -4.99 -58.11
N ARG H 166 17.77 -4.34 -58.49
CA ARG H 166 17.82 -3.02 -59.14
C ARG H 166 16.58 -2.29 -58.63
N ASN H 167 16.47 -1.00 -58.87
CA ASN H 167 15.27 -0.26 -58.51
C ASN H 167 14.09 -0.61 -59.40
N PRO H 168 12.85 -0.48 -58.88
CA PRO H 168 11.67 -0.48 -59.76
C PRO H 168 11.75 0.61 -60.84
N LEU H 169 11.09 0.41 -61.97
CA LEU H 169 10.93 1.48 -62.99
C LEU H 169 10.10 2.61 -62.36
N PRO H 170 10.33 3.89 -62.76
CA PRO H 170 9.57 5.00 -62.17
C PRO H 170 8.06 4.79 -62.09
N SER H 171 7.44 4.25 -63.13
CA SER H 171 5.97 4.07 -63.12
C SER H 171 5.55 3.01 -62.09
N ASP H 172 6.51 2.18 -61.68
CA ASP H 172 6.29 1.15 -60.63
C ASP H 172 6.79 1.60 -59.27
N ALA H 173 7.09 2.90 -59.15
CA ALA H 173 7.76 3.46 -57.96
C ALA H 173 7.10 4.71 -57.40
N ARG H 174 5.83 4.95 -57.75
N ARG H 174 5.84 4.94 -57.73
CA ARG H 174 5.11 6.15 -57.28
CA ARG H 174 5.13 6.14 -57.30
C ARG H 174 5.16 6.29 -55.76
C ARG H 174 4.92 6.26 -55.79
N ILE H 175 5.08 5.17 -55.06
CA ILE H 175 5.07 5.21 -53.58
C ILE H 175 6.30 5.95 -53.02
N TYR H 176 7.39 5.95 -53.81
CA TYR H 176 8.63 6.61 -53.40
C TYR H 176 8.79 8.03 -53.95
N ASP H 177 7.78 8.52 -54.70
CA ASP H 177 7.85 9.85 -55.30
C ASP H 177 7.95 10.87 -54.19
N GLY H 178 8.92 11.78 -54.32
CA GLY H 178 9.17 12.82 -53.30
C GLY H 178 9.90 12.24 -52.10
N HIS H 179 10.24 10.94 -52.19
CA HIS H 179 10.98 10.22 -51.14
C HIS H 179 12.09 9.36 -51.73
N ALA H 180 12.95 9.95 -52.55
CA ALA H 180 13.94 9.15 -53.28
C ALA H 180 14.99 8.52 -52.34
N TRP H 181 15.07 9.03 -51.11
CA TRP H 181 15.97 8.46 -50.10
C TRP H 181 15.64 7.00 -49.83
N LEU H 182 14.39 6.57 -50.13
CA LEU H 182 13.97 5.16 -49.97
C LEU H 182 14.37 4.26 -51.17
N LEU H 183 14.72 4.86 -52.33
CA LEU H 183 15.21 4.05 -53.45
C LEU H 183 16.57 3.43 -53.13
N GLY H 184 16.94 2.39 -53.87
CA GLY H 184 18.28 1.79 -53.69
C GLY H 184 18.38 0.93 -52.44
N PRO H 185 19.59 0.81 -51.88
CA PRO H 185 19.84 -0.16 -50.80
C PRO H 185 18.98 0.15 -49.55
N THR H 186 18.61 1.41 -49.36
CA THR H 186 17.83 1.78 -48.16
C THR H 186 16.58 0.87 -47.97
N TRP H 187 15.84 0.66 -49.05
CA TRP H 187 14.57 -0.06 -48.97
C TRP H 187 14.11 -0.66 -50.29
N ALA H 188 14.07 0.15 -51.34
CA ALA H 188 13.42 -0.27 -52.59
C ALA H 188 14.06 -1.51 -53.24
N PHE H 189 15.38 -1.61 -53.16
CA PHE H 189 16.09 -2.77 -53.68
C PHE H 189 15.55 -4.04 -53.07
N GLY H 190 15.34 -4.00 -51.74
CA GLY H 190 14.90 -5.19 -50.99
C GLY H 190 13.49 -5.65 -51.38
N GLN H 191 12.57 -4.69 -51.45
CA GLN H 191 11.20 -5.01 -51.86
C GLN H 191 11.19 -5.60 -53.27
N GLU H 192 11.90 -4.96 -54.20
CA GLU H 192 11.95 -5.41 -55.61
C GLU H 192 12.48 -6.84 -55.73
N THR H 193 13.56 -7.13 -55.00
CA THR H 193 14.21 -8.44 -55.05
C THR H 193 13.43 -9.52 -54.29
N ALA H 194 12.90 -9.18 -53.12
CA ALA H 194 12.05 -10.15 -52.39
C ALA H 194 10.87 -10.59 -53.25
N VAL H 195 10.21 -9.63 -53.90
CA VAL H 195 9.04 -10.00 -54.73
C VAL H 195 9.47 -10.79 -55.97
N HIS H 196 10.58 -10.40 -56.61
CA HIS H 196 11.04 -11.16 -57.77
C HIS H 196 11.29 -12.63 -57.34
N ALA H 197 11.94 -12.82 -56.18
CA ALA H 197 12.22 -14.17 -55.65
C ALA H 197 10.92 -14.96 -55.34
N LEU H 198 9.94 -14.28 -54.74
CA LEU H 198 8.63 -14.87 -54.43
C LEU H 198 7.89 -15.22 -55.72
N ARG H 199 7.98 -14.39 -56.76
CA ARG H 199 7.40 -14.75 -58.04
C ARG H 199 7.96 -16.06 -58.56
N LEU H 200 9.28 -16.24 -58.52
CA LEU H 200 9.89 -17.52 -58.92
C LEU H 200 9.31 -18.68 -58.11
N GLY H 202 6.49 -18.94 -56.28
CA GLY H 202 5.07 -19.15 -56.58
C GLY H 202 4.73 -19.78 -57.93
N SER H 203 5.61 -19.56 -58.92
CA SER H 203 5.30 -19.91 -60.30
C SER H 203 5.34 -21.42 -60.53
N GLY H 204 5.90 -22.16 -59.58
CA GLY H 204 6.06 -23.62 -59.79
C GLY H 204 7.37 -23.99 -60.46
N LEU H 205 8.24 -23.00 -60.69
CA LEU H 205 9.54 -23.23 -61.31
C LEU H 205 10.37 -24.32 -60.62
N PHE H 206 10.31 -24.34 -59.28
CA PHE H 206 11.10 -25.31 -58.49
C PHE H 206 10.43 -26.66 -58.35
N ASP H 207 9.16 -26.75 -58.75
CA ASP H 207 8.57 -28.07 -58.95
C ASP H 207 9.19 -28.73 -60.16
N LYS H 208 9.40 -27.93 -61.22
CA LYS H 208 9.84 -28.48 -62.50
C LYS H 208 11.36 -28.74 -62.47
N TYR H 209 12.09 -27.84 -61.81
CA TYR H 209 13.55 -27.92 -61.73
C TYR H 209 13.96 -27.85 -60.28
N PRO H 210 13.82 -28.97 -59.54
CA PRO H 210 13.98 -28.87 -58.10
C PRO H 210 15.41 -28.70 -57.61
N ALA H 211 16.41 -28.86 -58.48
CA ALA H 211 17.81 -28.77 -58.04
C ALA H 211 18.40 -27.38 -58.26
N LEU H 212 17.59 -26.43 -58.76
CA LEU H 212 18.04 -25.03 -58.92
C LEU H 212 18.47 -24.44 -57.58
N LYS H 213 19.51 -23.59 -57.62
CA LYS H 213 19.98 -22.87 -56.45
C LYS H 213 19.97 -21.36 -56.76
N ILE H 214 19.19 -20.63 -56.00
CA ILE H 214 19.11 -19.19 -56.19
C ILE H 214 19.78 -18.55 -54.98
N ILE H 215 20.61 -17.54 -55.22
CA ILE H 215 21.26 -16.82 -54.13
C ILE H 215 20.69 -15.41 -53.98
N LEU H 216 20.44 -14.98 -52.74
CA LEU H 216 20.00 -13.59 -52.49
C LEU H 216 21.02 -12.97 -51.56
N GLY H 217 21.32 -11.71 -51.79
CA GLY H 217 22.15 -10.93 -50.87
C GLY H 217 21.33 -10.30 -49.76
N HIS H 218 21.98 -9.48 -48.95
CA HIS H 218 21.28 -8.66 -47.96
C HIS H 218 20.45 -9.49 -46.98
N GLY H 220 18.75 -12.04 -47.54
CA GLY H 220 17.48 -12.43 -48.10
C GLY H 220 16.39 -11.36 -48.21
N GLU H 221 16.76 -10.09 -48.18
CA GLU H 221 15.83 -8.99 -48.54
C GLU H 221 14.53 -9.02 -47.70
N GLY H 222 14.70 -9.27 -46.41
CA GLY H 222 13.56 -9.28 -45.50
C GLY H 222 12.77 -10.58 -45.45
N LEU H 223 13.04 -11.51 -46.37
CA LEU H 223 12.19 -12.71 -46.47
C LEU H 223 12.05 -13.56 -45.17
N PRO H 224 13.16 -13.88 -44.45
CA PRO H 224 13.05 -14.78 -43.30
C PRO H 224 12.09 -14.27 -42.24
N TYR H 225 12.06 -12.95 -42.04
CA TYR H 225 11.27 -12.37 -40.93
C TYR H 225 9.80 -12.57 -41.18
N SER H 226 9.41 -12.49 -42.45
CA SER H 226 7.99 -12.57 -42.81
C SER H 226 7.60 -13.89 -43.47
N TRP H 228 7.03 -17.08 -42.37
CA TRP H 228 5.86 -17.78 -41.73
C TRP H 228 4.56 -17.16 -42.23
N ARG H 229 4.52 -15.82 -42.23
CA ARG H 229 3.27 -15.09 -42.58
C ARG H 229 2.87 -15.27 -44.04
N ILE H 230 3.86 -15.42 -44.91
CA ILE H 230 3.62 -15.60 -46.35
C ILE H 230 2.71 -16.79 -46.63
N ASP H 231 2.99 -17.91 -45.96
CA ASP H 231 2.14 -19.11 -46.13
C ASP H 231 0.98 -19.18 -45.13
N HIS H 232 1.25 -18.78 -43.90
CA HIS H 232 0.36 -19.12 -42.80
C HIS H 232 -0.66 -18.03 -42.39
N ARG H 233 -0.64 -16.88 -43.06
CA ARG H 233 -1.64 -15.83 -42.80
C ARG H 233 -3.04 -16.40 -42.97
N ASN H 234 -3.98 -15.96 -42.12
CA ASN H 234 -5.38 -16.39 -42.24
C ASN H 234 -5.51 -17.93 -42.25
N ALA H 235 -4.77 -18.61 -41.36
CA ALA H 235 -4.73 -20.10 -41.36
C ALA H 235 -6.07 -20.78 -41.11
N TRP H 236 -7.03 -20.10 -40.49
CA TRP H 236 -8.31 -20.74 -40.24
C TRP H 236 -9.02 -21.14 -41.53
N ILE H 237 -8.71 -20.44 -42.63
CA ILE H 237 -9.26 -20.81 -43.95
C ILE H 237 -8.53 -22.07 -44.46
N LYS H 238 -9.27 -23.10 -44.81
CA LYS H 238 -8.64 -24.29 -45.41
C LYS H 238 -8.84 -24.26 -46.90
N THR H 239 -7.75 -24.05 -47.64
CA THR H 239 -7.87 -23.80 -49.05
C THR H 239 -6.57 -24.08 -49.77
N THR H 240 -6.61 -24.24 -51.08
CA THR H 240 -5.38 -24.39 -51.87
C THR H 240 -4.83 -23.02 -52.27
N PRO H 241 -3.53 -22.76 -51.99
CA PRO H 241 -2.98 -21.46 -52.39
C PRO H 241 -3.19 -21.19 -53.90
N LYS H 242 -3.42 -19.93 -54.24
CA LYS H 242 -3.84 -19.57 -55.62
C LYS H 242 -2.67 -19.35 -56.57
N TYR H 243 -1.49 -19.83 -56.22
CA TYR H 243 -0.37 -19.78 -57.14
C TYR H 243 -0.21 -21.12 -57.85
N PRO H 244 0.53 -21.18 -58.97
CA PRO H 244 0.61 -22.48 -59.65
C PRO H 244 1.48 -23.53 -58.95
N ALA H 245 2.41 -23.12 -58.08
CA ALA H 245 3.30 -24.06 -57.41
C ALA H 245 2.47 -25.01 -56.52
N LYS H 246 2.95 -26.25 -56.39
CA LYS H 246 2.28 -27.35 -55.66
C LYS H 246 2.47 -27.31 -54.14
N ARG H 247 3.52 -26.68 -53.66
CA ARG H 247 3.86 -26.78 -52.23
C ARG H 247 3.81 -25.40 -51.55
N LYS H 248 4.22 -25.29 -50.30
CA LYS H 248 4.20 -23.99 -49.64
C LYS H 248 5.44 -23.21 -50.12
N ILE H 249 5.35 -21.89 -50.06
CA ILE H 249 6.45 -21.04 -50.49
C ILE H 249 7.71 -21.35 -49.69
N VAL H 250 7.55 -21.54 -48.36
CA VAL H 250 8.69 -21.83 -47.49
C VAL H 250 9.42 -23.15 -47.89
N ASP H 251 8.71 -24.11 -48.50
CA ASP H 251 9.41 -25.35 -48.94
C ASP H 251 10.45 -24.98 -49.99
N TYR H 252 10.11 -24.08 -50.92
CA TYR H 252 11.07 -23.66 -51.94
C TYR H 252 12.14 -22.77 -51.34
N PHE H 253 11.77 -21.90 -50.39
CA PHE H 253 12.78 -21.04 -49.76
C PHE H 253 13.83 -21.93 -49.07
N ASN H 254 13.35 -22.94 -48.34
CA ASN H 254 14.21 -23.87 -47.63
C ASN H 254 15.10 -24.72 -48.49
N GLU H 255 14.58 -25.16 -49.64
CA GLU H 255 15.28 -26.13 -50.48
C GLU H 255 16.10 -25.55 -51.60
N ASN H 256 15.70 -24.37 -52.11
CA ASN H 256 16.30 -23.81 -53.32
C ASN H 256 17.08 -22.52 -53.13
N PHE H 257 17.05 -21.94 -51.92
CA PHE H 257 17.68 -20.64 -51.72
C PHE H 257 18.86 -20.63 -50.77
N TYR H 258 19.77 -19.69 -51.05
CA TYR H 258 20.91 -19.37 -50.18
C TYR H 258 20.87 -17.88 -49.96
N LEU H 259 21.35 -17.43 -48.81
CA LEU H 259 21.39 -16.02 -48.50
C LEU H 259 22.83 -15.62 -48.23
N THR H 260 23.24 -14.41 -48.62
CA THR H 260 24.56 -13.94 -48.23
C THR H 260 24.41 -12.77 -47.26
N THR H 261 25.50 -12.44 -46.57
CA THR H 261 25.47 -11.39 -45.58
C THR H 261 25.73 -10.01 -46.19
N SER H 262 25.80 -9.91 -47.54
CA SER H 262 26.20 -8.64 -48.14
C SER H 262 25.35 -7.47 -47.63
N GLY H 263 25.99 -6.39 -47.17
CA GLY H 263 25.24 -5.15 -46.92
C GLY H 263 24.28 -5.26 -45.73
N ASN H 264 24.38 -6.30 -44.90
CA ASN H 264 23.42 -6.41 -43.82
C ASN H 264 24.13 -7.00 -42.62
N PHE H 265 25.04 -6.18 -42.08
CA PHE H 265 26.00 -6.64 -41.06
C PHE H 265 25.38 -6.46 -39.69
N ARG H 266 24.36 -7.27 -39.43
CA ARG H 266 23.52 -7.06 -38.25
C ARG H 266 23.31 -8.44 -37.59
N THR H 267 23.87 -8.59 -36.42
CA THR H 267 23.80 -9.87 -35.67
C THR H 267 22.34 -10.34 -35.42
N GLN H 268 21.45 -9.46 -34.99
CA GLN H 268 20.05 -9.90 -34.79
C GLN H 268 19.46 -10.52 -36.03
N THR H 269 19.71 -9.88 -37.17
CA THR H 269 19.22 -10.31 -38.48
C THR H 269 19.77 -11.71 -38.84
N LEU H 270 21.08 -11.88 -38.66
CA LEU H 270 21.73 -13.17 -38.92
C LEU H 270 21.12 -14.27 -38.01
N ILE H 271 20.93 -13.97 -36.73
CA ILE H 271 20.29 -14.95 -35.83
C ILE H 271 18.89 -15.33 -36.31
N ASP H 272 18.10 -14.36 -36.71
CA ASP H 272 16.74 -14.67 -37.23
C ASP H 272 16.88 -15.55 -38.47
N ALA H 273 17.80 -15.20 -39.37
CA ALA H 273 18.03 -16.05 -40.56
C ALA H 273 18.46 -17.47 -40.20
N ILE H 274 19.41 -17.62 -39.27
CA ILE H 274 19.79 -18.96 -38.77
C ILE H 274 18.61 -19.76 -38.23
N LEU H 275 17.74 -19.10 -37.46
CA LEU H 275 16.61 -19.80 -36.86
C LEU H 275 15.45 -20.05 -37.87
N GLU H 276 15.59 -19.50 -39.08
CA GLU H 276 14.57 -19.70 -40.13
C GLU H 276 15.02 -20.58 -41.28
N ILE H 277 16.24 -20.36 -41.78
CA ILE H 277 16.73 -21.13 -42.91
C ILE H 277 17.95 -22.00 -42.56
N GLY H 278 18.62 -21.69 -41.46
CA GLY H 278 19.76 -22.51 -40.98
C GLY H 278 21.11 -21.96 -41.47
N ALA H 279 22.14 -22.06 -40.63
CA ALA H 279 23.49 -21.55 -40.97
C ALA H 279 24.07 -22.21 -42.20
N ASP H 280 23.60 -23.42 -42.54
CA ASP H 280 24.11 -24.12 -43.74
C ASP H 280 23.74 -23.39 -45.02
N ARG H 281 22.72 -22.52 -44.98
CA ARG H 281 22.29 -21.81 -46.17
C ARG H 281 22.66 -20.33 -46.18
N ILE H 282 23.60 -19.95 -45.31
CA ILE H 282 24.03 -18.53 -45.20
C ILE H 282 25.52 -18.46 -45.56
N LEU H 283 25.87 -17.48 -46.41
CA LEU H 283 27.23 -17.35 -46.97
C LEU H 283 27.75 -15.96 -46.64
N PHE H 284 28.98 -15.86 -46.17
CA PHE H 284 29.64 -14.55 -46.10
C PHE H 284 29.73 -13.84 -47.48
N SER H 285 29.41 -12.54 -47.55
CA SER H 285 29.78 -11.66 -48.71
C SER H 285 29.82 -10.24 -48.20
N THR H 286 30.42 -9.31 -48.96
CA THR H 286 30.65 -7.94 -48.47
C THR H 286 29.81 -6.86 -49.20
N ASP H 287 29.61 -7.06 -50.49
CA ASP H 287 29.12 -6.03 -51.43
C ASP H 287 30.17 -4.94 -51.68
N TRP H 288 31.44 -5.29 -51.53
CA TRP H 288 32.53 -4.45 -52.09
C TRP H 288 32.21 -4.16 -53.56
N PRO H 289 32.43 -2.90 -54.01
CA PRO H 289 33.00 -1.72 -53.28
C PRO H 289 31.95 -0.76 -52.70
N PHE H 290 30.68 -1.17 -52.78
CA PHE H 290 29.58 -0.38 -52.24
C PHE H 290 29.56 -0.41 -50.70
N GLU H 291 30.08 -1.50 -50.13
CA GLU H 291 30.33 -1.60 -48.71
C GLU H 291 31.81 -1.83 -48.53
N ASN H 292 32.36 -1.40 -47.41
CA ASN H 292 33.76 -1.69 -47.09
C ASN H 292 34.04 -3.15 -46.72
N ILE H 293 35.12 -3.70 -47.26
CA ILE H 293 35.66 -4.98 -46.84
C ILE H 293 35.96 -5.03 -45.32
N ASP H 294 36.60 -3.99 -44.78
CA ASP H 294 36.92 -4.01 -43.36
C ASP H 294 35.67 -4.08 -42.45
N HIS H 295 34.62 -3.35 -42.81
CA HIS H 295 33.39 -3.37 -42.01
C HIS H 295 32.76 -4.77 -42.03
N ALA H 296 32.67 -5.35 -43.21
CA ALA H 296 32.00 -6.64 -43.37
C ALA H 296 32.78 -7.72 -42.61
N ALA H 297 34.11 -7.72 -42.76
CA ALA H 297 34.94 -8.78 -42.16
C ALA H 297 34.98 -8.67 -40.64
N ASP H 298 35.11 -7.44 -40.15
CA ASP H 298 35.18 -7.18 -38.71
C ASP H 298 33.85 -7.53 -38.03
N TRP H 299 32.72 -7.20 -38.67
CA TRP H 299 31.43 -7.58 -38.10
C TRP H 299 31.34 -9.10 -38.04
N PHE H 300 31.70 -9.72 -39.17
CA PHE H 300 31.50 -11.18 -39.29
C PHE H 300 32.41 -11.93 -38.33
N GLU H 301 33.62 -11.40 -38.10
CA GLU H 301 34.59 -12.05 -37.24
C GLU H 301 34.08 -12.27 -35.81
N ASN H 302 33.29 -11.31 -35.34
CA ASN H 302 32.83 -11.27 -33.95
C ASN H 302 31.33 -11.49 -33.73
N THR H 303 30.57 -11.76 -34.77
CA THR H 303 29.12 -11.96 -34.60
C THR H 303 28.84 -13.21 -33.72
N SER H 304 27.67 -13.19 -33.07
CA SER H 304 27.38 -14.08 -31.94
C SER H 304 26.81 -15.43 -32.39
N ILE H 305 27.67 -16.27 -32.99
CA ILE H 305 27.30 -17.60 -33.47
C ILE H 305 28.40 -18.57 -33.09
N SER H 306 28.17 -19.86 -33.33
CA SER H 306 29.17 -20.89 -32.98
C SER H 306 30.37 -20.76 -33.88
N GLU H 307 31.54 -21.19 -33.41
CA GLU H 307 32.71 -21.19 -34.31
C GLU H 307 32.50 -22.18 -35.48
N ALA H 308 31.77 -23.26 -35.23
CA ALA H 308 31.41 -24.19 -36.31
C ALA H 308 30.63 -23.49 -37.45
N ASP H 309 29.60 -22.71 -37.12
CA ASP H 309 28.89 -21.97 -38.14
C ASP H 309 29.69 -20.79 -38.72
N ARG H 310 30.53 -20.16 -37.91
CA ARG H 310 31.40 -19.11 -38.47
C ARG H 310 32.24 -19.72 -39.60
N LYS H 311 32.74 -20.95 -39.43
CA LYS H 311 33.53 -21.57 -40.51
C LYS H 311 32.66 -21.90 -41.75
N LYS H 312 31.47 -22.45 -41.50
CA LYS H 312 30.53 -22.78 -42.59
C LYS H 312 30.13 -21.51 -43.35
N ILE H 313 29.74 -20.46 -42.61
CA ILE H 313 29.30 -19.25 -43.29
C ILE H 313 30.48 -18.52 -43.96
N GLY H 314 31.63 -18.54 -43.29
CA GLY H 314 32.84 -17.89 -43.82
C GLY H 314 33.36 -18.47 -45.14
N TRP H 315 33.34 -19.80 -45.25
CA TRP H 315 33.92 -20.49 -46.42
C TRP H 315 33.39 -21.88 -46.69
N GLY H 316 33.02 -22.59 -45.61
CA GLY H 316 32.60 -23.99 -45.72
C GLY H 316 31.44 -24.17 -46.67
N ASN H 317 30.41 -23.34 -46.53
CA ASN H 317 29.20 -23.47 -47.35
C ASN H 317 29.48 -23.17 -48.83
N ALA H 318 30.22 -22.12 -49.10
CA ALA H 318 30.57 -21.70 -50.46
C ALA H 318 31.46 -22.74 -51.16
N GLN H 319 32.41 -23.30 -50.42
CA GLN H 319 33.29 -24.31 -50.94
C GLN H 319 32.48 -25.50 -51.45
N ASN H 320 31.50 -25.95 -50.67
CA ASN H 320 30.59 -27.04 -51.09
C ASN H 320 29.75 -26.63 -52.26
N LEU H 321 29.16 -25.43 -52.15
CA LEU H 321 28.24 -24.91 -53.15
C LEU H 321 28.91 -24.83 -54.53
N PHE H 322 30.11 -24.24 -54.58
CA PHE H 322 30.78 -23.96 -55.86
C PHE H 322 31.85 -24.99 -56.20
N LYS H 323 31.90 -26.07 -55.42
CA LYS H 323 32.76 -27.22 -55.70
C LYS H 323 34.23 -26.81 -55.83
N LEU H 324 34.71 -26.02 -54.87
CA LEU H 324 36.04 -25.39 -54.95
C LEU H 324 37.22 -26.24 -54.44
#